data_7DVI
# 
_entry.id   7DVI 
# 
_audit_conform.dict_name       mmcif_pdbx.dic 
_audit_conform.dict_version    5.380 
_audit_conform.dict_location   http://mmcif.pdb.org/dictionaries/ascii/mmcif_pdbx.dic 
# 
loop_
_database_2.database_id 
_database_2.database_code 
_database_2.pdbx_database_accession 
_database_2.pdbx_DOI 
PDB   7DVI         pdb_00007dvi 10.2210/pdb7dvi/pdb 
WWPDB D_1300020235 ?            ?                   
# 
_pdbx_database_status.status_code                     REL 
_pdbx_database_status.status_code_sf                  REL 
_pdbx_database_status.status_code_mr                  ? 
_pdbx_database_status.entry_id                        7DVI 
_pdbx_database_status.recvd_initial_deposition_date   2021-01-13 
_pdbx_database_status.SG_entry                        N 
_pdbx_database_status.deposit_site                    PDBJ 
_pdbx_database_status.process_site                    PDBJ 
_pdbx_database_status.status_code_cs                  ? 
_pdbx_database_status.status_code_nmr_data            ? 
_pdbx_database_status.methods_development_category    ? 
_pdbx_database_status.pdb_format_compatible           Y 
# 
loop_
_audit_author.name 
_audit_author.pdbx_ordinal 
_audit_author.identifier_ORCID 
'Kashyap, R.'    1 0000-0002-9141-1168 
'Addlagatta, A.' 2 0000-0002-5052-0747 
# 
_citation.abstract                  ? 
_citation.abstract_id_CAS           ? 
_citation.book_id_ISBN              ? 
_citation.book_publisher            ? 
_citation.book_publisher_city       ? 
_citation.book_title                ? 
_citation.coordinate_linkage        ? 
_citation.country                   UK 
_citation.database_id_Medline       ? 
_citation.details                   ? 
_citation.id                        primary 
_citation.journal_abbrev            'Commun Chem' 
_citation.journal_id_ASTM           ? 
_citation.journal_id_CSD            ? 
_citation.journal_id_ISSN           2399-3669 
_citation.journal_full              ? 
_citation.journal_issue             ? 
_citation.journal_volume            ? 
_citation.language                  ? 
_citation.page_first                ? 
_citation.page_last                 ? 
_citation.title                     
'Exo-selective intermolecular Diels-Alder reaction by PyrI4 and AbnU on non-natural substrates.' 
_citation.year                      2021 
_citation.database_id_CSD           ? 
_citation.pdbx_database_id_DOI      10.1038/s42004-021-00552-9 
_citation.pdbx_database_id_PubMed   ? 
_citation.unpublished_flag          ? 
# 
loop_
_citation_author.citation_id 
_citation_author.name 
_citation_author.ordinal 
_citation_author.identifier_ORCID 
primary 'Kashyap, R.'    1 ? 
primary 'Yerra, N.V.'    2 ? 
primary 'Oja, J.'        3 ? 
primary 'Bala, S.'       4 ? 
primary 'Potuganti, R.'  5 ? 
primary 'Thota, J.R.'    6 ? 
primary 'Alla, M.'       7 ? 
primary 'Pal, D.'        8 ? 
primary 'Addlagatta, A.' 9 ? 
# 
_cell.angle_alpha                  90.000 
_cell.angle_alpha_esd              ? 
_cell.angle_beta                   90.000 
_cell.angle_beta_esd               ? 
_cell.angle_gamma                  120.000 
_cell.angle_gamma_esd              ? 
_cell.entry_id                     7DVI 
_cell.details                      ? 
_cell.formula_units_Z              ? 
_cell.length_a                     104.437 
_cell.length_a_esd                 ? 
_cell.length_b                     104.437 
_cell.length_b_esd                 ? 
_cell.length_c                     67.661 
_cell.length_c_esd                 ? 
_cell.volume                       ? 
_cell.volume_esd                   ? 
_cell.Z_PDB                        12 
_cell.reciprocal_angle_alpha       ? 
_cell.reciprocal_angle_beta        ? 
_cell.reciprocal_angle_gamma       ? 
_cell.reciprocal_angle_alpha_esd   ? 
_cell.reciprocal_angle_beta_esd    ? 
_cell.reciprocal_angle_gamma_esd   ? 
_cell.reciprocal_length_a          ? 
_cell.reciprocal_length_b          ? 
_cell.reciprocal_length_c          ? 
_cell.reciprocal_length_a_esd      ? 
_cell.reciprocal_length_b_esd      ? 
_cell.reciprocal_length_c_esd      ? 
_cell.pdbx_unique_axis             ? 
# 
_symmetry.entry_id                         7DVI 
_symmetry.cell_setting                     ? 
_symmetry.Int_Tables_number                181 
_symmetry.space_group_name_Hall            ? 
_symmetry.space_group_name_H-M             'P 64 2 2' 
_symmetry.pdbx_full_space_group_name_H-M   ? 
# 
loop_
_entity.id 
_entity.type 
_entity.src_method 
_entity.pdbx_description 
_entity.formula_weight 
_entity.pdbx_number_of_molecules 
_entity.pdbx_ec 
_entity.pdbx_mutation 
_entity.pdbx_fragment 
_entity.details 
1 polymer     man 'AOC_like domain-containing protein' 17071.918 1  ? ? ? ? 
2 non-polymer syn 1,2-ETHANEDIOL                       62.068    21 ? ? ? ? 
3 non-polymer syn 'DIMETHYL SULFOXIDE'                 78.133    1  ? ? ? ? 
4 water       nat water                                18.015    69 ? ? ? ? 
# 
_entity_poly.entity_id                      1 
_entity_poly.type                           'polypeptide(L)' 
_entity_poly.nstd_linkage                   no 
_entity_poly.nstd_monomer                   no 
_entity_poly.pdbx_seq_one_letter_code       
;MGSSHHHHHHSSGLVPRGSHMSVVHEGIWEPQIRNEQNVNVADPQVGQIGSYYDELYDSSRELLGITIGRYEIRYKKVGG
AVLTYYSEDLFLRDGIIHAEGWADFNDVKNGVWVGYPAVGLDGVYRGLDGRREWRVIEPDQPVEARISLHG
;
_entity_poly.pdbx_seq_one_letter_code_can   
;MGSSHHHHHHSSGLVPRGSHMSVVHEGIWEPQIRNEQNVNVADPQVGQIGSYYDELYDSSRELLGITIGRYEIRYKKVGG
AVLTYYSEDLFLRDGIIHAEGWADFNDVKNGVWVGYPAVGLDGVYRGLDGRREWRVIEPDQPVEARISLHG
;
_entity_poly.pdbx_strand_id                 A 
_entity_poly.pdbx_target_identifier         ? 
# 
loop_
_entity_poly_seq.entity_id 
_entity_poly_seq.num 
_entity_poly_seq.mon_id 
_entity_poly_seq.hetero 
1 1   MET n 
1 2   GLY n 
1 3   SER n 
1 4   SER n 
1 5   HIS n 
1 6   HIS n 
1 7   HIS n 
1 8   HIS n 
1 9   HIS n 
1 10  HIS n 
1 11  SER n 
1 12  SER n 
1 13  GLY n 
1 14  LEU n 
1 15  VAL n 
1 16  PRO n 
1 17  ARG n 
1 18  GLY n 
1 19  SER n 
1 20  HIS n 
1 21  MET n 
1 22  SER n 
1 23  VAL n 
1 24  VAL n 
1 25  HIS n 
1 26  GLU n 
1 27  GLY n 
1 28  ILE n 
1 29  TRP n 
1 30  GLU n 
1 31  PRO n 
1 32  GLN n 
1 33  ILE n 
1 34  ARG n 
1 35  ASN n 
1 36  GLU n 
1 37  GLN n 
1 38  ASN n 
1 39  VAL n 
1 40  ASN n 
1 41  VAL n 
1 42  ALA n 
1 43  ASP n 
1 44  PRO n 
1 45  GLN n 
1 46  VAL n 
1 47  GLY n 
1 48  GLN n 
1 49  ILE n 
1 50  GLY n 
1 51  SER n 
1 52  TYR n 
1 53  TYR n 
1 54  ASP n 
1 55  GLU n 
1 56  LEU n 
1 57  TYR n 
1 58  ASP n 
1 59  SER n 
1 60  SER n 
1 61  ARG n 
1 62  GLU n 
1 63  LEU n 
1 64  LEU n 
1 65  GLY n 
1 66  ILE n 
1 67  THR n 
1 68  ILE n 
1 69  GLY n 
1 70  ARG n 
1 71  TYR n 
1 72  GLU n 
1 73  ILE n 
1 74  ARG n 
1 75  TYR n 
1 76  LYS n 
1 77  LYS n 
1 78  VAL n 
1 79  GLY n 
1 80  GLY n 
1 81  ALA n 
1 82  VAL n 
1 83  LEU n 
1 84  THR n 
1 85  TYR n 
1 86  TYR n 
1 87  SER n 
1 88  GLU n 
1 89  ASP n 
1 90  LEU n 
1 91  PHE n 
1 92  LEU n 
1 93  ARG n 
1 94  ASP n 
1 95  GLY n 
1 96  ILE n 
1 97  ILE n 
1 98  HIS n 
1 99  ALA n 
1 100 GLU n 
1 101 GLY n 
1 102 TRP n 
1 103 ALA n 
1 104 ASP n 
1 105 PHE n 
1 106 ASN n 
1 107 ASP n 
1 108 VAL n 
1 109 LYS n 
1 110 ASN n 
1 111 GLY n 
1 112 VAL n 
1 113 TRP n 
1 114 VAL n 
1 115 GLY n 
1 116 TYR n 
1 117 PRO n 
1 118 ALA n 
1 119 VAL n 
1 120 GLY n 
1 121 LEU n 
1 122 ASP n 
1 123 GLY n 
1 124 VAL n 
1 125 TYR n 
1 126 ARG n 
1 127 GLY n 
1 128 LEU n 
1 129 ASP n 
1 130 GLY n 
1 131 ARG n 
1 132 ARG n 
1 133 GLU n 
1 134 TRP n 
1 135 ARG n 
1 136 VAL n 
1 137 ILE n 
1 138 GLU n 
1 139 PRO n 
1 140 ASP n 
1 141 GLN n 
1 142 PRO n 
1 143 VAL n 
1 144 GLU n 
1 145 ALA n 
1 146 ARG n 
1 147 ILE n 
1 148 SER n 
1 149 LEU n 
1 150 HIS n 
1 151 GLY n 
# 
_entity_src_gen.entity_id                          1 
_entity_src_gen.pdbx_src_id                        1 
_entity_src_gen.pdbx_alt_source_flag               sample 
_entity_src_gen.pdbx_seq_type                      'Biological sequence' 
_entity_src_gen.pdbx_beg_seq_num                   1 
_entity_src_gen.pdbx_end_seq_num                   151 
_entity_src_gen.gene_src_common_name               ? 
_entity_src_gen.gene_src_genus                     ? 
_entity_src_gen.pdbx_gene_src_gene                 CC117_14200 
_entity_src_gen.gene_src_species                   ? 
_entity_src_gen.gene_src_strain                    ? 
_entity_src_gen.gene_src_tissue                    ? 
_entity_src_gen.gene_src_tissue_fraction           ? 
_entity_src_gen.gene_src_details                   ? 
_entity_src_gen.pdbx_gene_src_fragment             ? 
_entity_src_gen.pdbx_gene_src_scientific_name      'Frankia sp. Cc1.17' 
_entity_src_gen.pdbx_gene_src_ncbi_taxonomy_id     573497 
_entity_src_gen.pdbx_gene_src_variant              ? 
_entity_src_gen.pdbx_gene_src_cell_line            ? 
_entity_src_gen.pdbx_gene_src_atcc                 ? 
_entity_src_gen.pdbx_gene_src_organ                ? 
_entity_src_gen.pdbx_gene_src_organelle            ? 
_entity_src_gen.pdbx_gene_src_cell                 ? 
_entity_src_gen.pdbx_gene_src_cellular_location    ? 
_entity_src_gen.host_org_common_name               ? 
_entity_src_gen.pdbx_host_org_scientific_name      'Escherichia coli K-12' 
_entity_src_gen.pdbx_host_org_ncbi_taxonomy_id     83333 
_entity_src_gen.host_org_genus                     ? 
_entity_src_gen.pdbx_host_org_gene                 ? 
_entity_src_gen.pdbx_host_org_organ                ? 
_entity_src_gen.host_org_species                   ? 
_entity_src_gen.pdbx_host_org_tissue               ? 
_entity_src_gen.pdbx_host_org_tissue_fraction      ? 
_entity_src_gen.pdbx_host_org_strain               ? 
_entity_src_gen.pdbx_host_org_variant              ? 
_entity_src_gen.pdbx_host_org_cell_line            ? 
_entity_src_gen.pdbx_host_org_atcc                 ? 
_entity_src_gen.pdbx_host_org_culture_collection   ? 
_entity_src_gen.pdbx_host_org_cell                 ? 
_entity_src_gen.pdbx_host_org_organelle            ? 
_entity_src_gen.pdbx_host_org_cellular_location    ? 
_entity_src_gen.pdbx_host_org_vector_type          ? 
_entity_src_gen.pdbx_host_org_vector               ? 
_entity_src_gen.host_org_details                   ? 
_entity_src_gen.expression_system_id               ? 
_entity_src_gen.plasmid_name                       ? 
_entity_src_gen.plasmid_details                    ? 
_entity_src_gen.pdbx_description                   ? 
# 
_struct_ref.id                         1 
_struct_ref.db_name                    UNP 
_struct_ref.db_code                    A0A1S1R073_9ACTN 
_struct_ref.pdbx_db_accession          A0A1S1R073 
_struct_ref.pdbx_db_isoform            ? 
_struct_ref.entity_id                  1 
_struct_ref.pdbx_seq_one_letter_code   
;MSVVHEGIWEPQIRNEQNVNVADPQVGQIGSYYDELYDSSRELLGITIGRYEIRYKKVGGAVLTYYSEDLFLRDGIIHAE
GWADFNDVKNGVWVGYPAVGLDGVYRGLDGRREWRVIEPDQPVEARISLHG
;
_struct_ref.pdbx_align_begin           1 
# 
_struct_ref_seq.align_id                      1 
_struct_ref_seq.ref_id                        1 
_struct_ref_seq.pdbx_PDB_id_code              7DVI 
_struct_ref_seq.pdbx_strand_id                A 
_struct_ref_seq.seq_align_beg                 21 
_struct_ref_seq.pdbx_seq_align_beg_ins_code   ? 
_struct_ref_seq.seq_align_end                 151 
_struct_ref_seq.pdbx_seq_align_end_ins_code   ? 
_struct_ref_seq.pdbx_db_accession             A0A1S1R073 
_struct_ref_seq.db_align_beg                  1 
_struct_ref_seq.pdbx_db_align_beg_ins_code    ? 
_struct_ref_seq.db_align_end                  131 
_struct_ref_seq.pdbx_db_align_end_ins_code    ? 
_struct_ref_seq.pdbx_auth_seq_align_beg       1 
_struct_ref_seq.pdbx_auth_seq_align_end       131 
# 
loop_
_struct_ref_seq_dif.align_id 
_struct_ref_seq_dif.pdbx_pdb_id_code 
_struct_ref_seq_dif.mon_id 
_struct_ref_seq_dif.pdbx_pdb_strand_id 
_struct_ref_seq_dif.seq_num 
_struct_ref_seq_dif.pdbx_pdb_ins_code 
_struct_ref_seq_dif.pdbx_seq_db_name 
_struct_ref_seq_dif.pdbx_seq_db_accession_code 
_struct_ref_seq_dif.db_mon_id 
_struct_ref_seq_dif.pdbx_seq_db_seq_num 
_struct_ref_seq_dif.details 
_struct_ref_seq_dif.pdbx_auth_seq_num 
_struct_ref_seq_dif.pdbx_ordinal 
1 7DVI MET A 1  ? UNP A0A1S1R073 ? ? 'initiating methionine' -19 1  
1 7DVI GLY A 2  ? UNP A0A1S1R073 ? ? 'expression tag'        -18 2  
1 7DVI SER A 3  ? UNP A0A1S1R073 ? ? 'expression tag'        -17 3  
1 7DVI SER A 4  ? UNP A0A1S1R073 ? ? 'expression tag'        -16 4  
1 7DVI HIS A 5  ? UNP A0A1S1R073 ? ? 'expression tag'        -15 5  
1 7DVI HIS A 6  ? UNP A0A1S1R073 ? ? 'expression tag'        -14 6  
1 7DVI HIS A 7  ? UNP A0A1S1R073 ? ? 'expression tag'        -13 7  
1 7DVI HIS A 8  ? UNP A0A1S1R073 ? ? 'expression tag'        -12 8  
1 7DVI HIS A 9  ? UNP A0A1S1R073 ? ? 'expression tag'        -11 9  
1 7DVI HIS A 10 ? UNP A0A1S1R073 ? ? 'expression tag'        -10 10 
1 7DVI SER A 11 ? UNP A0A1S1R073 ? ? 'expression tag'        -9  11 
1 7DVI SER A 12 ? UNP A0A1S1R073 ? ? 'expression tag'        -8  12 
1 7DVI GLY A 13 ? UNP A0A1S1R073 ? ? 'expression tag'        -7  13 
1 7DVI LEU A 14 ? UNP A0A1S1R073 ? ? 'expression tag'        -6  14 
1 7DVI VAL A 15 ? UNP A0A1S1R073 ? ? 'expression tag'        -5  15 
1 7DVI PRO A 16 ? UNP A0A1S1R073 ? ? 'expression tag'        -4  16 
1 7DVI ARG A 17 ? UNP A0A1S1R073 ? ? 'expression tag'        -3  17 
1 7DVI GLY A 18 ? UNP A0A1S1R073 ? ? 'expression tag'        -2  18 
1 7DVI SER A 19 ? UNP A0A1S1R073 ? ? 'expression tag'        -1  19 
1 7DVI HIS A 20 ? UNP A0A1S1R073 ? ? 'expression tag'        0   20 
# 
loop_
_chem_comp.id 
_chem_comp.type 
_chem_comp.mon_nstd_flag 
_chem_comp.name 
_chem_comp.pdbx_synonyms 
_chem_comp.formula 
_chem_comp.formula_weight 
ALA 'L-peptide linking' y ALANINE              ?                 'C3 H7 N O2'     89.093  
ARG 'L-peptide linking' y ARGININE             ?                 'C6 H15 N4 O2 1' 175.209 
ASN 'L-peptide linking' y ASPARAGINE           ?                 'C4 H8 N2 O3'    132.118 
ASP 'L-peptide linking' y 'ASPARTIC ACID'      ?                 'C4 H7 N O4'     133.103 
DMS non-polymer         . 'DIMETHYL SULFOXIDE' ?                 'C2 H6 O S'      78.133  
EDO non-polymer         . 1,2-ETHANEDIOL       'ETHYLENE GLYCOL' 'C2 H6 O2'       62.068  
GLN 'L-peptide linking' y GLUTAMINE            ?                 'C5 H10 N2 O3'   146.144 
GLU 'L-peptide linking' y 'GLUTAMIC ACID'      ?                 'C5 H9 N O4'     147.129 
GLY 'peptide linking'   y GLYCINE              ?                 'C2 H5 N O2'     75.067  
HIS 'L-peptide linking' y HISTIDINE            ?                 'C6 H10 N3 O2 1' 156.162 
HOH non-polymer         . WATER                ?                 'H2 O'           18.015  
ILE 'L-peptide linking' y ISOLEUCINE           ?                 'C6 H13 N O2'    131.173 
LEU 'L-peptide linking' y LEUCINE              ?                 'C6 H13 N O2'    131.173 
LYS 'L-peptide linking' y LYSINE               ?                 'C6 H15 N2 O2 1' 147.195 
MET 'L-peptide linking' y METHIONINE           ?                 'C5 H11 N O2 S'  149.211 
PHE 'L-peptide linking' y PHENYLALANINE        ?                 'C9 H11 N O2'    165.189 
PRO 'L-peptide linking' y PROLINE              ?                 'C5 H9 N O2'     115.130 
SER 'L-peptide linking' y SERINE               ?                 'C3 H7 N O3'     105.093 
THR 'L-peptide linking' y THREONINE            ?                 'C4 H9 N O3'     119.119 
TRP 'L-peptide linking' y TRYPTOPHAN           ?                 'C11 H12 N2 O2'  204.225 
TYR 'L-peptide linking' y TYROSINE             ?                 'C9 H11 N O3'    181.189 
VAL 'L-peptide linking' y VALINE               ?                 'C5 H11 N O2'    117.146 
# 
_exptl.absorpt_coefficient_mu     ? 
_exptl.absorpt_correction_T_max   ? 
_exptl.absorpt_correction_T_min   ? 
_exptl.absorpt_correction_type    ? 
_exptl.absorpt_process_details    ? 
_exptl.entry_id                   7DVI 
_exptl.crystals_number            1 
_exptl.details                    ? 
_exptl.method                     'X-RAY DIFFRACTION' 
_exptl.method_details             ? 
# 
_exptl_crystal.colour                      ? 
_exptl_crystal.density_diffrn              ? 
_exptl_crystal.density_Matthews            3.12 
_exptl_crystal.density_method              ? 
_exptl_crystal.density_percent_sol         60.57 
_exptl_crystal.description                 ? 
_exptl_crystal.F_000                       ? 
_exptl_crystal.id                          1 
_exptl_crystal.preparation                 ? 
_exptl_crystal.size_max                    ? 
_exptl_crystal.size_mid                    ? 
_exptl_crystal.size_min                    ? 
_exptl_crystal.size_rad                    ? 
_exptl_crystal.colour_lustre               ? 
_exptl_crystal.colour_modifier             ? 
_exptl_crystal.colour_primary              ? 
_exptl_crystal.density_meas                ? 
_exptl_crystal.density_meas_esd            ? 
_exptl_crystal.density_meas_gt             ? 
_exptl_crystal.density_meas_lt             ? 
_exptl_crystal.density_meas_temp           ? 
_exptl_crystal.density_meas_temp_esd       ? 
_exptl_crystal.density_meas_temp_gt        ? 
_exptl_crystal.density_meas_temp_lt        ? 
_exptl_crystal.pdbx_crystal_image_url      ? 
_exptl_crystal.pdbx_crystal_image_format   ? 
_exptl_crystal.pdbx_mosaicity              ? 
_exptl_crystal.pdbx_mosaicity_esd          ? 
# 
_exptl_crystal_grow.apparatus       ? 
_exptl_crystal_grow.atmosphere      ? 
_exptl_crystal_grow.crystal_id      1 
_exptl_crystal_grow.details         ? 
_exptl_crystal_grow.method          'VAPOR DIFFUSION, HANGING DROP' 
_exptl_crystal_grow.method_ref      ? 
_exptl_crystal_grow.pH              7.0 
_exptl_crystal_grow.pressure        ? 
_exptl_crystal_grow.pressure_esd    ? 
_exptl_crystal_grow.seeding         ? 
_exptl_crystal_grow.seeding_ref     ? 
_exptl_crystal_grow.temp            298 
_exptl_crystal_grow.temp_details    ? 
_exptl_crystal_grow.temp_esd        ? 
_exptl_crystal_grow.time            ? 
_exptl_crystal_grow.pdbx_details    '1 M Imidazole, pH 7.0, 20% Ethanol' 
_exptl_crystal_grow.pdbx_pH_range   ? 
# 
_diffrn.ambient_environment              ? 
_diffrn.ambient_temp                     100 
_diffrn.ambient_temp_details             ? 
_diffrn.ambient_temp_esd                 ? 
_diffrn.crystal_id                       1 
_diffrn.crystal_support                  ? 
_diffrn.crystal_treatment                ? 
_diffrn.details                          ? 
_diffrn.id                               1 
_diffrn.ambient_pressure                 ? 
_diffrn.ambient_pressure_esd             ? 
_diffrn.ambient_pressure_gt              ? 
_diffrn.ambient_pressure_lt              ? 
_diffrn.ambient_temp_gt                  ? 
_diffrn.ambient_temp_lt                  ? 
_diffrn.pdbx_serial_crystal_experiment   N 
# 
_diffrn_detector.details                      ? 
_diffrn_detector.detector                     PIXEL 
_diffrn_detector.diffrn_id                    1 
_diffrn_detector.type                         'DECTRIS PILATUS 6M-F' 
_diffrn_detector.area_resol_mean              ? 
_diffrn_detector.dtime                        ? 
_diffrn_detector.pdbx_frames_total            ? 
_diffrn_detector.pdbx_collection_time_total   ? 
_diffrn_detector.pdbx_collection_date         2019-05-28 
_diffrn_detector.pdbx_frequency               ? 
# 
_diffrn_radiation.collimation                      ? 
_diffrn_radiation.diffrn_id                        1 
_diffrn_radiation.filter_edge                      ? 
_diffrn_radiation.inhomogeneity                    ? 
_diffrn_radiation.monochromator                    ? 
_diffrn_radiation.polarisn_norm                    ? 
_diffrn_radiation.polarisn_ratio                   ? 
_diffrn_radiation.probe                            ? 
_diffrn_radiation.type                             ? 
_diffrn_radiation.xray_symbol                      ? 
_diffrn_radiation.wavelength_id                    1 
_diffrn_radiation.pdbx_monochromatic_or_laue_m_l   M 
_diffrn_radiation.pdbx_wavelength_list             ? 
_diffrn_radiation.pdbx_wavelength                  ? 
_diffrn_radiation.pdbx_diffrn_protocol             'SINGLE WAVELENGTH' 
_diffrn_radiation.pdbx_analyzer                    ? 
_diffrn_radiation.pdbx_scattering_type             x-ray 
# 
_diffrn_radiation_wavelength.id           1 
_diffrn_radiation_wavelength.wavelength   0.974 
_diffrn_radiation_wavelength.wt           1.0 
# 
_diffrn_source.current                     ? 
_diffrn_source.details                     ? 
_diffrn_source.diffrn_id                   1 
_diffrn_source.power                       ? 
_diffrn_source.size                        ? 
_diffrn_source.source                      SYNCHROTRON 
_diffrn_source.target                      ? 
_diffrn_source.type                        'ELETTRA BEAMLINE 11.2C' 
_diffrn_source.voltage                     ? 
_diffrn_source.take-off_angle              ? 
_diffrn_source.pdbx_wavelength_list        0.974 
_diffrn_source.pdbx_wavelength             ? 
_diffrn_source.pdbx_synchrotron_beamline   11.2C 
_diffrn_source.pdbx_synchrotron_site       ELETTRA 
# 
_reflns.B_iso_Wilson_estimate            ? 
_reflns.entry_id                         7DVI 
_reflns.data_reduction_details           ? 
_reflns.data_reduction_method            ? 
_reflns.d_resolution_high                2.000 
_reflns.d_resolution_low                 45.26 
_reflns.details                          ? 
_reflns.limit_h_max                      ? 
_reflns.limit_h_min                      ? 
_reflns.limit_k_max                      ? 
_reflns.limit_k_min                      ? 
_reflns.limit_l_max                      ? 
_reflns.limit_l_min                      ? 
_reflns.number_all                       ? 
_reflns.number_obs                       15158 
_reflns.observed_criterion               ? 
_reflns.observed_criterion_F_max         ? 
_reflns.observed_criterion_F_min         ? 
_reflns.observed_criterion_I_max         ? 
_reflns.observed_criterion_I_min         ? 
_reflns.observed_criterion_sigma_F       ? 
_reflns.observed_criterion_sigma_I       ? 
_reflns.percent_possible_obs             99.900 
_reflns.R_free_details                   ? 
_reflns.Rmerge_F_all                     ? 
_reflns.Rmerge_F_obs                     ? 
_reflns.Friedel_coverage                 ? 
_reflns.number_gt                        ? 
_reflns.threshold_expression             ? 
_reflns.pdbx_redundancy                  36.400 
_reflns.pdbx_Rmerge_I_obs                0.064 
_reflns.pdbx_Rmerge_I_all                ? 
_reflns.pdbx_Rsym_value                  ? 
_reflns.pdbx_netI_over_av_sigmaI         ? 
_reflns.pdbx_netI_over_sigmaI            40.600 
_reflns.pdbx_res_netI_over_av_sigmaI_2   ? 
_reflns.pdbx_res_netI_over_sigmaI_2      ? 
_reflns.pdbx_chi_squared                 ? 
_reflns.pdbx_scaling_rejects             ? 
_reflns.pdbx_d_res_high_opt              ? 
_reflns.pdbx_d_res_low_opt               ? 
_reflns.pdbx_d_res_opt_method            ? 
_reflns.phase_calculation_details        ? 
_reflns.pdbx_Rrim_I_all                  0.065 
_reflns.pdbx_Rpim_I_all                  0.011 
_reflns.pdbx_d_opt                       ? 
_reflns.pdbx_number_measured_all         ? 
_reflns.pdbx_diffrn_id                   1 
_reflns.pdbx_ordinal                     1 
_reflns.pdbx_CC_half                     1.000 
_reflns.pdbx_CC_star                     ? 
_reflns.pdbx_R_split                     ? 
# 
loop_
_reflns_shell.d_res_high 
_reflns_shell.d_res_low 
_reflns_shell.meanI_over_sigI_all 
_reflns_shell.meanI_over_sigI_obs 
_reflns_shell.number_measured_all 
_reflns_shell.number_measured_obs 
_reflns_shell.number_possible 
_reflns_shell.number_unique_all 
_reflns_shell.number_unique_obs 
_reflns_shell.percent_possible_all 
_reflns_shell.percent_possible_obs 
_reflns_shell.Rmerge_F_all 
_reflns_shell.Rmerge_F_obs 
_reflns_shell.Rmerge_I_all 
_reflns_shell.Rmerge_I_obs 
_reflns_shell.meanI_over_sigI_gt 
_reflns_shell.meanI_over_uI_all 
_reflns_shell.meanI_over_uI_gt 
_reflns_shell.number_measured_gt 
_reflns_shell.number_unique_gt 
_reflns_shell.percent_possible_gt 
_reflns_shell.Rmerge_F_gt 
_reflns_shell.Rmerge_I_gt 
_reflns_shell.pdbx_redundancy 
_reflns_shell.pdbx_Rsym_value 
_reflns_shell.pdbx_chi_squared 
_reflns_shell.pdbx_netI_over_sigmaI_all 
_reflns_shell.pdbx_netI_over_sigmaI_obs 
_reflns_shell.pdbx_Rrim_I_all 
_reflns_shell.pdbx_Rpim_I_all 
_reflns_shell.pdbx_rejects 
_reflns_shell.pdbx_ordinal 
_reflns_shell.pdbx_diffrn_id 
_reflns_shell.pdbx_CC_half 
_reflns_shell.pdbx_CC_star 
_reflns_shell.pdbx_R_split 
2.000 2.050  ? ? 37430 ? ? ? 1092 98.800 ? ? ? ? 0.629 ? ? ? ? ? ? ? ? 34.300 ? ? ? 7.600  0.638 0.108 ? 1 1 0.976 ? ? 
8.960 45.220 ? ? 5776  ? ? ? 222  99.300 ? ? ? ? 0.035 ? ? ? ? ? ? ? ? 26.000 ? ? ? 90.400 0.035 0.007 ? 2 1 0.999 ? ? 
# 
_refine.aniso_B[1][1]                            0.0000 
_refine.aniso_B[1][2]                            0.0000 
_refine.aniso_B[1][3]                            0.0000 
_refine.aniso_B[2][2]                            0.0000 
_refine.aniso_B[2][3]                            -0.0000 
_refine.aniso_B[3][3]                            -0.0100 
_refine.B_iso_max                                91.810 
_refine.B_iso_mean                               36.2500 
_refine.B_iso_min                                22.220 
_refine.correlation_coeff_Fo_to_Fc               0.9610 
_refine.correlation_coeff_Fo_to_Fc_free          0.9420 
_refine.details                                  
'HYDROGENS HAVE BEEN ADDED IN THE RIDING POSITIONS U VALUES      : REFINED INDIVIDUALLY' 
_refine.diff_density_max                         ? 
_refine.diff_density_max_esd                     ? 
_refine.diff_density_min                         ? 
_refine.diff_density_min_esd                     ? 
_refine.diff_density_rms                         ? 
_refine.diff_density_rms_esd                     ? 
_refine.entry_id                                 7DVI 
_refine.pdbx_refine_id                           'X-RAY DIFFRACTION' 
_refine.ls_abs_structure_details                 ? 
_refine.ls_abs_structure_Flack                   ? 
_refine.ls_abs_structure_Flack_esd               ? 
_refine.ls_abs_structure_Rogers                  ? 
_refine.ls_abs_structure_Rogers_esd              ? 
_refine.ls_d_res_high                            2.0000 
_refine.ls_d_res_low                             45.220 
_refine.ls_extinction_coef                       ? 
_refine.ls_extinction_coef_esd                   ? 
_refine.ls_extinction_expression                 ? 
_refine.ls_extinction_method                     ? 
_refine.ls_goodness_of_fit_all                   ? 
_refine.ls_goodness_of_fit_all_esd               ? 
_refine.ls_goodness_of_fit_obs                   ? 
_refine.ls_goodness_of_fit_obs_esd               ? 
_refine.ls_hydrogen_treatment                    ? 
_refine.ls_matrix_type                           ? 
_refine.ls_number_constraints                    ? 
_refine.ls_number_parameters                     ? 
_refine.ls_number_reflns_all                     ? 
_refine.ls_number_reflns_obs                     14411 
_refine.ls_number_reflns_R_free                  724 
_refine.ls_number_reflns_R_work                  ? 
_refine.ls_number_restraints                     ? 
_refine.ls_percent_reflns_obs                    99.8900 
_refine.ls_percent_reflns_R_free                 4.8000 
_refine.ls_R_factor_all                          ? 
_refine.ls_R_factor_obs                          0.1932 
_refine.ls_R_factor_R_free                       0.2440 
_refine.ls_R_factor_R_free_error                 ? 
_refine.ls_R_factor_R_free_error_details         ? 
_refine.ls_R_factor_R_work                       0.1908 
_refine.ls_R_Fsqd_factor_obs                     ? 
_refine.ls_R_I_factor_obs                        ? 
_refine.ls_redundancy_reflns_all                 ? 
_refine.ls_redundancy_reflns_obs                 ? 
_refine.ls_restrained_S_all                      ? 
_refine.ls_restrained_S_obs                      ? 
_refine.ls_shift_over_esd_max                    ? 
_refine.ls_shift_over_esd_mean                   ? 
_refine.ls_structure_factor_coef                 ? 
_refine.ls_weighting_details                     ? 
_refine.ls_weighting_scheme                      ? 
_refine.ls_wR_factor_all                         ? 
_refine.ls_wR_factor_obs                         ? 
_refine.ls_wR_factor_R_free                      ? 
_refine.ls_wR_factor_R_work                      ? 
_refine.occupancy_max                            ? 
_refine.occupancy_min                            ? 
_refine.solvent_model_details                    MASK 
_refine.solvent_model_param_bsol                 ? 
_refine.solvent_model_param_ksol                 ? 
_refine.pdbx_R_complete                          ? 
_refine.ls_R_factor_gt                           ? 
_refine.ls_goodness_of_fit_gt                    ? 
_refine.ls_goodness_of_fit_ref                   ? 
_refine.ls_shift_over_su_max                     ? 
_refine.ls_shift_over_su_max_lt                  ? 
_refine.ls_shift_over_su_mean                    ? 
_refine.ls_shift_over_su_mean_lt                 ? 
_refine.pdbx_ls_sigma_I                          ? 
_refine.pdbx_ls_sigma_F                          0.000 
_refine.pdbx_ls_sigma_Fsqd                       ? 
_refine.pdbx_data_cutoff_high_absF               ? 
_refine.pdbx_data_cutoff_high_rms_absF           ? 
_refine.pdbx_data_cutoff_low_absF                ? 
_refine.pdbx_isotropic_thermal_model             ? 
_refine.pdbx_ls_cross_valid_method               THROUGHOUT 
_refine.pdbx_method_to_determine_struct          'MOLECULAR REPLACEMENT' 
_refine.pdbx_starting_model                      5DYV 
_refine.pdbx_stereochemistry_target_values       'MAXIMUM LIKELIHOOD' 
_refine.pdbx_R_Free_selection_details            RANDOM 
_refine.pdbx_stereochem_target_val_spec_case     ? 
_refine.pdbx_overall_ESU_R                       0.1430 
_refine.pdbx_overall_ESU_R_Free                  0.1470 
_refine.pdbx_solvent_vdw_probe_radii             1.2000 
_refine.pdbx_solvent_ion_probe_radii             0.8000 
_refine.pdbx_solvent_shrinkage_radii             0.8000 
_refine.pdbx_real_space_R                        ? 
_refine.pdbx_density_correlation                 ? 
_refine.pdbx_pd_number_of_powder_patterns        ? 
_refine.pdbx_pd_number_of_points                 ? 
_refine.pdbx_pd_meas_number_of_points            ? 
_refine.pdbx_pd_proc_ls_prof_R_factor            ? 
_refine.pdbx_pd_proc_ls_prof_wR_factor           ? 
_refine.pdbx_pd_Marquardt_correlation_coeff      ? 
_refine.pdbx_pd_Fsqrd_R_factor                   ? 
_refine.pdbx_pd_ls_matrix_band_width             ? 
_refine.pdbx_overall_phase_error                 ? 
_refine.pdbx_overall_SU_R_free_Cruickshank_DPI   ? 
_refine.pdbx_overall_SU_R_free_Blow_DPI          ? 
_refine.pdbx_overall_SU_R_Blow_DPI               ? 
_refine.pdbx_TLS_residual_ADP_flag               ? 
_refine.pdbx_diffrn_id                           1 
_refine.overall_SU_B                             3.5910 
_refine.overall_SU_ML                            0.0970 
_refine.overall_SU_R_Cruickshank_DPI             ? 
_refine.overall_SU_R_free                        ? 
_refine.overall_FOM_free_R_set                   ? 
_refine.overall_FOM_work_R_set                   ? 
_refine.pdbx_average_fsc_overall                 ? 
_refine.pdbx_average_fsc_work                    ? 
_refine.pdbx_average_fsc_free                    ? 
# 
_refine_hist.pdbx_refine_id                   'X-RAY DIFFRACTION' 
_refine_hist.cycle_id                         final 
_refine_hist.details                          ? 
_refine_hist.d_res_high                       2.0000 
_refine_hist.d_res_low                        45.220 
_refine_hist.number_atoms_solvent             69 
_refine_hist.number_atoms_total               1236 
_refine_hist.number_reflns_all                ? 
_refine_hist.number_reflns_obs                ? 
_refine_hist.number_reflns_R_free             ? 
_refine_hist.number_reflns_R_work             ? 
_refine_hist.R_factor_all                     ? 
_refine_hist.R_factor_obs                     ? 
_refine_hist.R_factor_R_free                  ? 
_refine_hist.R_factor_R_work                  ? 
_refine_hist.pdbx_number_residues_total       134 
_refine_hist.pdbx_B_iso_mean_ligand           56.88 
_refine_hist.pdbx_B_iso_mean_solvent          46.13 
_refine_hist.pdbx_number_atoms_protein        1075 
_refine_hist.pdbx_number_atoms_nucleic_acid   0 
_refine_hist.pdbx_number_atoms_ligand         92 
_refine_hist.pdbx_number_atoms_lipid          ? 
_refine_hist.pdbx_number_atoms_carb           ? 
_refine_hist.pdbx_pseudo_atom_details         ? 
# 
loop_
_refine_ls_restr.pdbx_refine_id 
_refine_ls_restr.criterion 
_refine_ls_restr.dev_ideal 
_refine_ls_restr.dev_ideal_target 
_refine_ls_restr.number 
_refine_ls_restr.rejects 
_refine_ls_restr.type 
_refine_ls_restr.weight 
_refine_ls_restr.pdbx_restraint_function 
'X-RAY DIFFRACTION' ? 0.012  0.013  1203 ? r_bond_refined_d       ? ? 
'X-RAY DIFFRACTION' ? 0.001  0.017  1134 ? r_bond_other_d         ? ? 
'X-RAY DIFFRACTION' ? 1.764  1.677  1590 ? r_angle_refined_deg    ? ? 
'X-RAY DIFFRACTION' ? 1.326  1.576  2604 ? r_angle_other_deg      ? ? 
'X-RAY DIFFRACTION' ? 7.981  5.000  141  ? r_dihedral_angle_1_deg ? ? 
'X-RAY DIFFRACTION' ? 28.633 21.067 75   ? r_dihedral_angle_2_deg ? ? 
'X-RAY DIFFRACTION' ? 15.045 15.000 181  ? r_dihedral_angle_3_deg ? ? 
'X-RAY DIFFRACTION' ? 17.138 15.000 12   ? r_dihedral_angle_4_deg ? ? 
'X-RAY DIFFRACTION' ? 0.090  0.200  133  ? r_chiral_restr         ? ? 
'X-RAY DIFFRACTION' ? 0.011  0.020  1322 ? r_gen_planes_refined   ? ? 
'X-RAY DIFFRACTION' ? 0.001  0.020  270  ? r_gen_planes_other     ? ? 
# 
_refine_ls_shell.pdbx_refine_id                   'X-RAY DIFFRACTION' 
_refine_ls_shell.d_res_high                       2.0030 
_refine_ls_shell.d_res_low                        2.0550 
_refine_ls_shell.number_reflns_all                1091 
_refine_ls_shell.number_reflns_obs                ? 
_refine_ls_shell.number_reflns_R_free             63 
_refine_ls_shell.number_reflns_R_work             1028 
_refine_ls_shell.percent_reflns_obs               98.9100 
_refine_ls_shell.percent_reflns_R_free            ? 
_refine_ls_shell.R_factor_all                     ? 
_refine_ls_shell.R_factor_obs                     ? 
_refine_ls_shell.R_factor_R_free                  0.3330 
_refine_ls_shell.R_factor_R_free_error            0.0000 
_refine_ls_shell.R_factor_R_work                  0.2550 
_refine_ls_shell.redundancy_reflns_all            ? 
_refine_ls_shell.redundancy_reflns_obs            ? 
_refine_ls_shell.wR_factor_all                    ? 
_refine_ls_shell.wR_factor_obs                    ? 
_refine_ls_shell.wR_factor_R_free                 ? 
_refine_ls_shell.wR_factor_R_work                 ? 
_refine_ls_shell.pdbx_R_complete                  ? 
_refine_ls_shell.pdbx_total_number_of_bins_used   20 
_refine_ls_shell.pdbx_phase_error                 ? 
_refine_ls_shell.pdbx_fsc_work                    ? 
_refine_ls_shell.pdbx_fsc_free                    ? 
# 
_struct.entry_id                     7DVI 
_struct.title                        'Crystal Structure of AbnU: An exo-specific intermolecular Diels-Alderase' 
_struct.pdbx_model_details           ? 
_struct.pdbx_formula_weight          ? 
_struct.pdbx_formula_weight_method   ? 
_struct.pdbx_model_type_details      ? 
_struct.pdbx_CASP_flag               N 
# 
_struct_keywords.entry_id        7DVI 
_struct_keywords.text            'Diels ALderase, ISOMERASE' 
_struct_keywords.pdbx_keywords   ISOMERASE 
# 
loop_
_struct_asym.id 
_struct_asym.pdbx_blank_PDB_chainid_flag 
_struct_asym.pdbx_modified 
_struct_asym.entity_id 
_struct_asym.details 
A N N 1 ? 
B N N 2 ? 
C N N 2 ? 
D N N 2 ? 
E N N 2 ? 
F N N 2 ? 
G N N 2 ? 
H N N 2 ? 
I N N 2 ? 
J N N 2 ? 
K N N 2 ? 
L N N 2 ? 
M N N 2 ? 
N N N 2 ? 
O N N 2 ? 
P N N 2 ? 
Q N N 2 ? 
R N N 2 ? 
S N N 2 ? 
T N N 2 ? 
U N N 2 ? 
V N N 2 ? 
W N N 3 ? 
X N N 4 ? 
# 
_struct_conf.conf_type_id            HELX_P 
_struct_conf.id                      HELX_P1 
_struct_conf.pdbx_PDB_helix_id       AA1 
_struct_conf.beg_label_comp_id       PHE 
_struct_conf.beg_label_asym_id       A 
_struct_conf.beg_label_seq_id        105 
_struct_conf.pdbx_beg_PDB_ins_code   ? 
_struct_conf.end_label_comp_id       ASN 
_struct_conf.end_label_asym_id       A 
_struct_conf.end_label_seq_id        110 
_struct_conf.pdbx_end_PDB_ins_code   ? 
_struct_conf.beg_auth_comp_id        PHE 
_struct_conf.beg_auth_asym_id        A 
_struct_conf.beg_auth_seq_id         85 
_struct_conf.end_auth_comp_id        ASN 
_struct_conf.end_auth_asym_id        A 
_struct_conf.end_auth_seq_id         90 
_struct_conf.pdbx_PDB_helix_class    1 
_struct_conf.details                 ? 
_struct_conf.pdbx_PDB_helix_length   6 
# 
_struct_conf_type.id          HELX_P 
_struct_conf_type.criteria    ? 
_struct_conf_type.reference   ? 
# 
_struct_sheet.id               AA1 
_struct_sheet.type             ? 
_struct_sheet.number_strands   10 
_struct_sheet.details          ? 
# 
loop_
_struct_sheet_order.sheet_id 
_struct_sheet_order.range_id_1 
_struct_sheet_order.range_id_2 
_struct_sheet_order.offset 
_struct_sheet_order.sense 
AA1 1 2  ? anti-parallel 
AA1 2 3  ? anti-parallel 
AA1 3 4  ? anti-parallel 
AA1 4 5  ? anti-parallel 
AA1 5 6  ? anti-parallel 
AA1 6 7  ? anti-parallel 
AA1 7 8  ? anti-parallel 
AA1 8 9  ? anti-parallel 
AA1 9 10 ? anti-parallel 
# 
loop_
_struct_sheet_range.sheet_id 
_struct_sheet_range.id 
_struct_sheet_range.beg_label_comp_id 
_struct_sheet_range.beg_label_asym_id 
_struct_sheet_range.beg_label_seq_id 
_struct_sheet_range.pdbx_beg_PDB_ins_code 
_struct_sheet_range.end_label_comp_id 
_struct_sheet_range.end_label_asym_id 
_struct_sheet_range.end_label_seq_id 
_struct_sheet_range.pdbx_end_PDB_ins_code 
_struct_sheet_range.beg_auth_comp_id 
_struct_sheet_range.beg_auth_asym_id 
_struct_sheet_range.beg_auth_seq_id 
_struct_sheet_range.end_auth_comp_id 
_struct_sheet_range.end_auth_asym_id 
_struct_sheet_range.end_auth_seq_id 
AA1 1  GLN A 32  ? GLN A 37  ? GLN A 12  GLN A 17  
AA1 2  ILE A 49  ? TYR A 57  ? ILE A 29  TYR A 37  
AA1 3  LEU A 63  ? LYS A 76  ? LEU A 43  LYS A 56  
AA1 4  VAL A 82  ? LEU A 92  ? VAL A 62  LEU A 72  
AA1 5  GLY A 95  ? ASP A 104 ? GLY A 75  ASP A 84  
AA1 6  VAL A 114 ? GLY A 123 ? VAL A 94  GLY A 103 
AA1 7  ASP A 129 ? ARG A 135 ? ASP A 109 ARG A 115 
AA1 8  VAL A 143 ? HIS A 150 ? VAL A 123 HIS A 130 
AA1 9  SER A 22  ? GLU A 30  ? SER A 2   GLU A 10  
AA1 10 ILE A 49  ? TYR A 57  ? ILE A 29  TYR A 37  
# 
loop_
_pdbx_struct_sheet_hbond.sheet_id 
_pdbx_struct_sheet_hbond.range_id_1 
_pdbx_struct_sheet_hbond.range_id_2 
_pdbx_struct_sheet_hbond.range_1_label_atom_id 
_pdbx_struct_sheet_hbond.range_1_label_comp_id 
_pdbx_struct_sheet_hbond.range_1_label_asym_id 
_pdbx_struct_sheet_hbond.range_1_label_seq_id 
_pdbx_struct_sheet_hbond.range_1_PDB_ins_code 
_pdbx_struct_sheet_hbond.range_1_auth_atom_id 
_pdbx_struct_sheet_hbond.range_1_auth_comp_id 
_pdbx_struct_sheet_hbond.range_1_auth_asym_id 
_pdbx_struct_sheet_hbond.range_1_auth_seq_id 
_pdbx_struct_sheet_hbond.range_2_label_atom_id 
_pdbx_struct_sheet_hbond.range_2_label_comp_id 
_pdbx_struct_sheet_hbond.range_2_label_asym_id 
_pdbx_struct_sheet_hbond.range_2_label_seq_id 
_pdbx_struct_sheet_hbond.range_2_PDB_ins_code 
_pdbx_struct_sheet_hbond.range_2_auth_atom_id 
_pdbx_struct_sheet_hbond.range_2_auth_comp_id 
_pdbx_struct_sheet_hbond.range_2_auth_asym_id 
_pdbx_struct_sheet_hbond.range_2_auth_seq_id 
AA1 1 2  N ILE A 33  ? N ILE A 13  O TYR A 53  ? O TYR A 33  
AA1 2 3  N LEU A 56  ? N LEU A 36  O LEU A 64  ? O LEU A 44  
AA1 3 4  N ARG A 74  ? N ARG A 54  O LEU A 83  ? O LEU A 63  
AA1 4 5  N GLU A 88  ? N GLU A 68  O ALA A 99  ? O ALA A 79  
AA1 5 6  N ILE A 96  ? N ILE A 76  O LEU A 121 ? O LEU A 101 
AA1 6 7  N VAL A 114 ? N VAL A 94  O TRP A 134 ? O TRP A 114 
AA1 7 8  N ASP A 129 ? N ASP A 109 O HIS A 150 ? O HIS A 130 
AA1 8 9  O ILE A 147 ? O ILE A 127 N HIS A 25  ? N HIS A 5   
AA1 9 10 N TRP A 29  ? N TRP A 9   O TYR A 57  ? O TYR A 37  
# 
loop_
_struct_site.id 
_struct_site.pdbx_evidence_code 
_struct_site.pdbx_auth_asym_id 
_struct_site.pdbx_auth_comp_id 
_struct_site.pdbx_auth_seq_id 
_struct_site.pdbx_auth_ins_code 
_struct_site.pdbx_num_residues 
_struct_site.details 
AC1 Software A EDO 201 ? 5  'binding site for residue EDO A 201' 
AC2 Software A EDO 202 ? 5  'binding site for residue EDO A 202' 
AC3 Software A EDO 203 ? 6  'binding site for residue EDO A 203' 
AC4 Software A EDO 204 ? 7  'binding site for residue EDO A 204' 
AC5 Software A EDO 205 ? 4  'binding site for residue EDO A 205' 
AC6 Software A EDO 206 ? 6  'binding site for residue EDO A 206' 
AC7 Software A EDO 207 ? 4  'binding site for residue EDO A 207' 
AC8 Software A EDO 208 ? 7  'binding site for residue EDO A 208' 
AC9 Software A EDO 209 ? 3  'binding site for residue EDO A 209' 
AD1 Software A EDO 210 ? 3  'binding site for residue EDO A 210' 
AD2 Software A EDO 211 ? 3  'binding site for residue EDO A 211' 
AD3 Software A EDO 212 ? 3  'binding site for residue EDO A 212' 
AD4 Software A EDO 213 ? 10 'binding site for residue EDO A 213' 
AD5 Software A EDO 214 ? 6  'binding site for residue EDO A 214' 
AD6 Software A EDO 215 ? 4  'binding site for residue EDO A 215' 
AD7 Software A EDO 216 ? 3  'binding site for residue EDO A 216' 
AD8 Software A EDO 217 ? 4  'binding site for residue EDO A 217' 
AD9 Software A EDO 218 ? 4  'binding site for residue EDO A 218' 
AE1 Software A EDO 219 ? 5  'binding site for residue EDO A 219' 
AE2 Software A EDO 220 ? 6  'binding site for residue EDO A 220' 
AE3 Software A EDO 221 ? 5  'binding site for residue EDO A 221' 
AE4 Software A DMS 222 ? 6  'binding site for residue DMS A 222' 
# 
loop_
_struct_site_gen.id 
_struct_site_gen.site_id 
_struct_site_gen.pdbx_num_res 
_struct_site_gen.label_comp_id 
_struct_site_gen.label_asym_id 
_struct_site_gen.label_seq_id 
_struct_site_gen.pdbx_auth_ins_code 
_struct_site_gen.auth_comp_id 
_struct_site_gen.auth_asym_id 
_struct_site_gen.auth_seq_id 
_struct_site_gen.label_atom_id 
_struct_site_gen.label_alt_id 
_struct_site_gen.symmetry 
_struct_site_gen.details 
1   AC1 5  ARG A 74  ? ARG A 54  . ? 12_565 ? 
2   AC1 5  EDO C .   ? EDO A 202 . ? 1_555  ? 
3   AC1 5  EDO U .   ? EDO A 220 . ? 12_565 ? 
4   AC1 5  HOH X .   ? HOH A 304 . ? 1_555  ? 
5   AC1 5  HOH X .   ? HOH A 311 . ? 1_555  ? 
6   AC2 5  LYS A 76  ? LYS A 56  . ? 12_565 ? 
7   AC2 5  GLY A 120 ? GLY A 100 . ? 4_565  ? 
8   AC2 5  GLY A 127 ? GLY A 107 . ? 4_565  ? 
9   AC2 5  EDO B .   ? EDO A 201 . ? 1_555  ? 
10  AC2 5  HOH X .   ? HOH A 306 . ? 1_555  ? 
11  AC3 6  TYR A 75  ? TYR A 55  . ? 1_555  ? 
12  AC3 6  TRP A 102 ? TRP A 82  . ? 1_555  ? 
13  AC3 6  PRO A 117 ? PRO A 97  . ? 9_555  ? 
14  AC3 6  VAL A 119 ? VAL A 99  . ? 9_555  ? 
15  AC3 6  ASP A 129 ? ASP A 109 . ? 9_555  ? 
16  AC3 6  EDO E .   ? EDO A 204 . ? 1_555  ? 
17  AC4 7  GLU A 100 ? GLU A 80  . ? 9_555  ? 
18  AC4 7  TRP A 102 ? TRP A 82  . ? 1_555  ? 
19  AC4 7  PRO A 117 ? PRO A 97  . ? 9_555  ? 
20  AC4 7  VAL A 119 ? VAL A 99  . ? 9_555  ? 
21  AC4 7  EDO D .   ? EDO A 203 . ? 1_555  ? 
22  AC4 7  HOH X .   ? HOH A 311 . ? 12_565 ? 
23  AC4 7  HOH X .   ? HOH A 326 . ? 9_555  ? 
24  AC5 4  ARG A 74  ? ARG A 54  . ? 1_555  ? 
25  AC5 4  TYR A 85  ? TYR A 65  . ? 1_555  ? 
26  AC5 4  GLU A 100 ? GLU A 80  . ? 9_555  ? 
27  AC5 4  HOH X .   ? HOH A 311 . ? 12_565 ? 
28  AC6 6  ARG A 70  ? ARG A 50  . ? 1_555  ? 
29  AC6 6  GLU A 72  ? GLU A 52  . ? 1_555  ? 
30  AC6 6  EDO U .   ? EDO A 220 . ? 1_555  ? 
31  AC6 6  EDO U .   ? EDO A 220 . ? 12_565 ? 
32  AC6 6  HOH X .   ? HOH A 331 . ? 1_555  ? 
33  AC6 6  HOH X .   ? HOH A 337 . ? 1_555  ? 
34  AC7 4  SER A 19  ? SER A -1  . ? 11_456 ? 
35  AC7 4  ARG A 93  ? ARG A 73  . ? 1_555  ? 
36  AC7 4  ASP A 94  ? ASP A 74  . ? 1_555  ? 
37  AC7 4  EDO V .   ? EDO A 221 . ? 11_456 ? 
38  AC8 7  GLU A 36  ? GLU A 16  . ? 4_565  ? 
39  AC8 7  GLN A 37  ? GLN A 17  . ? 4_565  ? 
40  AC8 7  LEU A 92  ? LEU A 72  . ? 1_555  ? 
41  AC8 7  ILE A 96  ? ILE A 76  . ? 1_555  ? 
42  AC8 7  EDO J .   ? EDO A 209 . ? 1_555  ? 
43  AC8 7  EDO N .   ? EDO A 213 . ? 1_555  ? 
44  AC8 7  HOH X .   ? HOH A 355 . ? 1_555  ? 
45  AC9 3  GLY A 95  ? GLY A 75  . ? 1_555  ? 
46  AC9 3  ASP A 122 ? ASP A 102 . ? 1_555  ? 
47  AC9 3  EDO I .   ? EDO A 208 . ? 1_555  ? 
48  AD1 3  TRP A 102 ? TRP A 82  . ? 1_555  ? 
49  AD1 3  ASP A 104 ? ASP A 84  . ? 1_555  ? 
50  AD1 3  HOH X .   ? HOH A 329 . ? 1_555  ? 
51  AD2 3  ASN A 106 ? ASN A 86  . ? 1_555  ? 
52  AD2 3  LYS A 109 ? LYS A 89  . ? 1_555  ? 
53  AD2 3  ASN A 110 ? ASN A 90  . ? 1_555  ? 
54  AD3 3  GLN A 32  ? GLN A 12  . ? 1_555  ? 
55  AD3 3  ARG A 34  ? ARG A 14  . ? 1_555  ? 
56  AD3 3  ASN A 35  ? ASN A 15  . ? 1_555  ? 
57  AD4 10 ARG A 34  ? ARG A 14  . ? 4_565  ? 
58  AD4 10 GLU A 36  ? GLU A 16  . ? 4_565  ? 
59  AD4 10 LEU A 63  ? LEU A 43  . ? 1_555  ? 
60  AD4 10 GLY A 65  ? GLY A 45  . ? 1_555  ? 
61  AD4 10 ILE A 66  ? ILE A 46  . ? 1_555  ? 
62  AD4 10 PHE A 91  ? PHE A 71  . ? 1_555  ? 
63  AD4 10 LEU A 92  ? LEU A 72  . ? 1_555  ? 
64  AD4 10 EDO I .   ? EDO A 208 . ? 1_555  ? 
65  AD4 10 HOH X .   ? HOH A 328 . ? 1_555  ? 
66  AD4 10 HOH X .   ? HOH A 355 . ? 1_555  ? 
67  AD5 6  ILE A 28  ? ILE A 8   . ? 1_555  ? 
68  AD5 6  TRP A 29  ? TRP A 9   . ? 1_555  ? 
69  AD5 6  ARG A 61  ? ARG A 41  . ? 1_555  ? 
70  AD5 6  PRO A 142 ? PRO A 122 . ? 1_555  ? 
71  AD5 6  VAL A 143 ? VAL A 123 . ? 1_555  ? 
72  AD5 6  HOH X .   ? HOH A 367 . ? 1_555  ? 
73  AD6 4  ARG A 131 ? ARG A 111 . ? 1_555  ? 
74  AD6 4  SER A 148 ? SER A 128 . ? 1_555  ? 
75  AD6 4  HIS A 150 ? HIS A 130 . ? 1_555  ? 
76  AD6 4  HOH X .   ? HOH A 341 . ? 1_555  ? 
77  AD7 3  TRP A 113 ? TRP A 93  . ? 1_555  ? 
78  AD7 3  GLU A 133 ? GLU A 113 . ? 1_555  ? 
79  AD7 3  ARG A 146 ? ARG A 126 . ? 1_555  ? 
80  AD8 4  GLN A 32  ? GLN A 12  . ? 1_555  ? 
81  AD8 4  TYR A 86  ? TYR A 66  . ? 1_555  ? 
82  AD8 4  TRP A 134 ? TRP A 114 . ? 1_555  ? 
83  AD8 4  DMS W .   ? DMS A 222 . ? 1_555  ? 
84  AD9 4  GLY A 123 ? GLY A 103 . ? 11_456 ? 
85  AD9 4  ARG A 126 ? ARG A 106 . ? 11_456 ? 
86  AD9 4  HOH X .   ? HOH A 309 . ? 11_456 ? 
87  AD9 4  HOH X .   ? HOH A 309 . ? 1_555  ? 
88  AE1 5  SER A 19  ? SER A -1  . ? 11_456 ? 
89  AE1 5  GLY A 18  ? GLY A -2  . ? 11_456 ? 
90  AE1 5  ASP A 58  ? ASP A 38  . ? 1_555  ? 
91  AE1 5  SER A 59  ? SER A 39  . ? 1_555  ? 
92  AE1 5  SER A 60  ? SER A 40  . ? 1_555  ? 
93  AE2 6  ARG A 74  ? ARG A 54  . ? 1_555  ? 
94  AE2 6  EDO B .   ? EDO A 201 . ? 12_565 ? 
95  AE2 6  EDO G .   ? EDO A 206 . ? 1_555  ? 
96  AE2 6  EDO G .   ? EDO A 206 . ? 12_565 ? 
97  AE2 6  HOH X .   ? HOH A 301 . ? 12_565 ? 
98  AE2 6  HOH X .   ? HOH A 301 . ? 1_555  ? 
99  AE3 5  SER A 19  ? SER A -1  . ? 1_555  ? 
100 AE3 5  HIS A 20  ? HIS A 0   . ? 1_555  ? 
101 AE3 5  MET A 21  ? MET A 1   . ? 1_555  ? 
102 AE3 5  GLY A 151 ? GLY A 131 . ? 1_555  ? 
103 AE3 5  EDO H .   ? EDO A 207 . ? 11_456 ? 
104 AE4 6  GLU A 30  ? GLU A 10  . ? 1_555  ? 
105 AE4 6  TYR A 52  ? TYR A 32  . ? 1_555  ? 
106 AE4 6  ASP A 54  ? ASP A 34  . ? 1_555  ? 
107 AE4 6  ARG A 132 ? ARG A 112 . ? 1_555  ? 
108 AE4 6  TRP A 134 ? TRP A 114 . ? 1_555  ? 
109 AE4 6  EDO R .   ? EDO A 217 . ? 1_555  ? 
# 
_atom_sites.entry_id                    7DVI 
_atom_sites.Cartn_transf_matrix[1][1]   ? 
_atom_sites.Cartn_transf_matrix[1][2]   ? 
_atom_sites.Cartn_transf_matrix[1][3]   ? 
_atom_sites.Cartn_transf_matrix[2][1]   ? 
_atom_sites.Cartn_transf_matrix[2][2]   ? 
_atom_sites.Cartn_transf_matrix[2][3]   ? 
_atom_sites.Cartn_transf_matrix[3][1]   ? 
_atom_sites.Cartn_transf_matrix[3][2]   ? 
_atom_sites.Cartn_transf_matrix[3][3]   ? 
_atom_sites.Cartn_transf_vector[1]      ? 
_atom_sites.Cartn_transf_vector[2]      ? 
_atom_sites.Cartn_transf_vector[3]      ? 
_atom_sites.fract_transf_matrix[1][1]   0.01089851 
_atom_sites.fract_transf_matrix[1][2]   0.00183295 
_atom_sites.fract_transf_matrix[1][3]   -0.00031969 
_atom_sites.fract_transf_matrix[2][1]   0.00694641 
_atom_sites.fract_transf_matrix[2][2]   -0.00711601 
_atom_sites.fract_transf_matrix[2][3]   0.00483166 
_atom_sites.fract_transf_matrix[3][1]   0.00091885 
_atom_sites.fract_transf_matrix[3][2]   -0.00766197 
_atom_sites.fract_transf_matrix[3][3]   -0.01260549 
_atom_sites.fract_transf_vector[1]      0.007007 
_atom_sites.fract_transf_vector[2]      0.620326 
_atom_sites.fract_transf_vector[3]      0.534003 
_atom_sites.solution_primary            ? 
_atom_sites.solution_secondary          ? 
_atom_sites.solution_hydrogens          ? 
_atom_sites.special_details             ? 
# 
loop_
_atom_type.symbol 
C 
N 
O 
S 
# 
loop_
_atom_site.group_PDB 
_atom_site.id 
_atom_site.type_symbol 
_atom_site.label_atom_id 
_atom_site.label_alt_id 
_atom_site.label_comp_id 
_atom_site.label_asym_id 
_atom_site.label_entity_id 
_atom_site.label_seq_id 
_atom_site.pdbx_PDB_ins_code 
_atom_site.Cartn_x 
_atom_site.Cartn_y 
_atom_site.Cartn_z 
_atom_site.occupancy 
_atom_site.B_iso_or_equiv 
_atom_site.pdbx_formal_charge 
_atom_site.auth_seq_id 
_atom_site.auth_comp_id 
_atom_site.auth_asym_id 
_atom_site.auth_atom_id 
_atom_site.pdbx_PDB_model_num 
ATOM   1    N N   . GLY A 1 18  ? -17.116 -12.188 20.772  1.00 61.43 ? -2  GLY A N   1 
ATOM   2    C CA  . GLY A 1 18  ? -18.552 -12.104 20.402  1.00 57.00 ? -2  GLY A CA  1 
ATOM   3    C C   . GLY A 1 18  ? -18.790 -11.711 18.949  1.00 57.15 ? -2  GLY A C   1 
ATOM   4    O O   . GLY A 1 18  ? -19.036 -12.610 18.134  1.00 49.56 ? -2  GLY A O   1 
ATOM   5    N N   . SER A 1 19  ? -18.800 -10.409 18.641  1.00 50.08 ? -1  SER A N   1 
ATOM   6    C CA  . SER A 1 19  ? -19.292 -9.848  17.363  1.00 43.74 ? -1  SER A CA  1 
ATOM   7    C C   . SER A 1 19  ? -18.105 -9.326  16.532  1.00 51.79 ? -1  SER A C   1 
ATOM   8    O O   . SER A 1 19  ? -17.259 -8.583  17.063  1.00 49.26 ? -1  SER A O   1 
ATOM   9    C CB  . SER A 1 19  ? -20.371 -8.842  17.630  1.00 41.38 ? -1  SER A CB  1 
ATOM   10   O OG  . SER A 1 19  ? -21.435 -9.442  18.374  1.00 41.87 ? -1  SER A OG  1 
ATOM   11   N N   . HIS A 1 20  ? -17.964 -9.802  15.296  1.00 48.62 ? 0   HIS A N   1 
ATOM   12   C CA  . HIS A 1 20  ? -16.875 -9.443  14.347  1.00 46.01 ? 0   HIS A CA  1 
ATOM   13   C C   . HIS A 1 20  ? -17.472 -9.363  12.935  1.00 49.97 ? 0   HIS A C   1 
ATOM   14   O O   . HIS A 1 20  ? -18.243 -10.286 12.540  1.00 44.21 ? 0   HIS A O   1 
ATOM   15   C CB  . HIS A 1 20  ? -15.703 -10.432 14.458  1.00 52.51 ? 0   HIS A CB  1 
ATOM   16   C CG  . HIS A 1 20  ? -14.425 -9.979  13.825  1.00 67.21 ? 0   HIS A CG  1 
ATOM   17   N ND1 . HIS A 1 20  ? -13.847 -8.731  14.086  1.00 74.24 ? 0   HIS A ND1 1 
ATOM   18   C CD2 . HIS A 1 20  ? -13.582 -10.605 12.970  1.00 76.72 ? 0   HIS A CD2 1 
ATOM   19   C CE1 . HIS A 1 20  ? -12.734 -8.603  13.393  1.00 66.51 ? 0   HIS A CE1 1 
ATOM   20   N NE2 . HIS A 1 20  ? -12.548 -9.740  12.698  1.00 75.52 ? 0   HIS A NE2 1 
ATOM   21   N N   . MET A 1 21  ? -17.189 -8.266  12.227  1.00 36.18 ? 1   MET A N   1 
ATOM   22   C CA  . MET A 1 21  ? -17.456 -8.073  10.781  1.00 36.98 ? 1   MET A CA  1 
ATOM   23   C C   . MET A 1 21  ? -16.110 -7.747  10.129  1.00 38.74 ? 1   MET A C   1 
ATOM   24   O O   . MET A 1 21  ? -15.397 -6.847  10.671  1.00 34.97 ? 1   MET A O   1 
ATOM   25   C CB  . MET A 1 21  ? -18.460 -6.950  10.512  1.00 37.46 ? 1   MET A CB  1 
ATOM   26   C CG  . MET A 1 21  ? -18.685 -6.684  9.015   1.00 35.80 ? 1   MET A CG  1 
ATOM   27   S SD  . MET A 1 21  ? -20.038 -5.553  8.691   1.00 39.02 ? 1   MET A SD  1 
ATOM   28   C CE  . MET A 1 21  ? -20.150 -5.734  6.915   1.00 39.94 ? 1   MET A CE  1 
ATOM   29   N N   . SER A 1 22  ? -15.748 -8.442  9.053   1.00 34.49 ? 2   SER A N   1 
ATOM   30   C CA  . SER A 1 22  ? -14.467 -8.163  8.379   1.00 39.67 ? 2   SER A CA  1 
ATOM   31   C C   . SER A 1 22  ? -14.495 -8.511  6.899   1.00 41.20 ? 2   SER A C   1 
ATOM   32   O O   . SER A 1 22  ? -15.351 -9.353  6.452   1.00 36.44 ? 2   SER A O   1 
ATOM   33   C CB  . SER A 1 22  ? -13.348 -8.806  9.131   1.00 44.77 ? 2   SER A CB  1 
ATOM   34   O OG  . SER A 1 22  ? -13.444 -10.197 9.103   1.00 46.62 ? 2   SER A OG  1 
ATOM   35   N N   . VAL A 1 23  ? -13.669 -7.777  6.149   1.00 33.43 ? 3   VAL A N   1 
ATOM   36   C CA  . VAL A 1 23  ? -13.318 -8.047  4.731   1.00 31.16 ? 3   VAL A CA  1 
ATOM   37   C C   . VAL A 1 23  ? -11.798 -8.147  4.643   1.00 42.59 ? 3   VAL A C   1 
ATOM   38   O O   . VAL A 1 23  ? -11.101 -7.162  5.014   1.00 34.77 ? 3   VAL A O   1 
ATOM   39   C CB  . VAL A 1 23  ? -13.880 -6.976  3.795   1.00 33.49 ? 3   VAL A CB  1 
ATOM   40   C CG1 . VAL A 1 23  ? -13.636 -7.330  2.339   1.00 31.72 ? 3   VAL A CG1 1 
ATOM   41   C CG2 . VAL A 1 23  ? -15.376 -6.731  4.045   1.00 38.66 ? 3   VAL A CG2 1 
ATOM   42   N N   . VAL A 1 24  ? -11.300 -9.305  4.203   1.00 39.35 ? 4   VAL A N   1 
ATOM   43   C CA  . VAL A 1 24  ? -9.848  -9.581  4.115   1.00 38.11 ? 4   VAL A CA  1 
ATOM   44   C C   . VAL A 1 24  ? -9.569  -10.045 2.698   1.00 39.17 ? 4   VAL A C   1 
ATOM   45   O O   . VAL A 1 24  ? -10.296 -10.943 2.229   1.00 37.64 ? 4   VAL A O   1 
ATOM   46   C CB  . VAL A 1 24  ? -9.413  -10.601 5.174   1.00 39.21 ? 4   VAL A CB  1 
ATOM   47   C CG1 . VAL A 1 24  ? -7.930  -10.911 5.055   1.00 48.70 ? 4   VAL A CG1 1 
ATOM   48   C CG2 . VAL A 1 24  ? -9.725  -10.155 6.591   1.00 40.67 ? 4   VAL A CG2 1 
ATOM   49   N N   . HIS A 1 25  ? -8.605  -9.412  2.032   1.00 34.86 ? 5   HIS A N   1 
ATOM   50   C CA  . HIS A 1 25  ? -8.015  -9.877  0.757   1.00 34.04 ? 5   HIS A CA  1 
ATOM   51   C C   . HIS A 1 25  ? -6.523  -10.091 0.994   1.00 39.31 ? 5   HIS A C   1 
ATOM   52   O O   . HIS A 1 25  ? -5.816  -9.081  1.255   1.00 35.73 ? 5   HIS A O   1 
ATOM   53   C CB  . HIS A 1 25  ? -8.234  -8.908  -0.413  1.00 37.14 ? 5   HIS A CB  1 
ATOM   54   C CG  . HIS A 1 25  ? -9.662  -8.654  -0.735  1.00 40.53 ? 5   HIS A CG  1 
ATOM   55   N ND1 . HIS A 1 25  ? -10.447 -9.592  -1.394  1.00 42.44 ? 5   HIS A ND1 1 
ATOM   56   C CD2 . HIS A 1 25  ? -10.447 -7.581  -0.507  1.00 37.37 ? 5   HIS A CD2 1 
ATOM   57   C CE1 . HIS A 1 25  ? -11.654 -9.104  -1.565  1.00 46.12 ? 5   HIS A CE1 1 
ATOM   58   N NE2 . HIS A 1 25  ? -11.680 -7.854  -1.056  1.00 45.20 ? 5   HIS A NE2 1 
ATOM   59   N N   . GLU A 1 26  ? -6.076  -11.347 0.925   1.00 43.98 ? 6   GLU A N   1 
ATOM   60   C CA  . GLU A 1 26  ? -4.673  -11.793 1.148   1.00 44.51 ? 6   GLU A CA  1 
ATOM   61   C C   . GLU A 1 26  ? -4.107  -12.460 -0.116  1.00 46.21 ? 6   GLU A C   1 
ATOM   62   O O   . GLU A 1 26  ? -4.915  -12.819 -1.028  1.00 45.29 ? 6   GLU A O   1 
ATOM   63   C CB  . GLU A 1 26  ? -4.680  -12.751 2.323   1.00 49.47 ? 6   GLU A CB  1 
ATOM   64   C CG  . GLU A 1 26  ? -4.810  -12.007 3.620   1.00 58.27 ? 6   GLU A CG  1 
ATOM   65   C CD  . GLU A 1 26  ? -4.666  -12.886 4.837   1.00 57.16 ? 6   GLU A CD  1 
ATOM   66   O OE1 . GLU A 1 26  ? -4.696  -14.137 4.684   1.00 59.52 ? 6   GLU A OE1 1 
ATOM   67   O OE2 . GLU A 1 26  ? -4.517  -12.319 5.922   1.00 60.07 ? 6   GLU A OE2 1 
ATOM   68   N N   . GLY A 1 27  ? -2.768  -12.571 -0.195  1.00 38.15 ? 7   GLY A N   1 
ATOM   69   C CA  . GLY A 1 27  ? -2.058  -13.132 -1.368  1.00 37.30 ? 7   GLY A CA  1 
ATOM   70   C C   . GLY A 1 27  ? -2.331  -12.317 -2.594  1.00 39.36 ? 7   GLY A C   1 
ATOM   71   O O   . GLY A 1 27  ? -2.408  -12.876 -3.724  1.00 39.71 ? 7   GLY A O   1 
ATOM   72   N N   . ILE A 1 28  ? -2.462  -11.003 -2.405  1.00 37.95 ? 8   ILE A N   1 
ATOM   73   C CA  . ILE A 1 28  ? -2.596  -10.085 -3.558  1.00 34.88 ? 8   ILE A CA  1 
ATOM   74   C C   . ILE A 1 28  ? -1.255  -10.018 -4.279  1.00 37.41 ? 8   ILE A C   1 
ATOM   75   O O   . ILE A 1 28  ? -0.201  -9.914  -3.622  1.00 36.73 ? 8   ILE A O   1 
ATOM   76   C CB  . ILE A 1 28  ? -3.086  -8.691  -3.137  1.00 36.56 ? 8   ILE A CB  1 
ATOM   77   C CG1 . ILE A 1 28  ? -4.493  -8.766  -2.546  1.00 35.15 ? 8   ILE A CG1 1 
ATOM   78   C CG2 . ILE A 1 28  ? -2.965  -7.723  -4.304  1.00 35.79 ? 8   ILE A CG2 1 
ATOM   79   C CD1 . ILE A 1 28  ? -4.891  -7.556  -1.747  1.00 35.64 ? 8   ILE A CD1 1 
ATOM   80   N N   . TRP A 1 29  ? -1.343  -10.036 -5.596  1.00 37.53 ? 9   TRP A N   1 
ATOM   81   C CA  . TRP A 1 29  ? -0.238  -9.868  -6.555  1.00 41.96 ? 9   TRP A CA  1 
ATOM   82   C C   . TRP A 1 29  ? -0.488  -8.478  -7.136  1.00 36.65 ? 9   TRP A C   1 
ATOM   83   O O   . TRP A 1 29  ? -1.578  -8.260  -7.716  1.00 37.17 ? 9   TRP A O   1 
ATOM   84   C CB  . TRP A 1 29  ? -0.264  -11.032 -7.590  1.00 44.40 ? 9   TRP A CB  1 
ATOM   85   C CG  . TRP A 1 29  ? 0.798   -11.005 -8.646  1.00 41.88 ? 9   TRP A CG  1 
ATOM   86   C CD1 . TRP A 1 29  ? 2.098   -11.409 -8.511  1.00 44.09 ? 9   TRP A CD1 1 
ATOM   87   C CD2 . TRP A 1 29  ? 0.654   -10.584 -10.021 1.00 44.69 ? 9   TRP A CD2 1 
ATOM   88   N NE1 . TRP A 1 29  ? 2.774   -11.223 -9.687  1.00 41.54 ? 9   TRP A NE1 1 
ATOM   89   C CE2 . TRP A 1 29  ? 1.918   -10.725 -10.632 1.00 46.99 ? 9   TRP A CE2 1 
ATOM   90   C CE3 . TRP A 1 29  ? -0.413  -10.117 -10.796 1.00 45.10 ? 9   TRP A CE3 1 
ATOM   91   C CZ2 . TRP A 1 29  ? 2.128   -10.416 -11.980 1.00 49.20 ? 9   TRP A CZ2 1 
ATOM   92   C CZ3 . TRP A 1 29  ? -0.204  -9.796  -12.118 1.00 47.52 ? 9   TRP A CZ3 1 
ATOM   93   C CH2 . TRP A 1 29  ? 1.054   -9.941  -12.702 1.00 49.33 ? 9   TRP A CH2 1 
ATOM   94   N N   . GLU A 1 30  ? 0.467   -7.563  -6.980  1.00 36.00 ? 10  GLU A N   1 
ATOM   95   C CA  . GLU A 1 30  ? 0.244   -6.115  -7.254  1.00 36.46 ? 10  GLU A CA  1 
ATOM   96   C C   . GLU A 1 30  ? 1.329   -5.599  -8.191  1.00 41.01 ? 10  GLU A C   1 
ATOM   97   O O   . GLU A 1 30  ? 2.388   -5.121  -7.752  1.00 37.10 ? 10  GLU A O   1 
ATOM   98   C CB  . GLU A 1 30  ? 0.167   -5.338  -5.927  1.00 35.13 ? 10  GLU A CB  1 
ATOM   99   C CG  . GLU A 1 30  ? -0.046  -3.843  -6.126  1.00 35.81 ? 10  GLU A CG  1 
ATOM   100  C CD  . GLU A 1 30  ? -0.258  -3.005  -4.864  1.00 33.96 ? 10  GLU A CD  1 
ATOM   101  O OE1 . GLU A 1 30  ? -0.592  -3.598  -3.830  1.00 34.75 ? 10  GLU A OE1 1 
ATOM   102  O OE2 . GLU A 1 30  ? 0.018   -1.746  -4.929  1.00 32.99 ? 10  GLU A OE2 1 
ATOM   103  N N   . PRO A 1 31  ? 1.118   -5.701  -9.522  1.00 40.75 ? 11  PRO A N   1 
ATOM   104  C CA  . PRO A 1 31  ? 2.079   -5.154  -10.464 1.00 41.38 ? 11  PRO A CA  1 
ATOM   105  C C   . PRO A 1 31  ? 1.910   -3.647  -10.604 1.00 44.22 ? 11  PRO A C   1 
ATOM   106  O O   . PRO A 1 31  ? 0.759   -3.177  -10.569 1.00 35.88 ? 11  PRO A O   1 
ATOM   107  C CB  . PRO A 1 31  ? 1.711   -5.852  -11.786 1.00 41.73 ? 11  PRO A CB  1 
ATOM   108  C CG  . PRO A 1 31  ? 0.229   -6.113  -11.654 1.00 40.04 ? 11  PRO A CG  1 
ATOM   109  C CD  . PRO A 1 31  ? 0.064   -6.481  -10.194 1.00 40.55 ? 11  PRO A CD  1 
ATOM   110  N N   . GLN A 1 32  ? 3.036   -2.973  -10.854 1.00 37.24 ? 12  GLN A N   1 
ATOM   111  C CA  . GLN A 1 32  ? 3.087   -1.515  -11.067 1.00 44.17 ? 12  GLN A CA  1 
ATOM   112  C C   . GLN A 1 32  ? 2.833   -1.216  -12.538 1.00 45.14 ? 12  GLN A C   1 
ATOM   113  O O   . GLN A 1 32  ? 3.570   -1.737  -13.344 1.00 52.11 ? 12  GLN A O   1 
ATOM   114  C CB  . GLN A 1 32  ? 4.438   -1.000  -10.594 1.00 46.58 ? 12  GLN A CB  1 
ATOM   115  C CG  . GLN A 1 32  ? 4.453   0.517   -10.497 1.00 53.99 ? 12  GLN A CG  1 
ATOM   116  C CD  . GLN A 1 32  ? 5.263   0.987   -9.314  1.00 59.91 ? 12  GLN A CD  1 
ATOM   117  O OE1 . GLN A 1 32  ? 6.474   1.134   -9.429  1.00 60.49 ? 12  GLN A OE1 1 
ATOM   118  N NE2 . GLN A 1 32  ? 4.602   1.221   -8.177  1.00 53.64 ? 12  GLN A NE2 1 
ATOM   119  N N   . ILE A 1 33  ? 1.843   -0.388  -12.870 1.00 37.41 ? 13  ILE A N   1 
ATOM   120  C CA  . ILE A 1 33  ? 1.516   -0.034  -14.273 1.00 39.24 ? 13  ILE A CA  1 
ATOM   121  C C   . ILE A 1 33  ? 2.232   1.264   -14.639 1.00 45.88 ? 13  ILE A C   1 
ATOM   122  O O   . ILE A 1 33  ? 2.728   1.416   -15.801 1.00 41.27 ? 13  ILE A O   1 
ATOM   123  C CB  . ILE A 1 33  ? -0.009  0.083   -14.457 1.00 41.14 ? 13  ILE A CB  1 
ATOM   124  C CG1 . ILE A 1 33  ? -0.759  -1.120  -13.884 1.00 40.18 ? 13  ILE A CG1 1 
ATOM   125  C CG2 . ILE A 1 33  ? -0.356  0.344   -15.917 1.00 45.12 ? 13  ILE A CG2 1 
ATOM   126  C CD1 . ILE A 1 33  ? -0.356  -2.466  -14.460 1.00 44.90 ? 13  ILE A CD1 1 
ATOM   127  N N   . ARG A 1 34  ? 2.280   2.225   -13.720 1.00 43.51 ? 14  ARG A N   1 
ATOM   128  C CA  . ARG A 1 34  ? 3.053   3.472   -13.993 1.00 38.84 ? 14  ARG A CA  1 
ATOM   129  C C   . ARG A 1 34  ? 3.574   4.024   -12.668 1.00 40.42 ? 14  ARG A C   1 
ATOM   130  O O   . ARG A 1 34  ? 2.861   3.918   -11.633 1.00 33.51 ? 14  ARG A O   1 
ATOM   131  C CB  . ARG A 1 34  ? 2.208   4.470   -14.773 1.00 38.15 ? 14  ARG A CB  1 
ATOM   132  C CG  . ARG A 1 34  ? 2.968   5.714   -15.209 1.00 47.89 ? 14  ARG A CG  1 
ATOM   133  C CD  . ARG A 1 34  ? 4.170   5.433   -16.129 1.00 50.82 ? 14  ARG A CD  1 
ATOM   134  N NE  . ARG A 1 34  ? 4.996   6.605   -16.447 1.00 47.67 ? 14  ARG A NE  1 
ATOM   135  C CZ  . ARG A 1 34  ? 4.719   7.506   -17.387 1.00 54.25 ? 14  ARG A CZ  1 
ATOM   136  N NH1 . ARG A 1 34  ? 3.600   7.405   -18.080 1.00 58.16 ? 14  ARG A NH1 1 
ATOM   137  N NH2 . ARG A 1 34  ? 5.541   8.521   -17.625 1.00 55.17 ? 14  ARG A NH2 1 
ATOM   138  N N   . ASN A 1 35  ? 4.775   4.571   -12.706 1.00 40.22 ? 15  ASN A N   1 
ATOM   139  C CA  . ASN A 1 35  ? 5.353   5.209   -11.511 1.00 35.09 ? 15  ASN A CA  1 
ATOM   140  C C   . ASN A 1 35  ? 6.423   6.174   -11.980 1.00 42.21 ? 15  ASN A C   1 
ATOM   141  O O   . ASN A 1 35  ? 7.074   5.886   -12.966 1.00 37.89 ? 15  ASN A O   1 
ATOM   142  C CB  . ASN A 1 35  ? 5.843   4.199   -10.487 1.00 43.89 ? 15  ASN A CB  1 
ATOM   143  C CG  . ASN A 1 35  ? 7.110   3.516   -10.920 1.00 59.60 ? 15  ASN A CG  1 
ATOM   144  O OD1 . ASN A 1 35  ? 7.066   2.524   -11.635 1.00 72.25 ? 15  ASN A OD1 1 
ATOM   145  N ND2 . ASN A 1 35  ? 8.235   4.045   -10.481 1.00 67.17 ? 15  ASN A ND2 1 
ATOM   146  N N   . GLU A 1 36  ? 6.487   7.318   -11.325 1.00 30.78 ? 16  GLU A N   1 
ATOM   147  C CA  . GLU A 1 36  ? 7.496   8.375   -11.576 1.00 33.74 ? 16  GLU A CA  1 
ATOM   148  C C   . GLU A 1 36  ? 7.928   8.850   -10.209 1.00 35.73 ? 16  GLU A C   1 
ATOM   149  O O   . GLU A 1 36  ? 7.097   8.736   -9.247  1.00 31.57 ? 16  GLU A O   1 
ATOM   150  C CB  . GLU A 1 36  ? 6.964   9.530   -12.422 1.00 35.56 ? 16  GLU A CB  1 
ATOM   151  C CG  . GLU A 1 36  ? 6.542   9.132   -13.826 1.00 38.93 ? 16  GLU A CG  1 
ATOM   152  C CD  . GLU A 1 36  ? 7.679   8.743   -14.770 1.00 45.06 ? 16  GLU A CD  1 
ATOM   153  O OE1 . GLU A 1 36  ? 8.834   9.131   -14.512 1.00 41.18 ? 16  GLU A OE1 1 
ATOM   154  O OE2 . GLU A 1 36  ? 7.408   7.978   -15.709 1.00 50.79 ? 16  GLU A OE2 1 
ATOM   155  N N   . GLN A 1 37  ? 9.198   9.202   -10.058 1.00 32.08 ? 17  GLN A N   1 
ATOM   156  C CA  . GLN A 1 37  ? 9.726   9.591   -8.731  1.00 34.50 ? 17  GLN A CA  1 
ATOM   157  C C   . GLN A 1 37  ? 11.089  10.258  -8.870  1.00 36.60 ? 17  GLN A C   1 
ATOM   158  O O   . GLN A 1 37  ? 11.724  10.058  -9.890  1.00 34.27 ? 17  GLN A O   1 
ATOM   159  C CB  . GLN A 1 37  ? 9.968   8.348   -7.880  1.00 37.80 ? 17  GLN A CB  1 
ATOM   160  C CG  . GLN A 1 37  ? 11.200  7.568   -8.283  1.00 41.27 ? 17  GLN A CG  1 
ATOM   161  C CD  . GLN A 1 37  ? 11.154  6.150   -7.790  1.00 47.59 ? 17  GLN A CD  1 
ATOM   162  O OE1 . GLN A 1 37  ? 10.243  5.409   -8.107  1.00 57.04 ? 17  GLN A OE1 1 
ATOM   163  N NE2 . GLN A 1 37  ? 12.149  5.756   -7.019  1.00 49.34 ? 17  GLN A NE2 1 
ATOM   164  N N   . ASN A 1 38  ? 11.466  11.043  -7.869  1.00 32.30 ? 18  ASN A N   1 
ATOM   165  C CA  . ASN A 1 38  ? 12.829  11.637  -7.812  1.00 33.88 ? 18  ASN A CA  1 
ATOM   166  C C   . ASN A 1 38  ? 13.490  11.096  -6.553  1.00 32.49 ? 18  ASN A C   1 
ATOM   167  O O   . ASN A 1 38  ? 14.389  11.710  -6.090  1.00 32.88 ? 18  ASN A O   1 
ATOM   168  C CB  . ASN A 1 38  ? 12.825  13.166  -7.946  1.00 30.27 ? 18  ASN A CB  1 
ATOM   169  C CG  . ASN A 1 38  ? 12.275  13.867  -6.726  1.00 29.29 ? 18  ASN A CG  1 
ATOM   170  O OD1 . ASN A 1 38  ? 11.658  13.201  -5.902  1.00 29.23 ? 18  ASN A OD1 1 
ATOM   171  N ND2 . ASN A 1 38  ? 12.398  15.183  -6.662  1.00 29.37 ? 18  ASN A ND2 1 
ATOM   172  N N   . VAL A 1 39  ? 12.948  10.037  -5.968  1.00 32.10 ? 19  VAL A N   1 
ATOM   173  C CA  . VAL A 1 39  ? 13.530  9.358   -4.795  1.00 36.00 ? 19  VAL A CA  1 
ATOM   174  C C   . VAL A 1 39  ? 14.831  8.652   -5.211  1.00 41.00 ? 19  VAL A C   1 
ATOM   175  O O   . VAL A 1 39  ? 14.803  7.823   -6.132  1.00 38.69 ? 19  VAL A O   1 
ATOM   176  C CB  . VAL A 1 39  ? 12.570  8.349   -4.140  1.00 35.25 ? 19  VAL A CB  1 
ATOM   177  C CG1 . VAL A 1 39  ? 13.297  7.580   -3.052  1.00 35.57 ? 19  VAL A CG1 1 
ATOM   178  C CG2 . VAL A 1 39  ? 11.334  9.040   -3.547  1.00 34.53 ? 19  VAL A CG2 1 
ATOM   179  N N   . ASN A 1 40  ? 15.912  8.989   -4.523  1.00 43.45 ? 20  ASN A N   1 
ATOM   180  C CA  . ASN A 1 40  ? 17.238  8.332   -4.662  1.00 38.76 ? 20  ASN A CA  1 
ATOM   181  C C   . ASN A 1 40  ? 17.142  7.058   -3.860  1.00 34.15 ? 20  ASN A C   1 
ATOM   182  O O   . ASN A 1 40  ? 17.145  7.149   -2.608  1.00 33.65 ? 20  ASN A O   1 
ATOM   183  C CB  . ASN A 1 40  ? 18.355  9.243   -4.178  0.50 45.53 ? 20  ASN A CB  1 
ATOM   184  C CG  . ASN A 1 40  ? 19.725  8.622   -4.397  1.00 46.72 ? 20  ASN A CG  1 
ATOM   185  O OD1 . ASN A 1 40  ? 19.912  7.430   -4.217  1.00 40.39 ? 20  ASN A OD1 1 
ATOM   186  N ND2 . ASN A 1 40  ? 20.670  9.448   -4.772  1.00 45.50 ? 20  ASN A ND2 1 
ATOM   187  N N   . VAL A 1 41  ? 16.971  5.922   -4.535  1.00 33.48 ? 21  VAL A N   1 
ATOM   188  C CA  . VAL A 1 41  ? 16.591  4.678   -3.814  1.00 40.93 ? 21  VAL A CA  1 
ATOM   189  C C   . VAL A 1 41  ? 17.700  4.288   -2.838  1.00 46.74 ? 21  VAL A C   1 
ATOM   190  O O   . VAL A 1 41  ? 17.394  3.804   -1.711  1.00 45.27 ? 21  VAL A O   1 
ATOM   191  C CB  . VAL A 1 41  ? 16.242  3.546   -4.780  1.00 43.55 ? 21  VAL A CB  1 
ATOM   192  C CG1 . VAL A 1 41  ? 16.003  2.251   -4.042  1.00 45.67 ? 21  VAL A CG1 1 
ATOM   193  C CG2 . VAL A 1 41  ? 15.019  3.904   -5.593  1.00 46.30 ? 21  VAL A CG2 1 
ATOM   194  N N   . ALA A 1 42  ? 18.954  4.517   -3.213  1.00 50.01 ? 22  ALA A N   1 
ATOM   195  C CA  . ALA A 1 42  ? 20.110  4.048   -2.418  1.00 49.28 ? 22  ALA A CA  1 
ATOM   196  C C   . ALA A 1 42  ? 20.223  4.934   -1.180  1.00 43.80 ? 22  ALA A C   1 
ATOM   197  O O   . ALA A 1 42  ? 20.496  4.410   -0.115  1.00 46.06 ? 22  ALA A O   1 
ATOM   198  C CB  . ALA A 1 42  ? 21.366  4.068   -3.267  1.00 54.51 ? 22  ALA A CB  1 
ATOM   199  N N   . ASP A 1 43  ? 19.968  6.228   -1.351  1.00 37.61 ? 23  ASP A N   1 
ATOM   200  C CA  . ASP A 1 43  ? 20.284  7.315   -0.407  1.00 41.78 ? 23  ASP A CA  1 
ATOM   201  C C   . ASP A 1 43  ? 19.158  8.351   -0.486  1.00 40.51 ? 23  ASP A C   1 
ATOM   202  O O   . ASP A 1 43  ? 19.328  9.476   -0.957  1.00 35.26 ? 23  ASP A O   1 
ATOM   203  C CB  . ASP A 1 43  ? 21.643  7.923   -0.749  1.00 43.80 ? 23  ASP A CB  1 
ATOM   204  C CG  . ASP A 1 43  ? 22.015  9.006   0.226   1.00 48.39 ? 23  ASP A CG  1 
ATOM   205  O OD1 . ASP A 1 43  ? 21.486  8.975   1.373   1.00 47.16 ? 23  ASP A OD1 1 
ATOM   206  O OD2 . ASP A 1 43  ? 22.792  9.890   -0.177  1.00 55.08 ? 23  ASP A OD2 1 
ATOM   207  N N   . PRO A 1 44  ? 17.944  7.975   -0.050  1.00 41.05 ? 24  PRO A N   1 
ATOM   208  C CA  . PRO A 1 44  ? 16.787  8.886   -0.112  1.00 38.44 ? 24  PRO A CA  1 
ATOM   209  C C   . PRO A 1 44  ? 16.951  10.208  0.657   1.00 31.64 ? 24  PRO A C   1 
ATOM   210  O O   . PRO A 1 44  ? 17.422  10.265  1.767   1.00 37.52 ? 24  PRO A O   1 
ATOM   211  C CB  . PRO A 1 44  ? 15.628  8.037   0.446   1.00 36.91 ? 24  PRO A CB  1 
ATOM   212  C CG  . PRO A 1 44  ? 16.314  6.890   1.204   1.00 42.09 ? 24  PRO A CG  1 
ATOM   213  C CD  . PRO A 1 44  ? 17.620  6.637   0.476   1.00 38.40 ? 24  PRO A CD  1 
ATOM   214  N N   . GLN A 1 45  ? 16.544  11.302  0.038   1.00 31.17 ? 25  GLN A N   1 
ATOM   215  C CA  . GLN A 1 45  ? 16.587  12.629  0.677   1.00 32.54 ? 25  GLN A CA  1 
ATOM   216  C C   . GLN A 1 45  ? 15.166  13.146  0.979   1.00 36.58 ? 25  GLN A C   1 
ATOM   217  O O   . GLN A 1 45  ? 14.222  13.005  0.110   1.00 29.08 ? 25  GLN A O   1 
ATOM   218  C CB  . GLN A 1 45  ? 17.327  13.603  -0.229  1.00 33.97 ? 25  GLN A CB  1 
ATOM   219  C CG  . GLN A 1 45  ? 18.614  12.986  -0.786  1.00 38.76 ? 25  GLN A CG  1 
ATOM   220  C CD  . GLN A 1 45  ? 19.617  12.799  0.325   1.00 40.53 ? 25  GLN A CD  1 
ATOM   221  O OE1 . GLN A 1 45  ? 19.913  13.744  1.030   1.00 42.27 ? 25  GLN A OE1 1 
ATOM   222  N NE2 . GLN A 1 45  ? 20.083  11.575  0.528   1.00 43.83 ? 25  GLN A NE2 1 
ATOM   223  N N   . VAL A 1 46  ? 15.047  13.779  2.142   1.00 33.77 ? 26  VAL A N   1 
ATOM   224  C CA  . VAL A 1 46  ? 13.785  14.404  2.629   1.00 34.23 ? 26  VAL A CA  1 
ATOM   225  C C   . VAL A 1 46  ? 13.234  15.259  1.504   1.00 35.90 ? 26  VAL A C   1 
ATOM   226  O O   . VAL A 1 46  ? 13.971  16.099  0.949   1.00 32.28 ? 26  VAL A O   1 
ATOM   227  C CB  . VAL A 1 46  ? 14.009  15.228  3.915   1.00 31.96 ? 26  VAL A CB  1 
ATOM   228  C CG1 . VAL A 1 46  ? 12.800  16.094  4.243   1.00 34.94 ? 26  VAL A CG1 1 
ATOM   229  C CG2 . VAL A 1 46  ? 14.337  14.328  5.081   1.00 32.45 ? 26  VAL A CG2 1 
ATOM   230  N N   . GLY A 1 47  ? 11.951  15.119  1.199   1.00 29.65 ? 27  GLY A N   1 
ATOM   231  C CA  . GLY A 1 47  ? 11.303  15.984  0.203   1.00 27.85 ? 27  GLY A CA  1 
ATOM   232  C C   . GLY A 1 47  ? 11.201  15.308  -1.146  1.00 30.89 ? 27  GLY A C   1 
ATOM   233  O O   . GLY A 1 47  ? 10.450  15.812  -1.970  1.00 31.70 ? 27  GLY A O   1 
ATOM   234  N N   . GLN A 1 48  ? 11.931  14.215  -1.379  1.00 27.13 ? 28  GLN A N   1 
ATOM   235  C CA  . GLN A 1 48  ? 11.765  13.423  -2.615  1.00 26.02 ? 28  GLN A CA  1 
ATOM   236  C C   . GLN A 1 48  ? 10.371  12.728  -2.575  1.00 27.03 ? 28  GLN A C   1 
ATOM   237  O O   . GLN A 1 48  ? 9.965   12.274  -1.460  1.00 25.74 ? 28  GLN A O   1 
ATOM   238  C CB  . GLN A 1 48  ? 12.904  12.422  -2.737  1.00 30.72 ? 28  GLN A CB  1 
ATOM   239  C CG  . GLN A 1 48  ? 14.255  13.146  -2.995  1.00 32.82 ? 28  GLN A CG  1 
ATOM   240  C CD  . GLN A 1 48  ? 15.431  12.208  -3.181  1.00 31.21 ? 28  GLN A CD  1 
ATOM   241  O OE1 . GLN A 1 48  ? 15.409  11.057  -2.760  1.00 30.66 ? 28  GLN A OE1 1 
ATOM   242  N NE2 . GLN A 1 48  ? 16.484  12.721  -3.825  1.00 33.10 ? 28  GLN A NE2 1 
ATOM   243  N N   . ILE A 1 49  ? 9.749   12.577  -3.744  1.00 26.24 ? 29  ILE A N   1 
ATOM   244  C CA  . ILE A 1 49  ? 8.382   11.983  -3.882  1.00 26.43 ? 29  ILE A CA  1 
ATOM   245  C C   . ILE A 1 49  ? 8.338   10.959  -5.006  1.00 30.58 ? 29  ILE A C   1 
ATOM   246  O O   . ILE A 1 49  ? 9.204   10.974  -5.908  1.00 28.53 ? 29  ILE A O   1 
ATOM   247  C CB  . ILE A 1 49  ? 7.341   13.102  -4.117  1.00 26.52 ? 29  ILE A CB  1 
ATOM   248  C CG1 . ILE A 1 49  ? 7.437   13.778  -5.481  1.00 29.72 ? 29  ILE A CG1 1 
ATOM   249  C CG2 . ILE A 1 49  ? 7.406   14.128  -3.005  1.00 23.22 ? 29  ILE A CG2 1 
ATOM   250  C CD1 . ILE A 1 49  ? 6.122   14.432  -5.939  1.00 28.62 ? 29  ILE A CD1 1 
ATOM   251  N N   . GLY A 1 50  ? 7.275   10.160  -5.005  1.00 27.65 ? 30  GLY A N   1 
ATOM   252  C CA  . GLY A 1 50  ? 6.880   9.337   -6.148  1.00 28.94 ? 30  GLY A CA  1 
ATOM   253  C C   . GLY A 1 50  ? 5.370   9.228   -6.193  1.00 30.62 ? 30  GLY A C   1 
ATOM   254  O O   . GLY A 1 50  ? 4.721   9.428   -5.136  1.00 25.29 ? 30  GLY A O   1 
ATOM   255  N N   . SER A 1 51  ? 4.844   8.951   -7.369  1.00 28.84 ? 31  SER A N   1 
ATOM   256  C CA  . SER A 1 51  ? 3.407   8.669   -7.605  1.00 28.70 ? 31  SER A CA  1 
ATOM   257  C C   . SER A 1 51  ? 3.349   7.355   -8.373  1.00 35.19 ? 31  SER A C   1 
ATOM   258  O O   . SER A 1 51  ? 4.292   7.049   -9.196  1.00 32.15 ? 31  SER A O   1 
ATOM   259  C CB  . SER A 1 51  ? 2.737   9.779   -8.346  1.00 26.31 ? 31  SER A CB  1 
ATOM   260  O OG  . SER A 1 51  ? 2.769   11.001  -7.615  1.00 28.01 ? 31  SER A OG  1 
ATOM   261  N N   . TYR A 1 52  ? 2.268   6.615   -8.173  1.00 31.07 ? 32  TYR A N   1 
ATOM   262  C CA  . TYR A 1 52  ? 2.142   5.266   -8.739  1.00 30.31 ? 32  TYR A CA  1 
ATOM   263  C C   . TYR A 1 52  ? 0.680   4.916   -9.016  1.00 33.83 ? 32  TYR A C   1 
ATOM   264  O O   . TYR A 1 52  ? -0.272  5.450   -8.397  1.00 28.81 ? 32  TYR A O   1 
ATOM   265  C CB  . TYR A 1 52  ? 2.796   4.258   -7.818  1.00 28.94 ? 32  TYR A CB  1 
ATOM   266  C CG  . TYR A 1 52  ? 2.189   4.176   -6.447  1.00 32.36 ? 32  TYR A CG  1 
ATOM   267  C CD1 . TYR A 1 52  ? 1.069   3.407   -6.212  1.00 35.72 ? 32  TYR A CD1 1 
ATOM   268  C CD2 . TYR A 1 52  ? 2.701   4.912   -5.391  1.00 30.81 ? 32  TYR A CD2 1 
ATOM   269  C CE1 . TYR A 1 52  ? 0.487   3.344   -4.952  1.00 35.59 ? 32  TYR A CE1 1 
ATOM   270  C CE2 . TYR A 1 52  ? 2.130   4.862   -4.132  1.00 31.34 ? 32  TYR A CE2 1 
ATOM   271  C CZ  . TYR A 1 52  ? 0.994   4.100   -3.918  1.00 32.61 ? 32  TYR A CZ  1 
ATOM   272  O OH  . TYR A 1 52  ? 0.464   3.980   -2.664  1.00 35.64 ? 32  TYR A OH  1 
ATOM   273  N N   . TYR A 1 53  ? 0.556   4.011   -9.967  1.00 33.68 ? 33  TYR A N   1 
ATOM   274  C CA  . TYR A 1 53  ? -0.696  3.366   -10.438 1.00 32.44 ? 33  TYR A CA  1 
ATOM   275  C C   . TYR A 1 53  ? -0.387  1.885   -10.570 1.00 33.52 ? 33  TYR A C   1 
ATOM   276  O O   . TYR A 1 53  ? 0.479   1.519   -11.422 1.00 33.92 ? 33  TYR A O   1 
ATOM   277  C CB  . TYR A 1 53  ? -1.140  4.065   -11.724 1.00 35.63 ? 33  TYR A CB  1 
ATOM   278  C CG  . TYR A 1 53  ? -2.094  3.303   -12.619 1.00 39.16 ? 33  TYR A CG  1 
ATOM   279  C CD1 . TYR A 1 53  ? -3.050  2.432   -12.126 1.00 44.26 ? 33  TYR A CD1 1 
ATOM   280  C CD2 . TYR A 1 53  ? -2.038  3.493   -13.988 1.00 49.29 ? 33  TYR A CD2 1 
ATOM   281  C CE1 . TYR A 1 53  ? -3.904  1.740   -12.972 1.00 49.44 ? 33  TYR A CE1 1 
ATOM   282  C CE2 . TYR A 1 53  ? -2.887  2.822   -14.847 1.00 48.05 ? 33  TYR A CE2 1 
ATOM   283  C CZ  . TYR A 1 53  ? -3.819  1.941   -14.337 1.00 49.41 ? 33  TYR A CZ  1 
ATOM   284  O OH  . TYR A 1 53  ? -4.659  1.321   -15.208 1.00 51.75 ? 33  TYR A OH  1 
ATOM   285  N N   . ASP A 1 54  ? -1.029  1.085   -9.733  1.00 30.71 ? 34  ASP A N   1 
ATOM   286  C CA  . ASP A 1 54  ? -0.812  -0.375  -9.594  1.00 31.56 ? 34  ASP A CA  1 
ATOM   287  C C   . ASP A 1 54  ? -2.132  -1.069  -9.867  1.00 37.95 ? 34  ASP A C   1 
ATOM   288  O O   . ASP A 1 54  ? -3.169  -0.455  -9.600  1.00 33.84 ? 34  ASP A O   1 
ATOM   289  C CB  . ASP A 1 54  ? -0.407  -0.799  -8.195  1.00 33.67 ? 34  ASP A CB  1 
ATOM   290  C CG  . ASP A 1 54  ? 0.981   -0.344  -7.772  1.00 32.66 ? 34  ASP A CG  1 
ATOM   291  O OD1 . ASP A 1 54  ? 1.648   0.262   -8.586  1.00 32.06 ? 34  ASP A OD1 1 
ATOM   292  O OD2 . ASP A 1 54  ? 1.358   -0.663  -6.644  1.00 31.96 ? 34  ASP A OD2 1 
ATOM   293  N N   . GLU A 1 55  ? -2.073  -2.279  -10.417 1.00 37.05 ? 35  GLU A N   1 
ATOM   294  C CA  . GLU A 1 55  ? -3.223  -3.201  -10.386 1.00 33.47 ? 35  GLU A CA  1 
ATOM   295  C C   . GLU A 1 55  ? -3.065  -4.132  -9.197  1.00 32.86 ? 35  GLU A C   1 
ATOM   296  O O   . GLU A 1 55  ? -1.933  -4.329  -8.714  1.00 33.23 ? 35  GLU A O   1 
ATOM   297  C CB  . GLU A 1 55  ? -3.310  -3.998  -11.682 1.00 36.73 ? 35  GLU A CB  1 
ATOM   298  C CG  . GLU A 1 55  ? -3.838  -3.188  -12.837 1.00 37.31 ? 35  GLU A CG  1 
ATOM   299  C CD  . GLU A 1 55  ? -3.891  -3.960  -14.150 1.00 42.18 ? 35  GLU A CD  1 
ATOM   300  O OE1 . GLU A 1 55  ? -3.314  -5.066  -14.234 1.00 41.95 ? 35  GLU A OE1 1 
ATOM   301  O OE2 . GLU A 1 55  ? -4.536  -3.465  -15.061 1.00 45.65 ? 35  GLU A OE2 1 
ATOM   302  N N   . LEU A 1 56  ? -4.183  -4.649  -8.724  1.00 30.71 ? 36  LEU A N   1 
ATOM   303  C CA  . LEU A 1 56  ? -4.205  -5.704  -7.713  1.00 35.10 ? 36  LEU A CA  1 
ATOM   304  C C   . LEU A 1 56  ? -4.968  -6.880  -8.326  1.00 37.06 ? 36  LEU A C   1 
ATOM   305  O O   . LEU A 1 56  ? -6.050  -6.647  -8.900  1.00 40.09 ? 36  LEU A O   1 
ATOM   306  C CB  . LEU A 1 56  ? -4.925  -5.209  -6.455  1.00 38.47 ? 36  LEU A CB  1 
ATOM   307  C CG  . LEU A 1 56  ? -4.100  -4.310  -5.523  1.00 39.93 ? 36  LEU A CG  1 
ATOM   308  C CD1 . LEU A 1 56  ? -3.990  -2.931  -6.139  1.00 37.53 ? 36  LEU A CD1 1 
ATOM   309  C CD2 . LEU A 1 56  ? -4.750  -4.250  -4.153  1.00 41.62 ? 36  LEU A CD2 1 
ATOM   310  N N   . TYR A 1 57  ? -4.447  -8.077  -8.079  1.00 43.28 ? 37  TYR A N   1 
ATOM   311  C CA  . TYR A 1 57  ? -5.035  -9.381  -8.439  1.00 41.13 ? 37  TYR A CA  1 
ATOM   312  C C   . TYR A 1 57  ? -5.181  -10.177 -7.151  1.00 39.94 ? 37  TYR A C   1 
ATOM   313  O O   . TYR A 1 57  ? -4.261  -10.164 -6.303  1.00 35.94 ? 37  TYR A O   1 
ATOM   314  C CB  . TYR A 1 57  ? -4.165  -10.041 -9.513  1.00 40.90 ? 37  TYR A CB  1 
ATOM   315  C CG  . TYR A 1 57  ? -4.187  -9.316  -10.830 1.00 42.89 ? 37  TYR A CG  1 
ATOM   316  C CD1 . TYR A 1 57  ? -3.394  -8.197  -11.055 1.00 38.80 ? 37  TYR A CD1 1 
ATOM   317  C CD2 . TYR A 1 57  ? -5.002  -9.760  -11.867 1.00 41.54 ? 37  TYR A CD2 1 
ATOM   318  C CE1 . TYR A 1 57  ? -3.457  -7.507  -12.249 1.00 39.12 ? 37  TYR A CE1 1 
ATOM   319  C CE2 . TYR A 1 57  ? -5.062  -9.088  -13.067 1.00 36.76 ? 37  TYR A CE2 1 
ATOM   320  C CZ  . TYR A 1 57  ? -4.286  -7.964  -13.259 1.00 39.55 ? 37  TYR A CZ  1 
ATOM   321  O OH  . TYR A 1 57  ? -4.316  -7.323  -14.459 1.00 40.60 ? 37  TYR A OH  1 
ATOM   322  N N   . ASP A 1 58  ? -6.330  -10.839 -6.988  1.00 39.70 ? 38  ASP A N   1 
ATOM   323  C CA  . ASP A 1 58  ? -6.579  -11.692 -5.802  1.00 38.06 ? 38  ASP A CA  1 
ATOM   324  C C   . ASP A 1 58  ? -5.711  -12.962 -5.919  1.00 39.51 ? 38  ASP A C   1 
ATOM   325  O O   . ASP A 1 58  ? -4.960  -13.102 -6.898  1.00 38.28 ? 38  ASP A O   1 
ATOM   326  C CB  . ASP A 1 58  ? -8.078  -11.917 -5.623  1.00 39.60 ? 38  ASP A CB  1 
ATOM   327  C CG  . ASP A 1 58  ? -8.706  -12.800 -6.697  1.00 48.12 ? 38  ASP A CG  1 
ATOM   328  O OD1 . ASP A 1 58  ? -7.960  -13.649 -7.307  1.00 44.22 ? 38  ASP A OD1 1 
ATOM   329  O OD2 . ASP A 1 58  ? -9.912  -12.593 -6.944  1.00 46.82 ? 38  ASP A OD2 1 
ATOM   330  N N   . SER A 1 59  ? -5.767  -13.824 -4.913  1.00 41.54 ? 39  SER A N   1 
ATOM   331  C CA  . SER A 1 59  ? -4.915  -15.028 -4.782  1.00 44.85 ? 39  SER A CA  1 
ATOM   332  C C   . SER A 1 59  ? -5.196  -16.000 -5.937  1.00 50.67 ? 39  SER A C   1 
ATOM   333  O O   . SER A 1 59  ? -4.364  -16.867 -6.157  1.00 48.07 ? 39  SER A O   1 
ATOM   334  C CB  . SER A 1 59  ? -5.119  -15.682 -3.464  1.00 43.80 ? 39  SER A CB  1 
ATOM   335  O OG  . SER A 1 59  ? -6.455  -16.131 -3.323  1.00 50.90 ? 39  SER A OG  1 
ATOM   336  N N   . SER A 1 60  ? -6.288  -15.814 -6.673  1.00 45.53 ? 40  SER A N   1 
ATOM   337  C CA  . SER A 1 60  ? -6.621  -16.565 -7.907  1.00 49.82 ? 40  SER A CA  1 
ATOM   338  C C   . SER A 1 60  ? -6.142  -15.824 -9.157  1.00 50.97 ? 40  SER A C   1 
ATOM   339  O O   . SER A 1 60  ? -6.458  -16.291 -10.239 1.00 60.53 ? 40  SER A O   1 
ATOM   340  C CB  . SER A 1 60  ? -8.089  -16.830 -7.945  1.00 47.90 ? 40  SER A CB  1 
ATOM   341  O OG  . SER A 1 60  ? -8.431  -17.588 -6.801  1.00 50.95 ? 40  SER A OG  1 
ATOM   342  N N   . ARG A 1 61  ? -5.418  -14.720 -9.027  0.35 41.12 ? 41  ARG A N   1 
ATOM   343  C CA  A ARG A 1 61  ? -4.891  -13.914 -10.165 0.50 43.85 ? 41  ARG A CA  1 
ATOM   344  C CA  B ARG A 1 61  ? -4.891  -13.975 -10.194 0.50 42.19 ? 41  ARG A CA  1 
ATOM   345  C C   . ARG A 1 61  ? -6.028  -13.452 -11.073 0.35 37.19 ? 41  ARG A C   1 
ATOM   346  O O   . ARG A 1 61  ? -5.764  -13.154 -12.239 0.35 31.05 ? 41  ARG A O   1 
ATOM   347  C CB  A ARG A 1 61  ? -3.796  -14.629 -10.973 0.50 48.73 ? 41  ARG A CB  1 
ATOM   348  C CB  B ARG A 1 61  ? -3.905  -14.868 -10.953 0.50 44.72 ? 41  ARG A CB  1 
ATOM   349  C CG  A ARG A 1 61  ? -2.415  -13.985 -10.836 0.50 50.19 ? 41  ARG A CG  1 
ATOM   350  C CG  B ARG A 1 61  ? -2.792  -15.397 -10.058 0.50 43.41 ? 41  ARG A CG  1 
ATOM   351  C CD  A ARG A 1 61  ? -1.493  -14.150 -12.032 0.50 51.42 ? 41  ARG A CD  1 
ATOM   352  C CD  B ARG A 1 61  ? -2.385  -14.361 -9.026  0.50 45.29 ? 41  ARG A CD  1 
ATOM   353  N NE  A ARG A 1 61  ? -1.380  -12.964 -12.882 0.50 50.85 ? 41  ARG A NE  1 
ATOM   354  N NE  B ARG A 1 61  ? -1.114  -14.654 -8.395  0.50 45.45 ? 41  ARG A NE  1 
ATOM   355  C CZ  A ARG A 1 61  ? -2.288  -12.592 -13.768 0.50 48.76 ? 41  ARG A CZ  1 
ATOM   356  C CZ  B ARG A 1 61  ? -0.847  -14.421 -7.124  0.50 44.86 ? 41  ARG A CZ  1 
ATOM   357  N NH1 A ARG A 1 61  ? -2.107  -11.524 -14.524 0.50 46.87 ? 41  ARG A NH1 1 
ATOM   358  N NH1 B ARG A 1 61  ? 0.345   -14.717 -6.640  0.50 44.01 ? 41  ARG A NH1 1 
ATOM   359  N NH2 A ARG A 1 61  ? -3.390  -13.299 -13.897 0.50 51.71 ? 41  ARG A NH2 1 
ATOM   360  N NH2 B ARG A 1 61  ? -1.766  -13.872 -6.349  0.50 44.46 ? 41  ARG A NH2 1 
ATOM   361  N N   . GLU A 1 62  ? -7.217  -13.333 -10.503 1.00 40.75 ? 42  GLU A N   1 
ATOM   362  C CA  . GLU A 1 62  ? -8.320  -12.496 -11.053 1.00 42.40 ? 42  GLU A CA  1 
ATOM   363  C C   . GLU A 1 62  ? -8.144  -11.036 -10.582 1.00 43.61 ? 42  GLU A C   1 
ATOM   364  O O   . GLU A 1 62  ? -7.747  -10.830 -9.413  1.00 44.71 ? 42  GLU A O   1 
ATOM   365  C CB  . GLU A 1 62  ? -9.664  -12.979 -10.511 1.00 53.27 ? 42  GLU A CB  1 
ATOM   366  C CG  . GLU A 1 62  ? -9.960  -14.450 -10.763 1.00 64.22 ? 42  GLU A CG  1 
ATOM   367  C CD  . GLU A 1 62  ? -10.674 -14.720 -12.071 1.00 68.81 ? 42  GLU A CD  1 
ATOM   368  O OE1 . GLU A 1 62  ? -11.381 -15.744 -12.151 1.00 86.03 ? 42  GLU A OE1 1 
ATOM   369  O OE2 . GLU A 1 62  ? -10.525 -13.901 -13.002 1.00 73.18 ? 42  GLU A OE2 1 
ATOM   370  N N   . LEU A 1 63  ? -8.490  -10.063 -11.418 1.00 42.11 ? 43  LEU A N   1 
ATOM   371  C CA  . LEU A 1 63  ? -8.477  -8.614  -11.082 1.00 43.06 ? 43  LEU A CA  1 
ATOM   372  C C   . LEU A 1 63  ? -9.322  -8.309  -9.835  1.00 43.16 ? 43  LEU A C   1 
ATOM   373  O O   . LEU A 1 63  ? -10.493 -8.783  -9.691  1.00 39.26 ? 43  LEU A O   1 
ATOM   374  C CB  . LEU A 1 63  ? -8.947  -7.811  -12.291 1.00 45.32 ? 43  LEU A CB  1 
ATOM   375  C CG  . LEU A 1 63  ? -8.815  -6.286  -12.180 1.00 42.80 ? 43  LEU A CG  1 
ATOM   376  C CD1 . LEU A 1 63  ? -7.355  -5.843  -12.118 1.00 40.22 ? 43  LEU A CD1 1 
ATOM   377  C CD2 . LEU A 1 63  ? -9.511  -5.622  -13.343 1.00 42.22 ? 43  LEU A CD2 1 
ATOM   378  N N   . LEU A 1 64  ? -8.721  -7.580  -8.897  1.00 37.79 ? 44  LEU A N   1 
ATOM   379  C CA  . LEU A 1 64  ? -9.429  -7.103  -7.691  1.00 36.12 ? 44  LEU A CA  1 
ATOM   380  C C   . LEU A 1 64  ? -9.715  -5.615  -7.864  1.00 35.41 ? 44  LEU A C   1 
ATOM   381  O O   . LEU A 1 64  ? -10.837 -5.157  -7.481  1.00 37.69 ? 44  LEU A O   1 
ATOM   382  C CB  . LEU A 1 64  ? -8.591  -7.412  -6.456  1.00 39.96 ? 44  LEU A CB  1 
ATOM   383  C CG  . LEU A 1 64  ? -9.231  -7.100  -5.111  1.00 35.89 ? 44  LEU A CG  1 
ATOM   384  C CD1 . LEU A 1 64  ? -10.462 -7.974  -4.827  1.00 38.44 ? 44  LEU A CD1 1 
ATOM   385  C CD2 . LEU A 1 64  ? -8.198  -7.306  -4.012  1.00 37.32 ? 44  LEU A CD2 1 
ATOM   386  N N   . GLY A 1 65  ? -8.773  -4.885  -8.447  1.00 38.18 ? 45  GLY A N   1 
ATOM   387  C CA  . GLY A 1 65  ? -8.938  -3.477  -8.818  1.00 36.88 ? 45  GLY A CA  1 
ATOM   388  C C   . GLY A 1 65  ? -7.604  -2.784  -9.002  1.00 39.07 ? 45  GLY A C   1 
ATOM   389  O O   . GLY A 1 65  ? -6.621  -3.439  -9.437  1.00 36.99 ? 45  GLY A O   1 
ATOM   390  N N   . ILE A 1 66  ? -7.577  -1.497  -8.664  1.00 34.53 ? 46  ILE A N   1 
ATOM   391  C CA  . ILE A 1 66  ? -6.395  -0.620  -8.876  1.00 31.84 ? 46  ILE A CA  1 
ATOM   392  C C   . ILE A 1 66  ? -6.156  0.208   -7.597  1.00 34.15 ? 46  ILE A C   1 
ATOM   393  O O   . ILE A 1 66  ? -7.072  0.380   -6.774  1.00 28.49 ? 46  ILE A O   1 
ATOM   394  C CB  . ILE A 1 66  ? -6.536  0.274   -10.124 1.00 34.02 ? 46  ILE A CB  1 
ATOM   395  C CG1 . ILE A 1 66  ? -7.562  1.384   -9.910  1.00 35.97 ? 46  ILE A CG1 1 
ATOM   396  C CG2 . ILE A 1 66  ? -6.812  -0.529  -11.401 1.00 39.17 ? 46  ILE A CG2 1 
ATOM   397  C CD1 . ILE A 1 66  ? -7.347  2.618   -10.762 1.00 38.48 ? 46  ILE A CD1 1 
ATOM   398  N N   . THR A 1 67  ? -4.943  0.736   -7.466  1.00 32.34 ? 47  THR A N   1 
ATOM   399  C CA  . THR A 1 67  ? -4.606  1.784   -6.485  1.00 31.70 ? 47  THR A CA  1 
ATOM   400  C C   . THR A 1 67  ? -3.830  2.890   -7.194  1.00 30.06 ? 47  THR A C   1 
ATOM   401  O O   . THR A 1 67  ? -3.002  2.634   -8.108  1.00 32.81 ? 47  THR A O   1 
ATOM   402  C CB  . THR A 1 67  ? -3.892  1.239   -5.244  1.00 32.73 ? 47  THR A CB  1 
ATOM   403  O OG1 . THR A 1 67  ? -3.735  2.398   -4.412  1.00 34.21 ? 47  THR A OG1 1 
ATOM   404  C CG2 . THR A 1 67  ? -2.552  0.602   -5.539  1.00 32.60 ? 47  THR A CG2 1 
ATOM   405  N N   . ILE A 1 68  ? -4.140  4.108   -6.817  1.00 27.09 ? 48  ILE A N   1 
ATOM   406  C CA  . ILE A 1 68  ? -3.463  5.325   -7.297  1.00 28.02 ? 48  ILE A CA  1 
ATOM   407  C C   . ILE A 1 68  ? -2.992  6.073   -6.048  1.00 31.74 ? 48  ILE A C   1 
ATOM   408  O O   . ILE A 1 68  ? -3.809  6.272   -5.126  1.00 26.43 ? 48  ILE A O   1 
ATOM   409  C CB  . ILE A 1 68  ? -4.366  6.148   -8.223  1.00 29.89 ? 48  ILE A CB  1 
ATOM   410  C CG1 . ILE A 1 68  ? -4.626  5.401   -9.541  1.00 32.43 ? 48  ILE A CG1 1 
ATOM   411  C CG2 . ILE A 1 68  ? -3.735  7.507   -8.464  1.00 29.33 ? 48  ILE A CG2 1 
ATOM   412  C CD1 . ILE A 1 68  ? -5.414  6.171   -10.559 1.00 35.32 ? 48  ILE A CD1 1 
ATOM   413  N N   . GLY A 1 69  ? -1.709  6.428   -5.999  1.00 27.08 ? 49  GLY A N   1 
ATOM   414  C CA  . GLY A 1 69  ? -1.164  6.982   -4.761  1.00 28.62 ? 49  GLY A CA  1 
ATOM   415  C C   . GLY A 1 69  ? 0.165   7.694   -4.932  1.00 28.15 ? 49  GLY A C   1 
ATOM   416  O O   . GLY A 1 69  ? 0.656   7.879   -6.077  1.00 25.99 ? 49  GLY A O   1 
ATOM   417  N N   . ARG A 1 70  ? 0.663   8.177   -3.811  1.00 27.13 ? 50  ARG A N   1 
ATOM   418  C CA  . ARG A 1 70  ? 1.970   8.893   -3.824  1.00 28.41 ? 50  ARG A CA  1 
ATOM   419  C C   . ARG A 1 70  ? 2.663   8.654   -2.498  1.00 26.50 ? 50  ARG A C   1 
ATOM   420  O O   . ARG A 1 70  ? 2.016   8.148   -1.497  1.00 27.29 ? 50  ARG A O   1 
ATOM   421  C CB  . ARG A 1 70  ? 1.748   10.345  -4.239  1.00 23.41 ? 50  ARG A CB  1 
ATOM   422  C CG  . ARG A 1 70  ? 0.978   11.216  -3.249  1.00 26.12 ? 50  ARG A CG  1 
ATOM   423  C CD  . ARG A 1 70  ? 1.851   11.968  -2.260  1.00 22.83 ? 50  ARG A CD  1 
ATOM   424  N NE  . ARG A 1 70  ? 2.410   13.145  -2.916  1.00 24.46 ? 50  ARG A NE  1 
ATOM   425  C CZ  . ARG A 1 70  ? 3.219   14.023  -2.326  1.00 24.01 ? 50  ARG A CZ  1 
ATOM   426  N NH1 . ARG A 1 70  ? 3.637   13.811  -1.097  1.00 26.35 ? 50  ARG A NH1 1 
ATOM   427  N NH2 . ARG A 1 70  ? 3.639   15.091  -2.978  1.00 24.08 ? 50  ARG A NH2 1 
ATOM   428  N N   . TYR A 1 71  ? 3.935   9.056   -2.433  1.00 26.98 ? 51  TYR A N   1 
ATOM   429  C CA  . TYR A 1 71  ? 4.733   8.886   -1.196  1.00 26.12 ? 51  TYR A CA  1 
ATOM   430  C C   . TYR A 1 71  ? 5.834   9.949   -1.157  1.00 25.73 ? 51  TYR A C   1 
ATOM   431  O O   . TYR A 1 71  ? 6.169   10.517  -2.188  1.00 24.33 ? 51  TYR A O   1 
ATOM   432  C CB  . TYR A 1 71  ? 5.220   7.447   -1.082  1.00 24.39 ? 51  TYR A CB  1 
ATOM   433  C CG  . TYR A 1 71  ? 6.110   7.047   -2.215  1.00 31.60 ? 51  TYR A CG  1 
ATOM   434  C CD1 . TYR A 1 71  ? 5.581   6.638   -3.436  1.00 32.24 ? 51  TYR A CD1 1 
ATOM   435  C CD2 . TYR A 1 71  ? 7.498   7.129   -2.098  1.00 34.78 ? 51  TYR A CD2 1 
ATOM   436  C CE1 . TYR A 1 71  ? 6.412   6.290   -4.495  1.00 38.12 ? 51  TYR A CE1 1 
ATOM   437  C CE2 . TYR A 1 71  ? 8.336   6.752   -3.142  1.00 35.43 ? 51  TYR A CE2 1 
ATOM   438  C CZ  . TYR A 1 71  ? 7.790   6.372   -4.355  1.00 40.07 ? 51  TYR A CZ  1 
ATOM   439  O OH  . TYR A 1 71  ? 8.605   6.017   -5.388  1.00 51.38 ? 51  TYR A OH  1 
ATOM   440  N N   . GLU A 1 72  ? 6.328   10.228  0.037   1.00 28.29 ? 52  GLU A N   1 
ATOM   441  C CA  . GLU A 1 72  ? 7.261   11.348  0.270   1.00 27.02 ? 52  GLU A CA  1 
ATOM   442  C C   . GLU A 1 72  ? 8.204   10.923  1.376   1.00 27.78 ? 52  GLU A C   1 
ATOM   443  O O   . GLU A 1 72  ? 7.721   10.447  2.444   1.00 25.25 ? 52  GLU A O   1 
ATOM   444  C CB  . GLU A 1 72  ? 6.526   12.614  0.664   1.00 26.80 ? 52  GLU A CB  1 
ATOM   445  C CG  . GLU A 1 72  ? 7.449   13.791  0.862   1.00 27.13 ? 52  GLU A CG  1 
ATOM   446  C CD  . GLU A 1 72  ? 6.769   15.128  0.972   1.00 29.77 ? 52  GLU A CD  1 
ATOM   447  O OE1 . GLU A 1 72  ? 5.509   15.175  0.838   1.00 28.52 ? 52  GLU A OE1 1 
ATOM   448  O OE2 . GLU A 1 72  ? 7.496   16.139  1.111   1.00 32.50 ? 52  GLU A OE2 1 
ATOM   449  N N   . ILE A 1 73  ? 9.514   11.095  1.130   1.00 25.63 ? 53  ILE A N   1 
ATOM   450  C CA  . ILE A 1 73  ? 10.515  10.903  2.214   1.00 26.97 ? 53  ILE A CA  1 
ATOM   451  C C   . ILE A 1 73  ? 10.318  12.057  3.180   1.00 23.82 ? 53  ILE A C   1 
ATOM   452  O O   . ILE A 1 73  ? 10.445  13.220  2.736   1.00 26.10 ? 53  ILE A O   1 
ATOM   453  C CB  . ILE A 1 73  ? 11.960  10.937  1.640   1.00 28.02 ? 53  ILE A CB  1 
ATOM   454  C CG1 . ILE A 1 73  ? 12.149  9.988   0.453   1.00 28.95 ? 53  ILE A CG1 1 
ATOM   455  C CG2 . ILE A 1 73  ? 12.942  10.684  2.767   1.00 28.60 ? 53  ILE A CG2 1 
ATOM   456  C CD1 . ILE A 1 73  ? 11.877  8.531   0.753   1.00 32.97 ? 53  ILE A CD1 1 
ATOM   457  N N   . ARG A 1 74  ? 10.036  11.821  4.453   1.00 26.99 ? 54  ARG A N   1 
ATOM   458  C CA  . ARG A 1 74  ? 9.652   12.977  5.297   1.00 25.75 ? 54  ARG A CA  1 
ATOM   459  C C   . ARG A 1 74  ? 10.730  13.290  6.343   1.00 25.99 ? 54  ARG A C   1 
ATOM   460  O O   . ARG A 1 74  ? 10.914  14.458  6.679   1.00 27.32 ? 54  ARG A O   1 
ATOM   461  C CB  . ARG A 1 74  ? 8.293   12.723  5.967   1.00 29.33 ? 54  ARG A CB  1 
ATOM   462  C CG  . ARG A 1 74  ? 7.121   12.829  5.002   1.00 26.16 ? 54  ARG A CG  1 
ATOM   463  C CD  . ARG A 1 74  ? 6.844   14.265  4.606   1.00 29.28 ? 54  ARG A CD  1 
ATOM   464  N NE  . ARG A 1 74  ? 6.269   14.933  5.761   1.00 33.38 ? 54  ARG A NE  1 
ATOM   465  C CZ  . ARG A 1 74  ? 5.001   14.809  6.190   1.00 38.92 ? 54  ARG A CZ  1 
ATOM   466  N NH1 . ARG A 1 74  ? 4.084   14.124  5.503   1.00 31.95 ? 54  ARG A NH1 1 
ATOM   467  N NH2 . ARG A 1 74  ? 4.667   15.374  7.339   1.00 38.58 ? 54  ARG A NH2 1 
ATOM   468  N N   . TYR A 1 75  ? 11.326  12.300  6.933   1.00 26.90 ? 55  TYR A N   1 
ATOM   469  C CA  . TYR A 1 75  ? 12.353  12.536  7.980   1.00 30.76 ? 55  TYR A CA  1 
ATOM   470  C C   . TYR A 1 75  ? 13.171  11.278  8.230   1.00 31.06 ? 55  TYR A C   1 
ATOM   471  O O   . TYR A 1 75  ? 12.723  10.178  7.845   1.00 32.54 ? 55  TYR A O   1 
ATOM   472  C CB  . TYR A 1 75  ? 11.724  13.022  9.290   1.00 30.96 ? 55  TYR A CB  1 
ATOM   473  C CG  . TYR A 1 75  ? 10.803  12.057  10.014  1.00 30.49 ? 55  TYR A CG  1 
ATOM   474  C CD1 . TYR A 1 75  ? 9.426   12.070  9.822   1.00 31.82 ? 55  TYR A CD1 1 
ATOM   475  C CD2 . TYR A 1 75  ? 11.289  11.233  11.010  1.00 28.34 ? 55  TYR A CD2 1 
ATOM   476  C CE1 . TYR A 1 75  ? 8.578   11.245  10.547  1.00 29.22 ? 55  TYR A CE1 1 
ATOM   477  C CE2 . TYR A 1 75  ? 10.469  10.400  11.742  1.00 31.98 ? 55  TYR A CE2 1 
ATOM   478  C CZ  . TYR A 1 75  ? 9.099   10.399  11.505  1.00 29.73 ? 55  TYR A CZ  1 
ATOM   479  O OH  . TYR A 1 75  ? 8.361   9.547   12.267  1.00 29.67 ? 55  TYR A OH  1 
ATOM   480  N N   . LYS A 1 76  ? 14.349  11.468  8.862   1.00 32.88 ? 56  LYS A N   1 
ATOM   481  C CA  . LYS A 1 76  ? 15.272  10.365  9.224   1.00 34.57 ? 56  LYS A CA  1 
ATOM   482  C C   . LYS A 1 76  ? 15.432  10.343  10.744  1.00 29.87 ? 56  LYS A C   1 
ATOM   483  O O   . LYS A 1 76  ? 15.393  11.389  11.410  1.00 34.74 ? 56  LYS A O   1 
ATOM   484  C CB  . LYS A 1 76  ? 16.600  10.486  8.467   1.00 36.91 ? 56  LYS A CB  1 
ATOM   485  C CG  . LYS A 1 76  ? 16.461  10.483  6.954   1.00 40.12 ? 56  LYS A CG  1 
ATOM   486  C CD  . LYS A 1 76  ? 17.784  10.521  6.204   1.00 48.57 ? 56  LYS A CD  1 
ATOM   487  C CE  . LYS A 1 76  ? 17.702  11.216  4.857   1.00 50.65 ? 56  LYS A CE  1 
ATOM   488  N NZ  . LYS A 1 76  ? 18.960  11.080  4.080   1.00 49.53 ? 56  LYS A NZ  1 
ATOM   489  N N   . LYS A 1 77  ? 15.522  9.153   11.279  1.00 29.96 ? 57  LYS A N   1 
ATOM   490  C CA  . LYS A 1 77  ? 15.747  8.983   12.717  1.00 31.42 ? 57  LYS A CA  1 
ATOM   491  C C   . LYS A 1 77  ? 17.240  8.725   12.987  1.00 32.31 ? 57  LYS A C   1 
ATOM   492  O O   . LYS A 1 77  ? 17.935  8.190   12.096  1.00 30.54 ? 57  LYS A O   1 
ATOM   493  C CB  . LYS A 1 77  ? 14.892  7.819   13.189  1.00 31.78 ? 57  LYS A CB  1 
ATOM   494  C CG  . LYS A 1 77  ? 13.404  8.174   13.193  1.00 38.30 ? 57  LYS A CG  1 
ATOM   495  C CD  . LYS A 1 77  ? 12.675  7.645   14.373  1.00 36.58 ? 57  LYS A CD  1 
ATOM   496  C CE  . LYS A 1 77  ? 12.524  6.158   14.261  1.00 39.77 ? 57  LYS A CE  1 
ATOM   497  N NZ  . LYS A 1 77  ? 12.027  5.618   15.540  1.00 37.96 ? 57  LYS A NZ  1 
ATOM   498  N N   . VAL A 1 78  ? 17.631  8.945   14.231  1.00 35.13 ? 58  VAL A N   1 
ATOM   499  C CA  . VAL A 1 78  ? 19.036  8.771   14.722  1.00 39.84 ? 58  VAL A CA  1 
ATOM   500  C C   . VAL A 1 78  ? 19.496  7.347   14.416  1.00 38.26 ? 58  VAL A C   1 
ATOM   501  O O   . VAL A 1 78  ? 20.561  7.189   13.854  1.00 50.24 ? 58  VAL A O   1 
ATOM   502  C CB  . VAL A 1 78  ? 19.162  9.100   16.219  1.00 36.73 ? 58  VAL A CB  1 
ATOM   503  C CG1 . VAL A 1 78  ? 18.724  10.510  16.494  1.00 43.82 ? 58  VAL A CG1 1 
ATOM   504  C CG2 . VAL A 1 78  ? 18.364  8.163   17.081  1.00 42.75 ? 58  VAL A CG2 1 
ATOM   505  N N   . GLY A 1 79  ? 18.660  6.368   14.704  1.00 35.66 ? 59  GLY A N   1 
ATOM   506  C CA  . GLY A 1 79  ? 18.848  4.950   14.389  1.00 38.20 ? 59  GLY A CA  1 
ATOM   507  C C   . GLY A 1 79  ? 18.864  4.623   12.898  1.00 42.49 ? 59  GLY A C   1 
ATOM   508  O O   . GLY A 1 79  ? 19.078  3.460   12.620  1.00 43.00 ? 59  GLY A O   1 
ATOM   509  N N   . GLY A 1 80  ? 18.629  5.573   11.989  1.00 39.45 ? 60  GLY A N   1 
ATOM   510  C CA  . GLY A 1 80  ? 18.740  5.341   10.532  1.00 37.97 ? 60  GLY A CA  1 
ATOM   511  C C   . GLY A 1 80  ? 17.413  5.082   9.797   1.00 37.70 ? 60  GLY A C   1 
ATOM   512  O O   . GLY A 1 80  ? 17.470  4.928   8.573   1.00 36.54 ? 60  GLY A O   1 
ATOM   513  N N   . ALA A 1 81  ? 16.266  4.973   10.472  1.00 36.23 ? 61  ALA A N   1 
ATOM   514  C CA  . ALA A 1 81  ? 14.971  4.763   9.784   1.00 32.95 ? 61  ALA A CA  1 
ATOM   515  C C   . ALA A 1 81  ? 14.719  5.976   8.891   1.00 30.07 ? 61  ALA A C   1 
ATOM   516  O O   . ALA A 1 81  ? 15.060  7.156   9.257   1.00 28.28 ? 61  ALA A O   1 
ATOM   517  C CB  . ALA A 1 81  ? 13.839  4.519   10.768  1.00 31.81 ? 61  ALA A CB  1 
ATOM   518  N N   . VAL A 1 82  ? 14.166  5.694   7.716   1.00 31.30 ? 62  VAL A N   1 
ATOM   519  C CA  . VAL A 1 82  ? 13.796  6.716   6.706   1.00 29.35 ? 62  VAL A CA  1 
ATOM   520  C C   . VAL A 1 82  ? 12.251  6.730   6.579   1.00 29.79 ? 62  VAL A C   1 
ATOM   521  O O   . VAL A 1 82  ? 11.649  5.909   5.889   1.00 31.02 ? 62  VAL A O   1 
ATOM   522  C CB  . VAL A 1 82  ? 14.538  6.482   5.383   1.00 32.05 ? 62  VAL A CB  1 
ATOM   523  C CG1 . VAL A 1 82  ? 14.141  7.524   4.345   1.00 32.67 ? 62  VAL A CG1 1 
ATOM   524  C CG2 . VAL A 1 82  ? 16.072  6.446   5.572   1.00 37.51 ? 62  VAL A CG2 1 
ATOM   525  N N   . LEU A 1 83  ? 11.635  7.659   7.280   1.00 29.58 ? 63  LEU A N   1 
ATOM   526  C CA  . LEU A 1 83  ? 10.178  7.670   7.473   1.00 28.71 ? 63  LEU A CA  1 
ATOM   527  C C   . LEU A 1 83  ? 9.562   8.385   6.269   1.00 25.18 ? 63  LEU A C   1 
ATOM   528  O O   . LEU A 1 83  ? 9.940   9.533   5.910   1.00 27.07 ? 63  LEU A O   1 
ATOM   529  C CB  . LEU A 1 83  ? 9.829   8.290   8.827   1.00 27.05 ? 63  LEU A CB  1 
ATOM   530  C CG  . LEU A 1 83  ? 9.696   7.308   9.989   1.00 33.40 ? 63  LEU A CG  1 
ATOM   531  C CD1 . LEU A 1 83  ? 8.557   6.318   9.811   1.00 32.64 ? 63  LEU A CD1 1 
ATOM   532  C CD2 . LEU A 1 83  ? 11.002  6.555   10.230  1.00 32.14 ? 63  LEU A CD2 1 
ATOM   533  N N   . THR A 1 84  ? 8.681   7.633   5.641   1.00 26.28 ? 64  THR A N   1 
ATOM   534  C CA  . THR A 1 84  ? 8.099   7.882   4.315   1.00 27.01 ? 64  THR A CA  1 
ATOM   535  C C   . THR A 1 84  ? 6.566   7.873   4.478   1.00 26.49 ? 64  THR A C   1 
ATOM   536  O O   . THR A 1 84  ? 6.031   6.889   5.042   1.00 25.98 ? 64  THR A O   1 
ATOM   537  C CB  . THR A 1 84  ? 8.631   6.812   3.345   1.00 29.06 ? 64  THR A CB  1 
ATOM   538  O OG1 . THR A 1 84  ? 10.062  6.834   3.379   1.00 29.40 ? 64  THR A OG1 1 
ATOM   539  C CG2 . THR A 1 84  ? 8.215   7.058   1.919   1.00 30.49 ? 64  THR A CG2 1 
ATOM   540  N N   . TYR A 1 85  ? 5.905   8.900   3.953   1.00 27.11 ? 65  TYR A N   1 
ATOM   541  C CA  . TYR A 1 85  ? 4.435   9.060   4.091   1.00 26.66 ? 65  TYR A CA  1 
ATOM   542  C C   . TYR A 1 85  ? 3.770   8.726   2.778   1.00 23.36 ? 65  TYR A C   1 
ATOM   543  O O   . TYR A 1 85  ? 4.027   9.429   1.786   1.00 25.63 ? 65  TYR A O   1 
ATOM   544  C CB  . TYR A 1 85  ? 4.057   10.446  4.589   1.00 25.09 ? 65  TYR A CB  1 
ATOM   545  C CG  . TYR A 1 85  ? 2.665   10.463  5.185   1.00 25.28 ? 65  TYR A CG  1 
ATOM   546  C CD1 . TYR A 1 85  ? 2.477   10.073  6.495   1.00 27.73 ? 65  TYR A CD1 1 
ATOM   547  C CD2 . TYR A 1 85  ? 1.548   10.746  4.406   1.00 26.02 ? 65  TYR A CD2 1 
ATOM   548  C CE1 . TYR A 1 85  ? 1.216   10.052  7.058   1.00 27.62 ? 65  TYR A CE1 1 
ATOM   549  C CE2 . TYR A 1 85  ? 0.273   10.746  4.962   1.00 27.18 ? 65  TYR A CE2 1 
ATOM   550  C CZ  . TYR A 1 85  ? 0.115   10.384  6.287   1.00 27.67 ? 65  TYR A CZ  1 
ATOM   551  O OH  . TYR A 1 85  ? -1.127  10.323  6.854   1.00 28.04 ? 65  TYR A OH  1 
ATOM   552  N N   . TYR A 1 86  ? 2.900   7.711   2.827   1.00 24.92 ? 66  TYR A N   1 
ATOM   553  C CA  . TYR A 1 86  ? 2.129   7.179   1.687   1.00 23.56 ? 66  TYR A CA  1 
ATOM   554  C C   . TYR A 1 86  ? 0.651   7.606   1.835   1.00 24.71 ? 66  TYR A C   1 
ATOM   555  O O   . TYR A 1 86  ? 0.093   7.649   2.967   1.00 23.67 ? 66  TYR A O   1 
ATOM   556  C CB  . TYR A 1 86  ? 2.184   5.653   1.669   1.00 26.96 ? 66  TYR A CB  1 
ATOM   557  C CG  . TYR A 1 86  ? 3.492   5.074   1.240   1.00 31.61 ? 66  TYR A CG  1 
ATOM   558  C CD1 . TYR A 1 86  ? 4.536   4.946   2.147   1.00 32.63 ? 66  TYR A CD1 1 
ATOM   559  C CD2 . TYR A 1 86  ? 3.684   4.609   -0.058  1.00 31.89 ? 66  TYR A CD2 1 
ATOM   560  C CE1 . TYR A 1 86  ? 5.757   4.426   1.761   1.00 29.37 ? 66  TYR A CE1 1 
ATOM   561  C CE2 . TYR A 1 86  ? 4.900   4.036   -0.436  1.00 31.38 ? 66  TYR A CE2 1 
ATOM   562  C CZ  . TYR A 1 86  ? 5.945   3.991   0.463   1.00 32.33 ? 66  TYR A CZ  1 
ATOM   563  O OH  . TYR A 1 86  ? 7.151   3.464   0.099   1.00 36.18 ? 66  TYR A OH  1 
ATOM   564  N N   . SER A 1 87  ? 0.056   7.951   0.713   1.00 24.42 ? 67  SER A N   1 
ATOM   565  C CA  A SER A 1 87  ? -1.391  8.234   0.571   0.50 26.45 ? 67  SER A CA  1 
ATOM   566  C CA  B SER A 1 87  ? -1.403  8.204   0.588   0.50 26.69 ? 67  SER A CA  1 
ATOM   567  C C   . SER A 1 87  ? -1.888  7.624   -0.731  1.00 26.98 ? 67  SER A C   1 
ATOM   568  O O   . SER A 1 87  ? -1.279  7.954   -1.795  1.00 26.30 ? 67  SER A O   1 
ATOM   569  C CB  A SER A 1 87  ? -1.646  9.702   0.575   0.50 24.83 ? 67  SER A CB  1 
ATOM   570  C CB  B SER A 1 87  ? -1.726  9.660   0.638   0.50 25.31 ? 67  SER A CB  1 
ATOM   571  O OG  A SER A 1 87  ? -2.992  9.948   0.888   0.50 25.92 ? 67  SER A OG  1 
ATOM   572  O OG  B SER A 1 87  ? -1.000  10.332  -0.373  0.50 27.37 ? 67  SER A OG  1 
ATOM   573  N N   . GLU A 1 88  ? -2.981  6.868   -0.664  1.00 26.17 ? 68  GLU A N   1 
ATOM   574  C CA  . GLU A 1 88  ? -3.540  6.267   -1.879  1.00 25.53 ? 68  GLU A CA  1 
ATOM   575  C C   . GLU A 1 88  ? -5.066  6.043   -1.761  1.00 25.78 ? 68  GLU A C   1 
ATOM   576  O O   . GLU A 1 88  ? -5.606  5.942   -0.647  1.00 22.22 ? 68  GLU A O   1 
ATOM   577  C CB  . GLU A 1 88  ? -2.847  4.939   -2.175  1.00 22.93 ? 68  GLU A CB  1 
ATOM   578  C CG  . GLU A 1 88  ? -3.071  3.899   -1.150  1.00 23.89 ? 68  GLU A CG  1 
ATOM   579  C CD  . GLU A 1 88  ? -2.126  2.731   -1.241  1.00 26.85 ? 68  GLU A CD  1 
ATOM   580  O OE1 . GLU A 1 88  ? -1.867  2.264   -2.399  1.00 31.46 ? 68  GLU A OE1 1 
ATOM   581  O OE2 . GLU A 1 88  ? -1.775  2.216   -0.150  1.00 28.69 ? 68  GLU A OE2 1 
ATOM   582  N N   . ASP A 1 89  ? -5.656  5.805   -2.910  1.00 24.31 ? 69  ASP A N   1 
ATOM   583  C CA  . ASP A 1 89  ? -7.075  5.365   -3.040  1.00 26.22 ? 69  ASP A CA  1 
ATOM   584  C C   . ASP A 1 89  ? -7.116  4.072   -3.870  1.00 28.31 ? 69  ASP A C   1 
ATOM   585  O O   . ASP A 1 89  ? -6.553  4.066   -4.983  1.00 28.54 ? 69  ASP A O   1 
ATOM   586  C CB  . ASP A 1 89  ? -7.873  6.507   -3.618  1.00 23.00 ? 69  ASP A CB  1 
ATOM   587  C CG  . ASP A 1 89  ? -7.764  7.743   -2.746  1.00 27.17 ? 69  ASP A CG  1 
ATOM   588  O OD1 . ASP A 1 89  ? -8.254  7.686   -1.620  1.00 26.03 ? 69  ASP A OD1 1 
ATOM   589  O OD2 . ASP A 1 89  ? -7.138  8.727   -3.201  1.00 24.74 ? 69  ASP A OD2 1 
ATOM   590  N N   . LEU A 1 90  ? -7.765  3.047   -3.316  1.00 29.39 ? 70  LEU A N   1 
ATOM   591  C CA  . LEU A 1 90  ? -7.959  1.711   -3.929  1.00 29.76 ? 70  LEU A CA  1 
ATOM   592  C C   . LEU A 1 90  ? -9.412  1.609   -4.407  1.00 31.89 ? 70  LEU A C   1 
ATOM   593  O O   . LEU A 1 90  ? -10.340 1.913   -3.604  1.00 28.31 ? 70  LEU A O   1 
ATOM   594  C CB  . LEU A 1 90  ? -7.602  0.656   -2.893  1.00 30.62 ? 70  LEU A CB  1 
ATOM   595  C CG  . LEU A 1 90  ? -6.169  0.762   -2.349  1.00 30.13 ? 70  LEU A CG  1 
ATOM   596  C CD1 . LEU A 1 90  ? -6.153  1.426   -0.976  1.00 28.58 ? 70  LEU A CD1 1 
ATOM   597  C CD2 . LEU A 1 90  ? -5.501  -0.601  -2.267  1.00 34.19 ? 70  LEU A CD2 1 
ATOM   598  N N   . PHE A 1 91  ? -9.567  1.378   -5.707  1.00 30.71 ? 71  PHE A N   1 
ATOM   599  C CA  . PHE A 1 91  ? -10.868 1.225   -6.406  1.00 32.18 ? 71  PHE A CA  1 
ATOM   600  C C   . PHE A 1 91  ? -10.991 -0.260  -6.754  1.00 33.16 ? 71  PHE A C   1 
ATOM   601  O O   . PHE A 1 91  ? -10.254 -0.725  -7.634  1.00 38.84 ? 71  PHE A O   1 
ATOM   602  C CB  . PHE A 1 91  ? -10.851 2.149   -7.616  1.00 29.96 ? 71  PHE A CB  1 
ATOM   603  C CG  . PHE A 1 91  ? -10.869 3.603   -7.237  1.00 31.57 ? 71  PHE A CG  1 
ATOM   604  C CD1 . PHE A 1 91  ? -12.063 4.278   -7.040  1.00 29.23 ? 71  PHE A CD1 1 
ATOM   605  C CD2 . PHE A 1 91  ? -9.664  4.290   -7.045  1.00 34.39 ? 71  PHE A CD2 1 
ATOM   606  C CE1 . PHE A 1 91  ? -12.076 5.619   -6.688  1.00 29.43 ? 71  PHE A CE1 1 
ATOM   607  C CE2 . PHE A 1 91  ? -9.673  5.635   -6.727  1.00 31.59 ? 71  PHE A CE2 1 
ATOM   608  C CZ  . PHE A 1 91  ? -10.873 6.294   -6.513  1.00 32.06 ? 71  PHE A CZ  1 
ATOM   609  N N   . LEU A 1 92  ? -11.683 -1.007  -5.920  1.00 32.01 ? 72  LEU A N   1 
ATOM   610  C CA  . LEU A 1 92  ? -11.787 -2.478  -6.038  1.00 34.01 ? 72  LEU A CA  1 
ATOM   611  C C   . LEU A 1 92  ? -13.187 -2.910  -6.524  1.00 39.09 ? 72  LEU A C   1 
ATOM   612  O O   . LEU A 1 92  ? -14.129 -2.077  -6.541  1.00 33.18 ? 72  LEU A O   1 
ATOM   613  C CB  . LEU A 1 92  ? -11.447 -3.112  -4.692  1.00 32.44 ? 72  LEU A CB  1 
ATOM   614  C CG  . LEU A 1 92  ? -10.184 -2.580  -4.018  1.00 32.29 ? 72  LEU A CG  1 
ATOM   615  C CD1 . LEU A 1 92  ? -9.918  -3.304  -2.747  1.00 33.70 ? 72  LEU A CD1 1 
ATOM   616  C CD2 . LEU A 1 92  ? -8.978  -2.702  -4.931  1.00 34.24 ? 72  LEU A CD2 1 
ATOM   617  N N   . ARG A 1 93  ? -13.284 -4.176  -6.969  1.00 40.38 ? 73  ARG A N   1 
ATOM   618  C CA  A ARG A 1 93  ? -14.530 -4.767  -7.535  0.50 39.59 ? 73  ARG A CA  1 
ATOM   619  C CA  B ARG A 1 93  ? -14.535 -4.762  -7.530  0.50 39.28 ? 73  ARG A CA  1 
ATOM   620  C C   . ARG A 1 93  ? -15.647 -4.625  -6.473  1.00 38.88 ? 73  ARG A C   1 
ATOM   621  O O   . ARG A 1 93  ? -16.756 -4.290  -6.849  1.00 42.13 ? 73  ARG A O   1 
ATOM   622  C CB  A ARG A 1 93  ? -14.241 -6.181  -8.082  0.50 37.34 ? 73  ARG A CB  1 
ATOM   623  C CB  B ARG A 1 93  ? -14.312 -6.218  -7.966  0.50 36.89 ? 73  ARG A CB  1 
ATOM   624  C CG  A ARG A 1 93  ? -13.855 -7.257  -7.062  0.50 39.18 ? 73  ARG A CG  1 
ATOM   625  C CG  B ARG A 1 93  ? -14.238 -7.219  -6.818  0.50 37.51 ? 73  ARG A CG  1 
ATOM   626  C CD  A ARG A 1 93  ? -13.388 -8.588  -7.674  0.50 37.44 ? 73  ARG A CD  1 
ATOM   627  C CD  B ARG A 1 93  ? -14.405 -8.674  -7.224  0.50 34.61 ? 73  ARG A CD  1 
ATOM   628  N NE  A ARG A 1 93  ? -13.015 -9.595  -6.675  0.50 39.64 ? 73  ARG A NE  1 
ATOM   629  N NE  B ARG A 1 93  ? -13.807 -9.524  -6.208  0.50 34.44 ? 73  ARG A NE  1 
ATOM   630  C CZ  A ARG A 1 93  ? -11.994 -10.441 -6.783  0.50 35.50 ? 73  ARG A CZ  1 
ATOM   631  C CZ  B ARG A 1 93  ? -14.426 -9.909  -5.113  0.50 31.12 ? 73  ARG A CZ  1 
ATOM   632  N NH1 A ARG A 1 93  ? -11.726 -11.285 -5.802  0.50 42.07 ? 73  ARG A NH1 1 
ATOM   633  N NH1 B ARG A 1 93  ? -13.789 -10.676 -4.252  0.50 31.19 ? 73  ARG A NH1 1 
ATOM   634  N NH2 A ARG A 1 93  ? -11.212 -10.406 -7.836  0.50 31.07 ? 73  ARG A NH2 1 
ATOM   635  N NH2 B ARG A 1 93  ? -15.677 -9.535  -4.900  0.50 29.13 ? 73  ARG A NH2 1 
ATOM   636  N N   . ASP A 1 94  ? -15.324 -4.771  -5.186  1.00 36.62 ? 74  ASP A N   1 
ATOM   637  C CA  . ASP A 1 94  ? -16.303 -4.801  -4.068  1.00 35.92 ? 74  ASP A CA  1 
ATOM   638  C C   . ASP A 1 94  ? -16.346 -3.483  -3.253  1.00 37.92 ? 74  ASP A C   1 
ATOM   639  O O   . ASP A 1 94  ? -17.105 -3.412  -2.286  1.00 33.03 ? 74  ASP A O   1 
ATOM   640  C CB  . ASP A 1 94  ? -16.016 -6.027  -3.210  1.00 36.78 ? 74  ASP A CB  1 
ATOM   641  C CG  . ASP A 1 94  ? -14.617 -6.059  -2.596  1.00 41.91 ? 74  ASP A CG  1 
ATOM   642  O OD1 . ASP A 1 94  ? -13.796 -5.131  -2.860  1.00 36.71 ? 74  ASP A OD1 1 
ATOM   643  O OD2 . ASP A 1 94  ? -14.353 -6.999  -1.866  1.00 39.13 ? 74  ASP A OD2 1 
ATOM   644  N N   . GLY A 1 95  ? -15.625 -2.420  -3.634  1.00 36.64 ? 75  GLY A N   1 
ATOM   645  C CA  . GLY A 1 95  ? -15.737 -1.128  -2.932  1.00 35.34 ? 75  GLY A CA  1 
ATOM   646  C C   . GLY A 1 95  ? -14.467 -0.277  -3.046  1.00 33.41 ? 75  GLY A C   1 
ATOM   647  O O   . GLY A 1 95  ? -13.623 -0.546  -3.928  1.00 31.86 ? 75  GLY A O   1 
ATOM   648  N N   . ILE A 1 96  ? -14.438 0.818   -2.290  1.00 33.29 ? 76  ILE A N   1 
ATOM   649  C CA  . ILE A 1 96  ? -13.386 1.886   -2.406  1.00 29.78 ? 76  ILE A CA  1 
ATOM   650  C C   . ILE A 1 96  ? -12.818 2.083   -1.014  1.00 31.39 ? 76  ILE A C   1 
ATOM   651  O O   . ILE A 1 96  ? -13.595 2.038   -0.065  1.00 27.65 ? 76  ILE A O   1 
ATOM   652  C CB  . ILE A 1 96  ? -13.924 3.195   -3.001  1.00 29.14 ? 76  ILE A CB  1 
ATOM   653  C CG1 . ILE A 1 96  ? -14.437 2.976   -4.433  1.00 31.18 ? 76  ILE A CG1 1 
ATOM   654  C CG2 . ILE A 1 96  ? -12.873 4.323   -2.968  1.00 29.31 ? 76  ILE A CG2 1 
ATOM   655  C CD1 . ILE A 1 96  ? -15.166 4.176   -5.019  1.00 28.67 ? 76  ILE A CD1 1 
ATOM   656  N N   . ILE A 1 97  ? -11.485 2.249   -0.933  1.00 32.93 ? 77  ILE A N   1 
ATOM   657  C CA  . ILE A 1 97  ? -10.720 2.382   0.336   1.00 29.58 ? 77  ILE A CA  1 
ATOM   658  C C   . ILE A 1 97  ? -9.745  3.569   0.188   1.00 26.13 ? 77  ILE A C   1 
ATOM   659  O O   . ILE A 1 97  ? -9.111  3.701   -0.890  1.00 25.09 ? 77  ILE A O   1 
ATOM   660  C CB  . ILE A 1 97  ? -9.958  1.096   0.667   1.00 30.33 ? 77  ILE A CB  1 
ATOM   661  C CG1 . ILE A 1 97  ? -10.905 -0.083  0.883   1.00 33.97 ? 77  ILE A CG1 1 
ATOM   662  C CG2 . ILE A 1 97  ? -9.014  1.296   1.865   1.00 28.32 ? 77  ILE A CG2 1 
ATOM   663  C CD1 . ILE A 1 97  ? -10.206 -1.419  0.856   1.00 31.73 ? 77  ILE A CD1 1 
ATOM   664  N N   . HIS A 1 98  ? -9.681  4.407   1.217   1.00 26.31 ? 78  HIS A N   1 
ATOM   665  C CA  . HIS A 1 98  ? -8.603  5.420   1.360   1.00 25.33 ? 78  HIS A CA  1 
ATOM   666  C C   . HIS A 1 98  ? -7.605  4.909   2.387   1.00 23.96 ? 78  HIS A C   1 
ATOM   667  O O   . HIS A 1 98  ? -8.014  4.504   3.490   1.00 25.20 ? 78  HIS A O   1 
ATOM   668  C CB  . HIS A 1 98  ? -9.137  6.814   1.711   1.00 26.65 ? 78  HIS A CB  1 
ATOM   669  C CG  . HIS A 1 98  ? -8.015  7.760   1.935   1.00 27.00 ? 78  HIS A CG  1 
ATOM   670  N ND1 . HIS A 1 98  ? -7.214  8.142   0.904   1.00 26.14 ? 78  HIS A ND1 1 
ATOM   671  C CD2 . HIS A 1 98  ? -7.472  8.261   3.072   1.00 27.89 ? 78  HIS A CD2 1 
ATOM   672  C CE1 . HIS A 1 98  ? -6.240  8.913   1.370   1.00 30.98 ? 78  HIS A CE1 1 
ATOM   673  N NE2 . HIS A 1 98  ? -6.378  9.002   2.704   1.00 25.69 ? 78  HIS A NE2 1 
ATOM   674  N N   . ALA A 1 99  ? -6.303  4.920   2.035   1.00 24.52 ? 79  ALA A N   1 
ATOM   675  C CA  . ALA A 1 99  ? -5.251  4.442   2.946   1.00 23.31 ? 79  ALA A CA  1 
ATOM   676  C C   . ALA A 1 99  ? -4.072  5.451   2.928   1.00 24.08 ? 79  ALA A C   1 
ATOM   677  O O   . ALA A 1 99  ? -3.793  6.038   1.874   1.00 24.66 ? 79  ALA A O   1 
ATOM   678  C CB  . ALA A 1 99  ? -4.824  3.035   2.567   1.00 23.55 ? 79  ALA A CB  1 
ATOM   679  N N   . GLU A 1 100 ? -3.544  5.747   4.101   1.00 26.34 ? 80  GLU A N   1 
ATOM   680  C CA  . GLU A 1 100 ? -2.396  6.663   4.243   1.00 24.01 ? 80  GLU A CA  1 
ATOM   681  C C   . GLU A 1 100 ? -1.703  6.414   5.584   1.00 26.48 ? 80  GLU A C   1 
ATOM   682  O O   . GLU A 1 100 ? -2.346  6.023   6.611   1.00 25.92 ? 80  GLU A O   1 
ATOM   683  C CB  . GLU A 1 100 ? -2.788  8.108   4.041   1.00 24.22 ? 80  GLU A CB  1 
ATOM   684  C CG  . GLU A 1 100 ? -3.549  8.699   5.224   1.00 26.56 ? 80  GLU A CG  1 
ATOM   685  C CD  . GLU A 1 100 ? -3.824  10.143  4.939   1.00 30.60 ? 80  GLU A CD  1 
ATOM   686  O OE1 . GLU A 1 100 ? -4.702  10.422  4.136   1.00 29.98 ? 80  GLU A OE1 1 
ATOM   687  O OE2 . GLU A 1 100 ? -3.076  10.972  5.439   1.00 29.33 ? 80  GLU A OE2 1 
ATOM   688  N N   . GLY A 1 101 ? -0.381  6.619   5.567   1.00 23.99 ? 81  GLY A N   1 
ATOM   689  C CA  . GLY A 1 101 ? 0.406   6.574   6.808   1.00 26.11 ? 81  GLY A CA  1 
ATOM   690  C C   . GLY A 1 101 ? 1.856   6.278   6.501   1.00 24.86 ? 81  GLY A C   1 
ATOM   691  O O   . GLY A 1 101 ? 2.298   6.566   5.381   1.00 25.59 ? 81  GLY A O   1 
ATOM   692  N N   . TRP A 1 102 ? 2.532   5.763   7.503   1.00 27.23 ? 82  TRP A N   1 
ATOM   693  C CA  . TRP A 1 102 ? 4.013   5.739   7.597   1.00 28.09 ? 82  TRP A CA  1 
ATOM   694  C C   . TRP A 1 102 ? 4.549   4.366   7.263   1.00 27.97 ? 82  TRP A C   1 
ATOM   695  O O   . TRP A 1 102 ? 4.005   3.342   7.768   1.00 28.11 ? 82  TRP A O   1 
ATOM   696  C CB  . TRP A 1 102 ? 4.444   6.108   9.008   1.00 27.33 ? 82  TRP A CB  1 
ATOM   697  C CG  . TRP A 1 102 ? 4.162   7.518   9.375   1.00 25.58 ? 82  TRP A CG  1 
ATOM   698  C CD1 . TRP A 1 102 ? 3.250   7.996   10.266  1.00 27.26 ? 82  TRP A CD1 1 
ATOM   699  C CD2 . TRP A 1 102 ? 4.848   8.661   8.847   1.00 26.57 ? 82  TRP A CD2 1 
ATOM   700  N NE1 . TRP A 1 102 ? 3.297   9.368   10.285  1.00 28.57 ? 82  TRP A NE1 1 
ATOM   701  C CE2 . TRP A 1 102 ? 4.312   9.799   9.478   1.00 25.95 ? 82  TRP A CE2 1 
ATOM   702  C CE3 . TRP A 1 102 ? 5.858   8.831   7.903   1.00 25.58 ? 82  TRP A CE3 1 
ATOM   703  C CZ2 . TRP A 1 102 ? 4.734   11.091  9.183   1.00 26.52 ? 82  TRP A CZ2 1 
ATOM   704  C CZ3 . TRP A 1 102 ? 6.289   10.113  7.631   1.00 26.77 ? 82  TRP A CZ3 1 
ATOM   705  C CH2 . TRP A 1 102 ? 5.727   11.221  8.254   1.00 25.27 ? 82  TRP A CH2 1 
ATOM   706  N N   . ALA A 1 103 ? 5.678   4.384   6.553   1.00 29.14 ? 83  ALA A N   1 
ATOM   707  C CA  . ALA A 1 103 ? 6.539   3.214   6.346   1.00 28.93 ? 83  ALA A CA  1 
ATOM   708  C C   . ALA A 1 103 ? 8.023   3.657   6.474   1.00 26.99 ? 83  ALA A C   1 
ATOM   709  O O   . ALA A 1 103 ? 8.397   4.794   6.079   1.00 26.34 ? 83  ALA A O   1 
ATOM   710  C CB  . ALA A 1 103 ? 6.244   2.623   4.992   1.00 29.38 ? 83  ALA A CB  1 
ATOM   711  N N   . ASP A 1 104 ? 8.816   2.776   7.032   1.00 29.31 ? 84  ASP A N   1 
ATOM   712  C CA  . ASP A 1 104 ? 10.301  2.884   6.994   1.00 31.74 ? 84  ASP A CA  1 
ATOM   713  C C   . ASP A 1 104 ? 10.761  2.471   5.598   1.00 29.83 ? 84  ASP A C   1 
ATOM   714  O O   . ASP A 1 104 ? 10.568  1.293   5.214   1.00 31.64 ? 84  ASP A O   1 
ATOM   715  C CB  . ASP A 1 104 ? 10.925  2.044   8.105   1.00 33.07 ? 84  ASP A CB  1 
ATOM   716  C CG  . ASP A 1 104 ? 12.457  2.162   8.190   1.00 36.02 ? 84  ASP A CG  1 
ATOM   717  O OD1 . ASP A 1 104 ? 13.091  2.795   7.286   1.00 32.61 ? 84  ASP A OD1 1 
ATOM   718  O OD2 . ASP A 1 104 ? 12.989  1.646   9.160   1.00 37.35 ? 84  ASP A OD2 1 
ATOM   719  N N   . PHE A 1 105 ? 11.324  3.389   4.830   1.00 30.12 ? 85  PHE A N   1 
ATOM   720  C CA  . PHE A 1 105 ? 11.833  3.068   3.467   1.00 33.05 ? 85  PHE A CA  1 
ATOM   721  C C   . PHE A 1 105 ? 12.876  1.928   3.495   1.00 36.33 ? 85  PHE A C   1 
ATOM   722  O O   . PHE A 1 105 ? 12.955  1.162   2.502   1.00 32.71 ? 85  PHE A O   1 
ATOM   723  C CB  . PHE A 1 105 ? 12.292  4.336   2.771   1.00 34.92 ? 85  PHE A CB  1 
ATOM   724  C CG  . PHE A 1 105 ? 12.335  4.239   1.277   1.00 38.79 ? 85  PHE A CG  1 
ATOM   725  C CD1 . PHE A 1 105 ? 11.167  4.143   0.540   1.00 44.24 ? 85  PHE A CD1 1 
ATOM   726  C CD2 . PHE A 1 105 ? 13.543  4.271   0.602   1.00 41.57 ? 85  PHE A CD2 1 
ATOM   727  C CE1 . PHE A 1 105 ? 11.198  4.091   -0.845  1.00 45.33 ? 85  PHE A CE1 1 
ATOM   728  C CE2 . PHE A 1 105 ? 13.577  4.220   -0.779  1.00 40.57 ? 85  PHE A CE2 1 
ATOM   729  C CZ  . PHE A 1 105 ? 12.408  4.108   -1.502  1.00 44.80 ? 85  PHE A CZ  1 
ATOM   730  N N   . ASN A 1 106 ? 13.543  1.717   4.623   1.00 33.33 ? 86  ASN A N   1 
ATOM   731  C CA  . ASN A 1 106 ? 14.532  0.620   4.797   1.00 38.00 ? 86  ASN A CA  1 
ATOM   732  C C   . ASN A 1 106 ? 13.782  -0.702  4.814   1.00 40.64 ? 86  ASN A C   1 
ATOM   733  O O   . ASN A 1 106 ? 14.223  -1.615  4.091   1.00 36.39 ? 86  ASN A O   1 
ATOM   734  C CB  . ASN A 1 106 ? 15.408  0.843   6.029   1.00 37.11 ? 86  ASN A CB  1 
ATOM   735  C CG  . ASN A 1 106 ? 16.332  2.031   5.833   1.00 40.90 ? 86  ASN A CG  1 
ATOM   736  O OD1 . ASN A 1 106 ? 16.723  2.321   4.713   1.00 40.63 ? 86  ASN A OD1 1 
ATOM   737  N ND2 . ASN A 1 106 ? 16.645  2.740   6.900   1.00 39.71 ? 86  ASN A ND2 1 
ATOM   738  N N   . ASP A 1 107 ? 12.650  -0.765  5.537   1.00 36.34 ? 87  ASP A N   1 
ATOM   739  C CA  . ASP A 1 107 ? 11.762  -1.950  5.600   1.00 36.08 ? 87  ASP A CA  1 
ATOM   740  C C   . ASP A 1 107 ? 11.267  -2.240  4.189   1.00 36.84 ? 87  ASP A C   1 
ATOM   741  O O   . ASP A 1 107 ? 11.294  -3.409  3.740   1.00 40.55 ? 87  ASP A O   1 
ATOM   742  C CB  . ASP A 1 107 ? 10.604  -1.707  6.571   1.00 40.55 ? 87  ASP A CB  1 
ATOM   743  C CG  . ASP A 1 107 ? 10.967  -1.969  8.012   1.00 46.87 ? 87  ASP A CG  1 
ATOM   744  O OD1 . ASP A 1 107 ? 12.107  -2.390  8.236   1.00 46.97 ? 87  ASP A OD1 1 
ATOM   745  O OD2 . ASP A 1 107 ? 10.093  -1.792  8.884   1.00 46.47 ? 87  ASP A OD2 1 
ATOM   746  N N   . VAL A 1 108 ? 10.880  -1.192  3.467   1.00 34.56 ? 88  VAL A N   1 
ATOM   747  C CA  . VAL A 1 108 ? 10.419  -1.336  2.067   1.00 35.18 ? 88  VAL A CA  1 
ATOM   748  C C   . VAL A 1 108 ? 11.501  -2.057  1.258   1.00 40.40 ? 88  VAL A C   1 
ATOM   749  O O   . VAL A 1 108 ? 11.214  -3.128  0.673   1.00 39.46 ? 88  VAL A O   1 
ATOM   750  C CB  . VAL A 1 108 ? 10.060  0.012   1.433   1.00 36.34 ? 88  VAL A CB  1 
ATOM   751  C CG1 . VAL A 1 108 ? 9.717   -0.176  -0.039  1.00 41.46 ? 88  VAL A CG1 1 
ATOM   752  C CG2 . VAL A 1 108 ? 8.906   0.697   2.166   1.00 39.00 ? 88  VAL A CG2 1 
ATOM   753  N N   . LYS A 1 109 ? 12.686  -1.463  1.183   1.00 41.49 ? 89  LYS A N   1 
ATOM   754  C CA  . LYS A 1 109 ? 13.806  -1.984  0.354   1.00 41.92 ? 89  LYS A CA  1 
ATOM   755  C C   . LYS A 1 109 ? 14.193  -3.407  0.783   1.00 46.29 ? 89  LYS A C   1 
ATOM   756  O O   . LYS A 1 109 ? 14.546  -4.189  -0.103  1.00 44.49 ? 89  LYS A O   1 
ATOM   757  C CB  . LYS A 1 109 ? 14.991  -1.035  0.450   1.00 44.92 ? 89  LYS A CB  1 
ATOM   758  C CG  . LYS A 1 109 ? 14.720  0.296   -0.217  1.00 44.49 ? 89  LYS A CG  1 
ATOM   759  C CD  . LYS A 1 109 ? 15.934  1.160   -0.385  1.00 53.31 ? 89  LYS A CD  1 
ATOM   760  C CE  . LYS A 1 109 ? 16.532  1.643   0.905   1.00 52.18 ? 89  LYS A CE  1 
ATOM   761  N NZ  . LYS A 1 109 ? 17.834  2.313   0.651   1.00 53.61 ? 89  LYS A NZ  1 
ATOM   762  N N   . ASN A 1 110 ? 14.134  -3.722  2.076   1.00 43.83 ? 90  ASN A N   1 
ATOM   763  C CA  . ASN A 1 110 ? 14.570  -5.026  2.634   1.00 45.18 ? 90  ASN A CA  1 
ATOM   764  C C   . ASN A 1 110 ? 13.463  -6.094  2.561   1.00 50.81 ? 90  ASN A C   1 
ATOM   765  O O   . ASN A 1 110 ? 13.637  -7.128  3.243   1.00 42.90 ? 90  ASN A O   1 
ATOM   766  C CB  . ASN A 1 110 ? 15.052  -4.859  4.075   1.00 48.62 ? 90  ASN A CB  1 
ATOM   767  C CG  . ASN A 1 110 ? 16.336  -4.051  4.177   1.00 49.39 ? 90  ASN A CG  1 
ATOM   768  O OD1 . ASN A 1 110 ? 16.606  -3.429  5.211   1.00 45.91 ? 90  ASN A OD1 1 
ATOM   769  N ND2 . ASN A 1 110 ? 17.091  -3.991  3.093   1.00 47.53 ? 90  ASN A ND2 1 
ATOM   770  N N   . GLY A 1 111 ? 12.347  -5.879  1.833   1.00 43.13 ? 91  GLY A N   1 
ATOM   771  C CA  . GLY A 1 111 ? 11.274  -6.893  1.733   1.00 41.23 ? 91  GLY A CA  1 
ATOM   772  C C   . GLY A 1 111 ? 10.577  -7.180  3.064   1.00 39.15 ? 91  GLY A C   1 
ATOM   773  O O   . GLY A 1 111 ? 9.955   -8.262  3.221   1.00 46.67 ? 91  GLY A O   1 
ATOM   774  N N   . VAL A 1 112 ? 10.615  -6.247  4.005   1.00 37.17 ? 92  VAL A N   1 
ATOM   775  C CA  . VAL A 1 112 ? 9.806   -6.333  5.252   1.00 38.07 ? 92  VAL A CA  1 
ATOM   776  C C   . VAL A 1 112 ? 8.390   -5.866  4.907   1.00 37.66 ? 92  VAL A C   1 
ATOM   777  O O   . VAL A 1 112 ? 8.254   -4.910  4.107   1.00 38.93 ? 92  VAL A O   1 
ATOM   778  C CB  . VAL A 1 112 ? 10.407  -5.486  6.386   1.00 40.20 ? 92  VAL A CB  1 
ATOM   779  C CG1 . VAL A 1 112 ? 9.553   -5.508  7.645   1.00 44.24 ? 92  VAL A CG1 1 
ATOM   780  C CG2 . VAL A 1 112 ? 11.837  -5.924  6.687   1.00 46.05 ? 92  VAL A CG2 1 
ATOM   781  N N   . TRP A 1 113 ? 7.407   -6.521  5.508   1.00 36.51 ? 93  TRP A N   1 
ATOM   782  C CA  . TRP A 1 113 ? 5.999   -6.065  5.507   1.00 39.00 ? 93  TRP A CA  1 
ATOM   783  C C   . TRP A 1 113 ? 5.921   -4.623  6.010   1.00 36.86 ? 93  TRP A C   1 
ATOM   784  O O   . TRP A 1 113 ? 6.379   -4.326  7.141   1.00 38.60 ? 93  TRP A O   1 
ATOM   785  C CB  . TRP A 1 113 ? 5.131   -6.981  6.361   1.00 39.93 ? 93  TRP A CB  1 
ATOM   786  C CG  . TRP A 1 113 ? 4.673   -8.222  5.651   1.00 41.83 ? 93  TRP A CG  1 
ATOM   787  C CD1 . TRP A 1 113 ? 5.098   -9.494  5.894   1.00 43.99 ? 93  TRP A CD1 1 
ATOM   788  C CD2 . TRP A 1 113 ? 3.631   -8.335  4.659   1.00 38.75 ? 93  TRP A CD2 1 
ATOM   789  N NE1 . TRP A 1 113 ? 4.430   -10.380 5.091   1.00 44.25 ? 93  TRP A NE1 1 
ATOM   790  C CE2 . TRP A 1 113 ? 3.521   -9.707  4.328   1.00 42.97 ? 93  TRP A CE2 1 
ATOM   791  C CE3 . TRP A 1 113 ? 2.811   -7.423  3.990   1.00 39.04 ? 93  TRP A CE3 1 
ATOM   792  C CZ2 . TRP A 1 113 ? 2.617   -10.186 3.379   1.00 42.88 ? 93  TRP A CZ2 1 
ATOM   793  C CZ3 . TRP A 1 113 ? 1.901   -7.891  3.061   1.00 41.29 ? 93  TRP A CZ3 1 
ATOM   794  C CH2 . TRP A 1 113 ? 1.828   -9.253  2.743   1.00 43.32 ? 93  TRP A CH2 1 
ATOM   795  N N   . VAL A 1 114 ? 5.328   -3.751  5.203   1.00 35.92 ? 94  VAL A N   1 
ATOM   796  C CA  . VAL A 1 114 ? 4.961   -2.394  5.676   1.00 33.69 ? 94  VAL A CA  1 
ATOM   797  C C   . VAL A 1 114 ? 3.450   -2.236  5.544   1.00 36.44 ? 94  VAL A C   1 
ATOM   798  O O   . VAL A 1 114 ? 2.800   -3.055  4.871   1.00 32.08 ? 94  VAL A O   1 
ATOM   799  C CB  . VAL A 1 114 ? 5.730   -1.323  4.883   1.00 35.14 ? 94  VAL A CB  1 
ATOM   800  C CG1 . VAL A 1 114 ? 7.248   -1.495  5.033   1.00 35.74 ? 94  VAL A CG1 1 
ATOM   801  C CG2 . VAL A 1 114 ? 5.332   -1.282  3.414   1.00 35.20 ? 94  VAL A CG2 1 
ATOM   802  N N   . GLY A 1 115 ? 2.917   -1.187  6.139   1.00 33.81 ? 95  GLY A N   1 
ATOM   803  C CA  . GLY A 1 115 ? 1.565   -0.697  5.804   1.00 32.10 ? 95  GLY A CA  1 
ATOM   804  C C   . GLY A 1 115 ? 1.088   0.339   6.792   1.00 30.88 ? 95  GLY A C   1 
ATOM   805  O O   . GLY A 1 115 ? 1.893   0.810   7.652   1.00 26.47 ? 95  GLY A O   1 
ATOM   806  N N   . TYR A 1 116 ? -0.196  0.689   6.689   1.00 29.17 ? 96  TYR A N   1 
ATOM   807  C CA  . TYR A 1 116 ? -0.749  1.856   7.410   1.00 28.46 ? 96  TYR A CA  1 
ATOM   808  C C   . TYR A 1 116 ? -2.281  1.788   7.382   1.00 29.50 ? 96  TYR A C   1 
ATOM   809  O O   . TYR A 1 116 ? -2.879  0.967   6.665   1.00 27.07 ? 96  TYR A O   1 
ATOM   810  C CB  . TYR A 1 116 ? -0.249  3.137   6.739   1.00 27.52 ? 96  TYR A CB  1 
ATOM   811  C CG  . TYR A 1 116 ? -0.053  2.998   5.249   1.00 27.79 ? 96  TYR A CG  1 
ATOM   812  C CD1 . TYR A 1 116 ? -1.106  2.996   4.357   1.00 25.45 ? 96  TYR A CD1 1 
ATOM   813  C CD2 . TYR A 1 116 ? 1.223   2.840   4.726   1.00 28.82 ? 96  TYR A CD2 1 
ATOM   814  C CE1 . TYR A 1 116 ? -0.896  2.819   2.997   1.00 27.23 ? 96  TYR A CE1 1 
ATOM   815  C CE2 . TYR A 1 116 ? 1.440   2.645   3.383   1.00 27.63 ? 96  TYR A CE2 1 
ATOM   816  C CZ  . TYR A 1 116 ? 0.382   2.612   2.500   1.00 30.99 ? 96  TYR A CZ  1 
ATOM   817  O OH  . TYR A 1 116 ? 0.635   2.446   1.147   1.00 27.57 ? 96  TYR A OH  1 
ATOM   818  N N   . PRO A 1 117 ? -2.926  2.635   8.196   1.00 28.61 ? 97  PRO A N   1 
ATOM   819  C CA  . PRO A 1 117 ? -4.381  2.615   8.322   1.00 31.28 ? 97  PRO A CA  1 
ATOM   820  C C   . PRO A 1 117 ? -5.115  2.846   6.996   1.00 29.02 ? 97  PRO A C   1 
ATOM   821  O O   . PRO A 1 117 ? -4.675  3.573   6.128   1.00 24.97 ? 97  PRO A O   1 
ATOM   822  C CB  . PRO A 1 117 ? -4.685  3.724   9.345   1.00 30.16 ? 97  PRO A CB  1 
ATOM   823  C CG  . PRO A 1 117 ? -3.388  3.820   10.148  1.00 30.73 ? 97  PRO A CG  1 
ATOM   824  C CD  . PRO A 1 117 ? -2.292  3.578   9.142   1.00 28.70 ? 97  PRO A CD  1 
ATOM   825  N N   . ALA A 1 118 ? -6.302  2.244   6.956   1.00 27.58 ? 98  ALA A N   1 
ATOM   826  C CA  . ALA A 1 118 ? -7.217  2.275   5.818   1.00 25.83 ? 98  ALA A CA  1 
ATOM   827  C C   . ALA A 1 118 ? -8.655  2.406   6.347   1.00 26.18 ? 98  ALA A C   1 
ATOM   828  O O   . ALA A 1 118 ? -8.949  1.883   7.430   1.00 25.30 ? 98  ALA A O   1 
ATOM   829  C CB  . ALA A 1 118 ? -7.018  1.024   5.013   1.00 24.48 ? 98  ALA A CB  1 
ATOM   830  N N   . VAL A 1 119 ? -9.472  3.127   5.601   1.00 29.48 ? 99  VAL A N   1 
ATOM   831  C CA  . VAL A 1 119 ? -10.900 3.366   5.944   1.00 29.75 ? 99  VAL A CA  1 
ATOM   832  C C   . VAL A 1 119 ? -11.723 3.075   4.694   1.00 27.25 ? 99  VAL A C   1 
ATOM   833  O O   . VAL A 1 119 ? -11.368 3.537   3.578   1.00 29.03 ? 99  VAL A O   1 
ATOM   834  C CB  . VAL A 1 119 ? -11.156 4.794   6.483   1.00 29.22 ? 99  VAL A CB  1 
ATOM   835  C CG1 . VAL A 1 119 ? -10.744 5.880   5.508   1.00 30.21 ? 99  VAL A CG1 1 
ATOM   836  C CG2 . VAL A 1 119 ? -12.628 4.974   6.880   1.00 30.75 ? 99  VAL A CG2 1 
ATOM   837  N N   . GLY A 1 120 ? -12.857 2.399   4.875   1.00 31.34 ? 100 GLY A N   1 
ATOM   838  C CA  . GLY A 1 120 ? -13.810 2.159   3.779   1.00 23.27 ? 100 GLY A CA  1 
ATOM   839  C C   . GLY A 1 120 ? -14.565 3.404   3.432   1.00 23.70 ? 100 GLY A C   1 
ATOM   840  O O   . GLY A 1 120 ? -15.018 4.082   4.337   1.00 27.19 ? 100 GLY A O   1 
ATOM   841  N N   . LEU A 1 121 ? -14.652 3.687   2.149   1.00 23.64 ? 101 LEU A N   1 
ATOM   842  C CA  . LEU A 1 121 ? -15.484 4.765   1.617   1.00 26.79 ? 101 LEU A CA  1 
ATOM   843  C C   . LEU A 1 121 ? -16.767 4.207   0.974   1.00 31.41 ? 101 LEU A C   1 
ATOM   844  O O   . LEU A 1 121 ? -17.740 4.962   0.936   1.00 32.48 ? 101 LEU A O   1 
ATOM   845  C CB  . LEU A 1 121 ? -14.670 5.559   0.606   1.00 30.47 ? 101 LEU A CB  1 
ATOM   846  C CG  . LEU A 1 121 ? -13.348 6.148   1.120   1.00 32.65 ? 101 LEU A CG  1 
ATOM   847  C CD1 . LEU A 1 121 ? -12.710 6.950   -0.012  1.00 32.40 ? 101 LEU A CD1 1 
ATOM   848  C CD2 . LEU A 1 121 ? -13.575 7.004   2.353   1.00 31.50 ? 101 LEU A CD2 1 
ATOM   849  N N   . ASP A 1 122 ? -16.799 2.976   0.479   1.00 35.46 ? 102 ASP A N   1 
ATOM   850  C CA  . ASP A 1 122 ? -17.899 2.577   -0.433  1.00 35.24 ? 102 ASP A CA  1 
ATOM   851  C C   . ASP A 1 122 ? -17.982 1.064   -0.524  1.00 38.33 ? 102 ASP A C   1 
ATOM   852  O O   . ASP A 1 122 ? -16.987 0.383   -0.235  1.00 33.03 ? 102 ASP A O   1 
ATOM   853  C CB  . ASP A 1 122 ? -17.752 3.213   -1.826  1.00 37.72 ? 102 ASP A CB  1 
ATOM   854  C CG  . ASP A 1 122 ? -19.058 3.441   -2.579  1.00 42.38 ? 102 ASP A CG  1 
ATOM   855  O OD1 . ASP A 1 122 ? -20.117 3.057   -2.022  1.00 41.35 ? 102 ASP A OD1 1 
ATOM   856  O OD2 . ASP A 1 122 ? -19.013 3.977   -3.707  1.00 36.81 ? 102 ASP A OD2 1 
ATOM   857  N N   . GLY A 1 123 ? -19.167 0.556   -0.923  1.00 33.48 ? 103 GLY A N   1 
ATOM   858  C CA  . GLY A 1 123 ? -19.363 -0.890  -1.096  1.00 29.14 ? 103 GLY A CA  1 
ATOM   859  C C   . GLY A 1 123 ? -19.116 -1.607  0.198   1.00 26.34 ? 103 GLY A C   1 
ATOM   860  O O   . GLY A 1 123 ? -19.529 -1.109  1.278   1.00 31.03 ? 103 GLY A O   1 
ATOM   861  N N   . VAL A 1 124 ? -18.509 -2.785  0.150   1.00 29.74 ? 104 VAL A N   1 
ATOM   862  C CA  . VAL A 1 124 ? -18.487 -3.664  1.364   1.00 34.19 ? 104 VAL A CA  1 
ATOM   863  C C   . VAL A 1 124 ? -17.673 -3.004  2.498   1.00 35.48 ? 104 VAL A C   1 
ATOM   864  O O   . VAL A 1 124 ? -17.825 -3.435  3.652   1.00 33.35 ? 104 VAL A O   1 
ATOM   865  C CB  . VAL A 1 124 ? -17.935 -5.070  1.039   1.00 36.07 ? 104 VAL A CB  1 
ATOM   866  C CG1 . VAL A 1 124 ? -18.861 -5.797  0.063   1.00 34.44 ? 104 VAL A CG1 1 
ATOM   867  C CG2 . VAL A 1 124 ? -16.505 -5.012  0.498   1.00 38.17 ? 104 VAL A CG2 1 
ATOM   868  N N   . TYR A 1 125 ? -16.810 -2.019  2.199   1.00 33.12 ? 105 TYR A N   1 
ATOM   869  C CA  . TYR A 1 125 ? -15.865 -1.449  3.208   1.00 33.26 ? 105 TYR A CA  1 
ATOM   870  C C   . TYR A 1 125 ? -16.517 -0.316  4.016   1.00 35.74 ? 105 TYR A C   1 
ATOM   871  O O   . TYR A 1 125 ? -15.918 0.210   4.990   1.00 31.98 ? 105 TYR A O   1 
ATOM   872  C CB  . TYR A 1 125 ? -14.614 -0.942  2.473   1.00 29.18 ? 105 TYR A CB  1 
ATOM   873  C CG  . TYR A 1 125 ? -13.987 -1.996  1.615   1.00 27.49 ? 105 TYR A CG  1 
ATOM   874  C CD1 . TYR A 1 125 ? -13.366 -3.088  2.202   1.00 32.21 ? 105 TYR A CD1 1 
ATOM   875  C CD2 . TYR A 1 125 ? -14.031 -1.937  0.238   1.00 28.28 ? 105 TYR A CD2 1 
ATOM   876  C CE1 . TYR A 1 125 ? -12.805 -4.096  1.435   1.00 30.78 ? 105 TYR A CE1 1 
ATOM   877  C CE2 . TYR A 1 125 ? -13.467 -2.940  -0.538  1.00 32.11 ? 105 TYR A CE2 1 
ATOM   878  C CZ  . TYR A 1 125 ? -12.852 -4.020  0.068   1.00 31.74 ? 105 TYR A CZ  1 
ATOM   879  O OH  . TYR A 1 125 ? -12.271 -5.020  -0.680  1.00 33.55 ? 105 TYR A OH  1 
ATOM   880  N N   . ARG A 1 126 ? -17.696 0.127   3.589   1.00 33.75 ? 106 ARG A N   1 
ATOM   881  C CA  . ARG A 1 126 ? -18.370 1.274   4.233   1.00 34.52 ? 106 ARG A CA  1 
ATOM   882  C C   . ARG A 1 126 ? -18.646 0.923   5.690   1.00 34.56 ? 106 ARG A C   1 
ATOM   883  O O   . ARG A 1 126 ? -19.109 -0.193  5.972   1.00 38.25 ? 106 ARG A O   1 
ATOM   884  C CB  . ARG A 1 126 ? -19.609 1.690   3.433   1.00 37.91 ? 106 ARG A CB  1 
ATOM   885  C CG  . ARG A 1 126 ? -20.131 3.061   3.834   1.00 49.07 ? 106 ARG A CG  1 
ATOM   886  C CD  . ARG A 1 126 ? -21.482 3.340   3.190   1.00 52.83 ? 106 ARG A CD  1 
ATOM   887  N NE  . ARG A 1 126 ? -21.329 3.641   1.775   1.00 55.41 ? 106 ARG A NE  1 
ATOM   888  C CZ  . ARG A 1 126 ? -21.173 4.872   1.286   1.00 53.56 ? 106 ARG A CZ  1 
ATOM   889  N NH1 . ARG A 1 126 ? -21.129 5.919   2.100   1.00 50.54 ? 106 ARG A NH1 1 
ATOM   890  N NH2 . ARG A 1 126 ? -21.058 5.051   -0.018  1.00 51.22 ? 106 ARG A NH2 1 
ATOM   891  N N   . GLY A 1 127 ? -18.203 1.787   6.607   1.00 29.51 ? 107 GLY A N   1 
ATOM   892  C CA  . GLY A 1 127 ? -18.314 1.580   8.057   1.00 29.38 ? 107 GLY A CA  1 
ATOM   893  C C   . GLY A 1 127 ? -17.282 0.641   8.621   1.00 26.88 ? 107 GLY A C   1 
ATOM   894  O O   . GLY A 1 127 ? -17.370 0.300   9.832   1.00 30.13 ? 107 GLY A O   1 
ATOM   895  N N   . LEU A 1 128 ? -16.289 0.268   7.816   1.00 26.65 ? 108 LEU A N   1 
ATOM   896  C CA  . LEU A 1 128 ? -15.154 -0.538  8.291   1.00 25.06 ? 108 LEU A CA  1 
ATOM   897  C C   . LEU A 1 128 ? -13.837 0.290   8.241   1.00 26.78 ? 108 LEU A C   1 
ATOM   898  O O   . LEU A 1 128 ? -13.735 1.154   7.381   1.00 26.45 ? 108 LEU A O   1 
ATOM   899  C CB  . LEU A 1 128 ? -14.969 -1.692  7.322   1.00 27.54 ? 108 LEU A CB  1 
ATOM   900  C CG  . LEU A 1 128 ? -15.867 -2.912  7.482   1.00 34.31 ? 108 LEU A CG  1 
ATOM   901  C CD1 . LEU A 1 128 ? -17.205 -2.582  8.046   1.00 38.09 ? 108 LEU A CD1 1 
ATOM   902  C CD2 . LEU A 1 128 ? -15.926 -3.705  6.206   1.00 36.67 ? 108 LEU A CD2 1 
ATOM   903  N N   . ASP A 1 129 ? -12.820 -0.182  8.941   1.00 31.26 ? 109 ASP A N   1 
ATOM   904  C CA  . ASP A 1 129 ? -11.442 0.380   8.812   1.00 30.81 ? 109 ASP A CA  1 
ATOM   905  C C   . ASP A 1 129 ? -10.459 -0.719  9.220   1.00 30.59 ? 109 ASP A C   1 
ATOM   906  O O   . ASP A 1 129 ? -10.894 -1.791  9.684   1.00 29.93 ? 109 ASP A O   1 
ATOM   907  C CB  . ASP A 1 129 ? -11.342 1.678   9.612   1.00 29.56 ? 109 ASP A CB  1 
ATOM   908  C CG  . ASP A 1 129 ? -11.342 1.524   11.125  1.00 31.51 ? 109 ASP A CG  1 
ATOM   909  O OD1 . ASP A 1 129 ? -11.176 0.401   11.632  1.00 31.80 ? 109 ASP A OD1 1 
ATOM   910  O OD2 . ASP A 1 129 ? -11.473 2.559   11.796  1.00 37.75 ? 109 ASP A OD2 1 
ATOM   911  N N   . GLY A 1 130 ? -9.148  -0.477  9.031   1.00 29.58 ? 110 GLY A N   1 
ATOM   912  C CA  . GLY A 1 130 ? -8.115  -1.500  9.251   1.00 28.23 ? 110 GLY A CA  1 
ATOM   913  C C   . GLY A 1 130 ? -6.796  -1.058  8.616   1.00 31.25 ? 110 GLY A C   1 
ATOM   914  O O   . GLY A 1 130 ? -6.375  0.095   8.857   1.00 26.04 ? 110 GLY A O   1 
ATOM   915  N N   . ARG A 1 131 ? -6.224  -1.880  7.757   1.00 30.76 ? 111 ARG A N   1 
ATOM   916  C CA  . ARG A 1 131 ? -4.852  -1.686  7.266   1.00 34.05 ? 111 ARG A CA  1 
ATOM   917  C C   . ARG A 1 131 ? -4.748  -2.190  5.853   1.00 34.14 ? 111 ARG A C   1 
ATOM   918  O O   . ARG A 1 131 ? -5.484  -3.134  5.479   1.00 33.32 ? 111 ARG A O   1 
ATOM   919  C CB  . ARG A 1 131 ? -3.871  -2.443  8.151   1.00 36.66 ? 111 ARG A CB  1 
ATOM   920  C CG  . ARG A 1 131 ? -3.602  -1.721  9.460   1.00 38.05 ? 111 ARG A CG  1 
ATOM   921  C CD  . ARG A 1 131 ? -2.577  -2.473  10.277  1.00 42.83 ? 111 ARG A CD  1 
ATOM   922  N NE  . ARG A 1 131 ? -1.284  -2.627  9.588   1.00 43.60 ? 111 ARG A NE  1 
ATOM   923  C CZ  . ARG A 1 131 ? -0.291  -1.739  9.602   1.00 46.66 ? 111 ARG A CZ  1 
ATOM   924  N NH1 . ARG A 1 131 ? -0.445  -0.578  10.207  1.00 45.30 ? 111 ARG A NH1 1 
ATOM   925  N NH2 . ARG A 1 131 ? 0.845   -1.996  8.989   1.00 46.34 ? 111 ARG A NH2 1 
ATOM   926  N N   . ARG A 1 132 ? -3.892  -1.505  5.110   1.00 28.20 ? 112 ARG A N   1 
ATOM   927  C CA  . ARG A 1 132 ? -3.427  -1.841  3.752   1.00 26.65 ? 112 ARG A CA  1 
ATOM   928  C C   . ARG A 1 132 ? -1.940  -2.120  3.982   1.00 32.68 ? 112 ARG A C   1 
ATOM   929  O O   . ARG A 1 132 ? -1.286  -1.306  4.599   1.00 29.19 ? 112 ARG A O   1 
ATOM   930  C CB  . ARG A 1 132 ? -3.654  -0.696  2.770   1.00 28.21 ? 112 ARG A CB  1 
ATOM   931  C CG  . ARG A 1 132 ? -3.222  -0.993  1.342   1.00 28.84 ? 112 ARG A CG  1 
ATOM   932  C CD  . ARG A 1 132 ? -1.736  -0.944  1.044   1.00 29.60 ? 112 ARG A CD  1 
ATOM   933  N NE  . ARG A 1 132 ? -1.487  -0.480  -0.300  1.00 29.64 ? 112 ARG A NE  1 
ATOM   934  C CZ  . ARG A 1 132 ? -1.180  -1.228  -1.338  1.00 27.59 ? 112 ARG A CZ  1 
ATOM   935  N NH1 . ARG A 1 132 ? -1.046  -2.528  -1.213  1.00 30.18 ? 112 ARG A NH1 1 
ATOM   936  N NH2 . ARG A 1 132 ? -1.003  -0.668  -2.506  1.00 28.47 ? 112 ARG A NH2 1 
ATOM   937  N N   . GLU A 1 133 ? -1.472  -3.272  3.543   1.00 31.98 ? 113 GLU A N   1 
ATOM   938  C CA  . GLU A 1 133 ? -0.098  -3.741  3.806   1.00 32.79 ? 113 GLU A CA  1 
ATOM   939  C C   . GLU A 1 133 ? 0.476   -4.249  2.499   1.00 35.80 ? 113 GLU A C   1 
ATOM   940  O O   . GLU A 1 133 ? -0.310  -4.577  1.586   1.00 34.37 ? 113 GLU A O   1 
ATOM   941  C CB  . GLU A 1 133 ? -0.102  -4.822  4.887   1.00 31.22 ? 113 GLU A CB  1 
ATOM   942  C CG  . GLU A 1 133 ? -0.383  -4.307  6.274   1.00 33.29 ? 113 GLU A CG  1 
ATOM   943  C CD  . GLU A 1 133 ? -0.750  -5.387  7.279   1.00 42.60 ? 113 GLU A CD  1 
ATOM   944  O OE1 . GLU A 1 133 ? -0.749  -6.588  6.916   1.00 41.15 ? 113 GLU A OE1 1 
ATOM   945  O OE2 . GLU A 1 133 ? -1.089  -5.014  8.409   1.00 46.26 ? 113 GLU A OE2 1 
ATOM   946  N N   . TRP A 1 134 ? 1.805   -4.325  2.420   1.00 33.39 ? 114 TRP A N   1 
ATOM   947  C CA  . TRP A 1 134 ? 2.491   -4.861  1.223   1.00 32.58 ? 114 TRP A CA  1 
ATOM   948  C C   . TRP A 1 134 ? 3.937   -5.154  1.603   1.00 36.85 ? 114 TRP A C   1 
ATOM   949  O O   . TRP A 1 134 ? 4.396   -4.664  2.661   1.00 33.69 ? 114 TRP A O   1 
ATOM   950  C CB  . TRP A 1 134 ? 2.414   -3.923  0.027   1.00 34.47 ? 114 TRP A CB  1 
ATOM   951  C CG  . TRP A 1 134 ? 2.750   -2.489  0.324   1.00 42.43 ? 114 TRP A CG  1 
ATOM   952  C CD1 . TRP A 1 134 ? 1.926   -1.538  0.866   1.00 43.16 ? 114 TRP A CD1 1 
ATOM   953  C CD2 . TRP A 1 134 ? 3.984   -1.817  0.038   1.00 38.85 ? 114 TRP A CD2 1 
ATOM   954  N NE1 . TRP A 1 134 ? 2.566   -0.336  0.971   1.00 41.84 ? 114 TRP A NE1 1 
ATOM   955  C CE2 . TRP A 1 134 ? 3.827   -0.475  0.449   1.00 46.04 ? 114 TRP A CE2 1 
ATOM   956  C CE3 . TRP A 1 134 ? 5.182   -2.221  -0.533  1.00 39.44 ? 114 TRP A CE3 1 
ATOM   957  C CZ2 . TRP A 1 134 ? 4.844   0.462   0.320   1.00 40.23 ? 114 TRP A CZ2 1 
ATOM   958  C CZ3 . TRP A 1 134 ? 6.190   -1.298  -0.661  1.00 45.08 ? 114 TRP A CZ3 1 
ATOM   959  C CH2 . TRP A 1 134 ? 6.025   0.015   -0.218  1.00 49.68 ? 114 TRP A CH2 1 
ATOM   960  N N   . ARG A 1 135 ? 4.621   -5.901  0.745   1.00 37.32 ? 115 ARG A N   1 
ATOM   961  C CA  . ARG A 1 135 ? 6.085   -6.121  0.850   1.00 37.90 ? 115 ARG A CA  1 
ATOM   962  C C   . ARG A 1 135 ? 6.658   -6.360  -0.542  1.00 39.44 ? 115 ARG A C   1 
ATOM   963  O O   . ARG A 1 135 ? 5.964   -6.891  -1.446  1.00 38.64 ? 115 ARG A O   1 
ATOM   964  C CB  . ARG A 1 135 ? 6.442   -7.240  1.820   1.00 39.05 ? 115 ARG A CB  1 
ATOM   965  C CG  . ARG A 1 135 ? 5.848   -8.580  1.430   1.00 45.05 ? 115 ARG A CG  1 
ATOM   966  C CD  . ARG A 1 135 ? 6.574   -9.711  2.105   1.00 44.68 ? 115 ARG A CD  1 
ATOM   967  N NE  . ARG A 1 135 ? 5.823   -10.942 1.942   1.00 54.95 ? 115 ARG A NE  1 
ATOM   968  C CZ  . ARG A 1 135 ? 6.082   -12.079 2.588   1.00 54.85 ? 115 ARG A CZ  1 
ATOM   969  N NH1 . ARG A 1 135 ? 7.095   -12.157 3.425   1.00 47.62 ? 115 ARG A NH1 1 
ATOM   970  N NH2 . ARG A 1 135 ? 5.321   -13.139 2.396   1.00 53.30 ? 115 ARG A NH2 1 
ATOM   971  N N   . VAL A 1 136 ? 7.902   -5.919  -0.712  1.00 43.40 ? 116 VAL A N   1 
ATOM   972  C CA  . VAL A 1 136 ? 8.678   -6.182  -1.944  1.00 43.85 ? 116 VAL A CA  1 
ATOM   973  C C   . VAL A 1 136 ? 9.146   -7.637  -1.884  1.00 42.87 ? 116 VAL A C   1 
ATOM   974  O O   . VAL A 1 136 ? 9.658   -8.076  -0.804  1.00 44.53 ? 116 VAL A O   1 
ATOM   975  C CB  . VAL A 1 136 ? 9.826   -5.175  -2.050  1.00 47.99 ? 116 VAL A CB  1 
ATOM   976  C CG1 . VAL A 1 136 ? 10.711  -5.478  -3.253  1.00 47.21 ? 116 VAL A CG1 1 
ATOM   977  C CG2 . VAL A 1 136 ? 9.248   -3.758  -2.095  1.00 46.40 ? 116 VAL A CG2 1 
ATOM   978  N N   . ILE A 1 137 ? 8.909   -8.388  -2.957  1.00 48.72 ? 117 ILE A N   1 
ATOM   979  C CA  . ILE A 1 137 ? 9.482   -9.763  -3.107  1.00 53.93 ? 117 ILE A CA  1 
ATOM   980  C C   . ILE A 1 137 ? 10.808  -9.605  -3.861  1.00 48.98 ? 117 ILE A C   1 
ATOM   981  O O   . ILE A 1 137 ? 11.813  -10.076 -3.393  1.00 49.21 ? 117 ILE A O   1 
ATOM   982  C CB  . ILE A 1 137 ? 8.479   -10.719 -3.790  1.00 55.63 ? 117 ILE A CB  1 
ATOM   983  C CG1 . ILE A 1 137 ? 7.134   -10.739 -3.056  1.00 50.74 ? 117 ILE A CG1 1 
ATOM   984  C CG2 . ILE A 1 137 ? 9.060   -12.122 -3.904  1.00 57.02 ? 117 ILE A CG2 1 
ATOM   985  C CD1 . ILE A 1 137 ? 7.255   -11.039 -1.570  1.00 47.76 ? 117 ILE A CD1 1 
ATOM   986  N N   . GLU A 1 138 ? 10.815  -8.798  -4.900  1.00 52.52 ? 118 GLU A N   1 
ATOM   987  C CA  . GLU A 1 138 ? 11.913  -8.739  -5.867  1.00 58.73 ? 118 GLU A CA  1 
ATOM   988  C C   . GLU A 1 138 ? 11.895  -7.329  -6.415  1.00 54.57 ? 118 GLU A C   1 
ATOM   989  O O   . GLU A 1 138 ? 10.849  -6.879  -6.855  1.00 49.37 ? 118 GLU A O   1 
ATOM   990  C CB  . GLU A 1 138 ? 11.624  -9.799  -6.936  1.00 65.76 ? 118 GLU A CB  1 
ATOM   991  C CG  . GLU A 1 138 ? 12.851  -10.360 -7.592  1.00 73.95 ? 118 GLU A CG  1 
ATOM   992  C CD  . GLU A 1 138 ? 13.775  -10.899 -6.526  1.00 81.81 ? 118 GLU A CD  1 
ATOM   993  O OE1 . GLU A 1 138 ? 14.731  -10.189 -6.183  1.00 88.00 ? 118 GLU A OE1 1 
ATOM   994  O OE2 . GLU A 1 138 ? 13.493  -11.991 -5.996  1.00 87.12 ? 118 GLU A OE2 1 
ATOM   995  N N   . PRO A 1 139 ? 13.023  -6.591  -6.427  1.00 55.94 ? 119 PRO A N   1 
ATOM   996  C CA  . PRO A 1 139 ? 13.030  -5.252  -7.013  1.00 56.37 ? 119 PRO A CA  1 
ATOM   997  C C   . PRO A 1 139 ? 12.423  -5.256  -8.424  1.00 59.74 ? 119 PRO A C   1 
ATOM   998  O O   . PRO A 1 139 ? 12.661  -6.198  -9.141  1.00 67.82 ? 119 PRO A O   1 
ATOM   999  C CB  . PRO A 1 139 ? 14.530  -4.917  -7.017  1.00 61.55 ? 119 PRO A CB  1 
ATOM   1000 C CG  . PRO A 1 139 ? 15.072  -5.683  -5.827  1.00 51.79 ? 119 PRO A CG  1 
ATOM   1001 C CD  . PRO A 1 139 ? 14.325  -6.991  -5.878  1.00 54.71 ? 119 PRO A CD  1 
ATOM   1002 N N   . ASP A 1 140 ? 11.597  -4.252  -8.738  1.00 55.29 ? 120 ASP A N   1 
ATOM   1003 C CA  . ASP A 1 140 ? 10.949  -4.000  -10.054 1.00 62.67 ? 120 ASP A CA  1 
ATOM   1004 C C   . ASP A 1 140 ? 10.081  -5.181  -10.495 1.00 61.36 ? 120 ASP A C   1 
ATOM   1005 O O   . ASP A 1 140 ? 9.783   -5.235  -11.697 1.00 73.23 ? 120 ASP A O   1 
ATOM   1006 C CB  . ASP A 1 140 ? 11.993  -3.677  -11.125 1.00 74.30 ? 120 ASP A CB  1 
ATOM   1007 C CG  . ASP A 1 140 ? 13.126  -2.825  -10.590 1.00 79.71 ? 120 ASP A CG  1 
ATOM   1008 O OD1 . ASP A 1 140 ? 12.915  -2.166  -9.566  1.00 83.77 ? 120 ASP A OD1 1 
ATOM   1009 O OD2 . ASP A 1 140 ? 14.217  -2.857  -11.175 1.00 91.81 ? 120 ASP A OD2 1 
ATOM   1010 N N   . GLN A 1 141 ? 9.699   -6.060  -9.560  1.00 55.32 ? 121 GLN A N   1 
ATOM   1011 C CA  . GLN A 1 141 ? 8.700   -7.156  -9.704  1.00 51.40 ? 121 GLN A CA  1 
ATOM   1012 C C   . GLN A 1 141 ? 7.461   -6.833  -8.884  1.00 54.41 ? 121 GLN A C   1 
ATOM   1013 O O   . GLN A 1 141 ? 7.544   -6.244  -7.809  1.00 49.74 ? 121 GLN A O   1 
ATOM   1014 C CB  . GLN A 1 141 ? 9.179   -8.477  -9.093  1.00 59.55 ? 121 GLN A CB  1 
ATOM   1015 C CG  . GLN A 1 141 ? 10.476  -9.011  -9.685  1.00 71.92 ? 121 GLN A CG  1 
ATOM   1016 C CD  . GLN A 1 141 ? 10.373  -8.957  -11.181 1.00 73.94 ? 121 GLN A CD  1 
ATOM   1017 O OE1 . GLN A 1 141 ? 9.599   -9.696  -11.785 1.00 82.50 ? 121 GLN A OE1 1 
ATOM   1018 N NE2 . GLN A 1 141 ? 11.096  -8.017  -11.762 1.00 79.68 ? 121 GLN A NE2 1 
ATOM   1019 N N   . PRO A 1 142 ? 6.281   -7.328  -9.277  1.00 52.63 ? 122 PRO A N   1 
ATOM   1020 C CA  . PRO A 1 142 ? 5.083   -7.091  -8.485  1.00 43.59 ? 122 PRO A CA  1 
ATOM   1021 C C   . PRO A 1 142 ? 5.245   -7.383  -6.993  1.00 44.58 ? 122 PRO A C   1 
ATOM   1022 O O   . PRO A 1 142 ? 5.858   -8.333  -6.537  1.00 42.46 ? 122 PRO A O   1 
ATOM   1023 C CB  . PRO A 1 142 ? 4.079   -8.062  -9.094  1.00 48.44 ? 122 PRO A CB  1 
ATOM   1024 C CG  . PRO A 1 142 ? 4.525   -8.169  -10.545 1.00 47.62 ? 122 PRO A CG  1 
ATOM   1025 C CD  . PRO A 1 142 ? 6.034   -8.152  -10.471 1.00 51.13 ? 122 PRO A CD  1 
ATOM   1026 N N   . VAL A 1 143 ? 4.572   -6.561  -6.219  1.00 38.35 ? 123 VAL A N   1 
ATOM   1027 C CA  . VAL A 1 143 ? 4.600   -6.637  -4.741  1.00 35.03 ? 123 VAL A CA  1 
ATOM   1028 C C   . VAL A 1 143 ? 3.504   -7.613  -4.271  1.00 34.16 ? 123 VAL A C   1 
ATOM   1029 O O   . VAL A 1 143 ? 2.626   -7.931  -5.014  1.00 37.35 ? 123 VAL A O   1 
ATOM   1030 C CB  . VAL A 1 143 ? 4.458   -5.148  -4.370  1.00 40.10 ? 123 VAL A CB  1 
ATOM   1031 C CG1 . VAL A 1 143 ? 3.146   -4.747  -3.743  1.00 33.78 ? 123 VAL A CG1 1 
ATOM   1032 C CG2 . VAL A 1 143 ? 5.679   -4.596  -3.703  1.00 44.98 ? 123 VAL A CG2 1 
ATOM   1033 N N   . GLU A 1 144 ? 3.624   -8.183  -3.104  1.00 33.42 ? 124 GLU A N   1 
ATOM   1034 C CA  . GLU A 1 144 ? 2.546   -8.922  -2.438  1.00 37.75 ? 124 GLU A CA  1 
ATOM   1035 C C   . GLU A 1 144 ? 1.801   -7.917  -1.557  1.00 40.07 ? 124 GLU A C   1 
ATOM   1036 O O   . GLU A 1 144 ? 2.477   -7.120  -0.862  1.00 34.34 ? 124 GLU A O   1 
ATOM   1037 C CB  . GLU A 1 144 ? 3.140   -10.000 -1.553  1.00 37.44 ? 124 GLU A CB  1 
ATOM   1038 C CG  . GLU A 1 144 ? 2.092   -10.917 -0.977  1.00 43.58 ? 124 GLU A CG  1 
ATOM   1039 C CD  . GLU A 1 144 ? 2.661   -11.923 -0.002  1.00 43.92 ? 124 GLU A CD  1 
ATOM   1040 O OE1 . GLU A 1 144 ? 3.895   -11.980 0.136   1.00 45.15 ? 124 GLU A OE1 1 
ATOM   1041 O OE2 . GLU A 1 144 ? 1.871   -12.574 0.681   1.00 48.61 ? 124 GLU A OE2 1 
ATOM   1042 N N   . ALA A 1 145 ? 0.480   -7.969  -1.549  1.00 34.95 ? 125 ALA A N   1 
ATOM   1043 C CA  . ALA A 1 145 ? -0.326  -7.038  -0.725  1.00 34.03 ? 125 ALA A CA  1 
ATOM   1044 C C   . ALA A 1 145 ? -1.401  -7.806  0.064   1.00 36.78 ? 125 ALA A C   1 
ATOM   1045 O O   . ALA A 1 145 ? -1.647  -9.030  -0.171  1.00 36.91 ? 125 ALA A O   1 
ATOM   1046 C CB  . ALA A 1 145 ? -0.860  -5.953  -1.613  1.00 35.64 ? 125 ALA A CB  1 
ATOM   1047 N N   . ARG A 1 146 ? -1.886  -7.167  1.114   1.00 36.71 ? 126 ARG A N   1 
ATOM   1048 C CA  . ARG A 1 146 ? -3.058  -7.633  1.874   1.00 36.41 ? 126 ARG A CA  1 
ATOM   1049 C C   . ARG A 1 146 ? -3.863  -6.420  2.336   1.00 39.78 ? 126 ARG A C   1 
ATOM   1050 O O   . ARG A 1 146 ? -3.297  -5.285  2.527   1.00 35.10 ? 126 ARG A O   1 
ATOM   1051 C CB  . ARG A 1 146 ? -2.682  -8.615  2.981   1.00 39.71 ? 126 ARG A CB  1 
ATOM   1052 C CG  . ARG A 1 146 ? -1.966  -8.046  4.186   1.00 48.07 ? 126 ARG A CG  1 
ATOM   1053 C CD  . ARG A 1 146 ? -1.663  -9.194  5.124   1.00 48.54 ? 126 ARG A CD  1 
ATOM   1054 N NE  . ARG A 1 146 ? -2.865  -9.788  5.722   1.00 47.02 ? 126 ARG A NE  1 
ATOM   1055 C CZ  . ARG A 1 146 ? -3.525  -9.279  6.755   1.00 49.18 ? 126 ARG A CZ  1 
ATOM   1056 N NH1 . ARG A 1 146 ? -4.577  -9.917  7.227   1.00 51.44 ? 126 ARG A NH1 1 
ATOM   1057 N NH2 . ARG A 1 146 ? -3.163  -8.129  7.302   1.00 53.24 ? 126 ARG A NH2 1 
ATOM   1058 N N   . ILE A 1 147 ? -5.157  -6.656  2.449   1.00 35.01 ? 127 ILE A N   1 
ATOM   1059 C CA  . ILE A 1 147 ? -6.165  -5.653  2.892   1.00 36.27 ? 127 ILE A CA  1 
ATOM   1060 C C   . ILE A 1 147 ? -7.018  -6.324  3.950   1.00 36.80 ? 127 ILE A C   1 
ATOM   1061 O O   . ILE A 1 147 ? -7.482  -7.459  3.740   1.00 32.83 ? 127 ILE A O   1 
ATOM   1062 C CB  . ILE A 1 147 ? -6.960  -5.165  1.685   1.00 36.73 ? 127 ILE A CB  1 
ATOM   1063 C CG1 . ILE A 1 147 ? -6.041  -4.515  0.657   1.00 36.10 ? 127 ILE A CG1 1 
ATOM   1064 C CG2 . ILE A 1 147 ? -8.077  -4.235  2.112   1.00 40.07 ? 127 ILE A CG2 1 
ATOM   1065 C CD1 . ILE A 1 147 ? -6.668  -4.344  -0.667  1.00 37.30 ? 127 ILE A CD1 1 
ATOM   1066 N N   . SER A 1 148 ? -7.149  -5.675  5.084   1.00 31.45 ? 128 SER A N   1 
ATOM   1067 C CA  . SER A 1 148 ? -7.868  -6.239  6.233   1.00 37.01 ? 128 SER A CA  1 
ATOM   1068 C C   . SER A 1 148 ? -8.650  -5.114  6.922   1.00 38.55 ? 128 SER A C   1 
ATOM   1069 O O   . SER A 1 148 ? -8.015  -4.224  7.493   1.00 33.48 ? 128 SER A O   1 
ATOM   1070 C CB  . SER A 1 148 ? -6.874  -6.952  7.090   1.00 34.77 ? 128 SER A CB  1 
ATOM   1071 O OG  . SER A 1 148 ? -7.495  -7.505  8.212   1.00 33.95 ? 128 SER A OG  1 
ATOM   1072 N N   . LEU A 1 149 ? -9.982  -5.082  6.757   1.00 33.89 ? 129 LEU A N   1 
ATOM   1073 C CA  . LEU A 1 149 ? -10.863 -4.061  7.379   1.00 32.03 ? 129 LEU A CA  1 
ATOM   1074 C C   . LEU A 1 149 ? -11.940 -4.756  8.224   1.00 34.21 ? 129 LEU A C   1 
ATOM   1075 O O   . LEU A 1 149 ? -12.369 -5.882  7.844   1.00 33.77 ? 129 LEU A O   1 
ATOM   1076 C CB  . LEU A 1 149 ? -11.448 -3.189  6.275   1.00 30.84 ? 129 LEU A CB  1 
ATOM   1077 C CG  . LEU A 1 149 ? -10.583 -2.009  5.818   1.00 35.11 ? 129 LEU A CG  1 
ATOM   1078 C CD1 . LEU A 1 149 ? -9.492  -2.440  4.845   1.00 34.91 ? 129 LEU A CD1 1 
ATOM   1079 C CD2 . LEU A 1 149 ? -11.429 -0.959  5.164   1.00 36.33 ? 129 LEU A CD2 1 
ATOM   1080 N N   . HIS A 1 150 ? -12.388 -4.090  9.291   1.00 32.75 ? 130 HIS A N   1 
ATOM   1081 C CA  . HIS A 1 150 ? -13.156 -4.654  10.428  1.00 37.19 ? 130 HIS A CA  1 
ATOM   1082 C C   . HIS A 1 150 ? -14.113 -3.571  10.882  1.00 39.66 ? 130 HIS A C   1 
ATOM   1083 O O   . HIS A 1 150 ? -13.816 -2.366  10.667  1.00 32.87 ? 130 HIS A O   1 
ATOM   1084 C CB  . HIS A 1 150 ? -12.245 -5.153  11.582  1.00 37.94 ? 130 HIS A CB  1 
ATOM   1085 C CG  . HIS A 1 150 ? -11.088 -5.955  11.089  1.00 52.62 ? 130 HIS A CG  1 
ATOM   1086 N ND1 . HIS A 1 150 ? -11.112 -7.361  11.021  1.00 58.31 ? 130 HIS A ND1 1 
ATOM   1087 C CD2 . HIS A 1 150 ? -9.885  -5.574  10.582  1.00 53.86 ? 130 HIS A CD2 1 
ATOM   1088 C CE1 . HIS A 1 150 ? -9.981  -7.800  10.490  1.00 57.73 ? 130 HIS A CE1 1 
ATOM   1089 N NE2 . HIS A 1 150 ? -9.205  -6.716  10.206  1.00 50.48 ? 130 HIS A NE2 1 
ATOM   1090 N N   . GLY A 1 151 ? -15.225 -3.999  11.471  1.00 37.63 ? 131 GLY A N   1 
ATOM   1091 C CA  . GLY A 1 151 ? -16.359 -3.121  11.803  1.00 39.24 ? 131 GLY A CA  1 
ATOM   1092 C C   . GLY A 1 151 ? -16.164 -2.454  13.150  1.00 38.84 ? 131 GLY A C   1 
ATOM   1093 O O   . GLY A 1 151 ? -17.037 -1.656  13.604  1.00 38.41 ? 131 GLY A O   1 
ATOM   1094 O OXT . GLY A 1 151 ? -15.109 -2.736  13.753  1.00 44.18 ? 131 GLY A OXT 1 
HETATM 1095 C C1  . EDO B 2 .   ? 7.226   21.980  0.938   1.00 51.11 ? 201 EDO A C1  1 
HETATM 1096 O O1  . EDO B 2 .   ? 6.625   21.141  1.944   1.00 47.69 ? 201 EDO A O1  1 
HETATM 1097 C C2  . EDO B 2 .   ? 6.338   22.200  -0.197  1.00 45.50 ? 201 EDO A C2  1 
HETATM 1098 O O2  . EDO B 2 .   ? 5.099   22.574  0.302   1.00 42.76 ? 201 EDO A O2  1 
HETATM 1099 C C1  . EDO C 2 .   ? 11.705  24.214  -2.264  1.00 59.19 ? 202 EDO A C1  1 
HETATM 1100 O O1  . EDO C 2 .   ? 11.196  25.424  -2.923  1.00 54.11 ? 202 EDO A O1  1 
HETATM 1101 C C2  . EDO C 2 .   ? 10.910  22.951  -2.466  1.00 56.52 ? 202 EDO A C2  1 
HETATM 1102 O O2  . EDO C 2 .   ? 10.000  22.601  -1.411  1.00 51.59 ? 202 EDO A O2  1 
HETATM 1103 C C1  . EDO D 2 .   ? 5.818   7.677   12.764  1.00 44.67 ? 203 EDO A C1  1 
HETATM 1104 O O1  . EDO D 2 .   ? 5.116   6.610   13.306  1.00 40.18 ? 203 EDO A O1  1 
HETATM 1105 C C2  . EDO D 2 .   ? 5.363   8.922   13.387  1.00 43.21 ? 203 EDO A C2  1 
HETATM 1106 O O2  . EDO D 2 .   ? 5.857   10.102  12.760  1.00 44.55 ? 203 EDO A O2  1 
HETATM 1107 C C1  . EDO E 2 .   ? 3.526   12.111  13.539  1.00 34.94 ? 204 EDO A C1  1 
HETATM 1108 O O1  . EDO E 2 .   ? 4.355   12.143  12.405  1.00 37.26 ? 204 EDO A O1  1 
HETATM 1109 C C2  . EDO E 2 .   ? 2.124   12.114  13.166  1.00 39.92 ? 204 EDO A C2  1 
HETATM 1110 O O2  . EDO E 2 .   ? 1.817   11.126  12.192  1.00 39.56 ? 204 EDO A O2  1 
HETATM 1111 C C1  . EDO F 2 .   ? 1.588   13.243  9.154   1.00 39.23 ? 205 EDO A C1  1 
HETATM 1112 O O1  . EDO F 2 .   ? 2.092   14.466  9.603   1.00 43.92 ? 205 EDO A O1  1 
HETATM 1113 C C2  . EDO F 2 .   ? 0.848   13.458  7.893   1.00 41.96 ? 205 EDO A C2  1 
HETATM 1114 O O2  . EDO F 2 .   ? 1.635   14.103  6.936   1.00 39.42 ? 205 EDO A O2  1 
HETATM 1115 C C1  . EDO G 2 .   ? 4.746   18.303  -1.459  1.00 33.11 ? 206 EDO A C1  1 
HETATM 1116 O O1  . EDO G 2 .   ? 5.418   17.105  -1.884  1.00 27.16 ? 206 EDO A O1  1 
HETATM 1117 C C2  . EDO G 2 .   ? 4.661   18.541  0.031   1.00 38.17 ? 206 EDO A C2  1 
HETATM 1118 O O2  . EDO G 2 .   ? 4.236   17.414  0.860   1.00 38.92 ? 206 EDO A O2  1 
HETATM 1119 C C1  . EDO H 2 .   ? -15.070 -10.715 -0.519  1.00 52.14 ? 207 EDO A C1  1 
HETATM 1120 O O1  . EDO H 2 .   ? -14.481 -11.503 -1.524  1.00 59.87 ? 207 EDO A O1  1 
HETATM 1121 C C2  . EDO H 2 .   ? -15.938 -9.634  -1.018  1.00 46.49 ? 207 EDO A C2  1 
HETATM 1122 O O2  . EDO H 2 .   ? -15.738 -9.307  -2.363  1.00 53.99 ? 207 EDO A O2  1 
HETATM 1123 C C1  . EDO I 2 .   ? -14.309 0.850   -8.598  0.50 33.42 ? 208 EDO A C1  1 
HETATM 1124 O O1  . EDO I 2 .   ? -14.840 0.852   -7.293  0.50 31.12 ? 208 EDO A O1  1 
HETATM 1125 C C2  . EDO I 2 .   ? -14.629 2.052   -9.390  0.50 31.69 ? 208 EDO A C2  1 
HETATM 1126 O O2  . EDO I 2 .   ? -15.747 2.745   -8.893  0.50 37.33 ? 208 EDO A O2  1 
HETATM 1127 C C1  . EDO J 2 .   ? -19.200 0.242   -4.691  1.00 47.35 ? 209 EDO A C1  1 
HETATM 1128 O O1  . EDO J 2 .   ? -18.690 -1.069  -4.876  1.00 48.37 ? 209 EDO A O1  1 
HETATM 1129 C C2  . EDO J 2 .   ? -18.209 1.221   -5.173  1.00 49.82 ? 209 EDO A C2  1 
HETATM 1130 O O2  . EDO J 2 .   ? -17.165 0.505   -5.792  1.00 48.24 ? 209 EDO A O2  1 
HETATM 1131 C C1  . EDO K 2 .   ? 7.826   2.566   10.467  1.00 56.75 ? 210 EDO A C1  1 
HETATM 1132 O O1  . EDO K 2 .   ? 7.870   1.230   10.865  1.00 61.97 ? 210 EDO A O1  1 
HETATM 1133 C C2  . EDO K 2 .   ? 6.465   3.027   10.220  1.00 54.95 ? 210 EDO A C2  1 
HETATM 1134 O O2  . EDO K 2 .   ? 5.762   3.154   11.423  1.00 63.77 ? 210 EDO A O2  1 
HETATM 1135 C C1  . EDO L 2 .   ? 18.364  -0.385  3.210   1.00 62.74 ? 211 EDO A C1  1 
HETATM 1136 O O1  . EDO L 2 .   ? 18.459  -1.731  2.784   1.00 70.67 ? 211 EDO A O1  1 
HETATM 1137 C C2  . EDO L 2 .   ? 19.120  -0.202  4.450   1.00 67.03 ? 211 EDO A C2  1 
HETATM 1138 O O2  . EDO L 2 .   ? 19.123  -1.389  5.220   1.00 57.15 ? 211 EDO A O2  1 
HETATM 1139 C C1  . EDO M 2 .   ? 6.638   1.148   -13.918 1.00 64.12 ? 212 EDO A C1  1 
HETATM 1140 O O1  . EDO M 2 .   ? 6.170   -0.161  -14.057 1.00 69.75 ? 212 EDO A O1  1 
HETATM 1141 C C2  . EDO M 2 .   ? 6.478   1.920   -15.158 1.00 67.13 ? 212 EDO A C2  1 
HETATM 1142 O O2  . EDO M 2 .   ? 6.528   3.322   -14.936 1.00 61.22 ? 212 EDO A O2  1 
HETATM 1143 C C1  A EDO N 2 .   ? -10.973 -1.999  -11.971 0.50 41.08 ? 213 EDO A C1  1 
HETATM 1144 C C1  B EDO N 2 .   ? -12.418 -1.704  -9.733  0.50 49.70 ? 213 EDO A C1  1 
HETATM 1145 O O1  A EDO N 2 .   ? -9.671  -2.512  -12.154 0.50 30.69 ? 213 EDO A O1  1 
HETATM 1146 O O1  B EDO N 2 .   ? -13.599 -1.953  -10.472 0.50 47.82 ? 213 EDO A O1  1 
HETATM 1147 C C2  A EDO N 2 .   ? -11.336 -1.660  -10.571 0.50 44.07 ? 213 EDO A C2  1 
HETATM 1148 C C2  B EDO N 2 .   ? -11.266 -1.330  -10.594 0.50 49.91 ? 213 EDO A C2  1 
HETATM 1149 O O2  A EDO N 2 .   ? -12.567 -0.959  -10.496 0.50 49.20 ? 213 EDO A O2  1 
HETATM 1150 O O2  B EDO N 2 .   ? -11.425 -0.084  -11.247 0.50 47.55 ? 213 EDO A O2  1 
HETATM 1151 C C1  . EDO O 2 .   ? 4.198   -12.601 -5.266  1.00 63.46 ? 214 EDO A C1  1 
HETATM 1152 O O1  . EDO O 2 .   ? 3.933   -11.250 -5.583  1.00 66.27 ? 214 EDO A O1  1 
HETATM 1153 C C2  . EDO O 2 .   ? 3.088   -13.194 -4.496  1.00 64.86 ? 214 EDO A C2  1 
HETATM 1154 O O2  . EDO O 2 .   ? 1.839   -12.623 -4.823  1.00 73.47 ? 214 EDO A O2  1 
HETATM 1155 C C1  . EDO P 2 .   ? -6.009  -4.912  11.343  1.00 58.95 ? 215 EDO A C1  1 
HETATM 1156 O O1  . EDO P 2 .   ? -6.333  -4.709  10.008  1.00 54.96 ? 215 EDO A O1  1 
HETATM 1157 C C2  . EDO P 2 .   ? -6.666  -3.904  12.186  1.00 64.86 ? 215 EDO A C2  1 
HETATM 1158 O O2  . EDO P 2 .   ? -5.910  -2.711  12.308  1.00 72.76 ? 215 EDO A O2  1 
HETATM 1159 C C1  . EDO Q 2 .   ? 1.644   -9.756  7.379   1.00 64.26 ? 216 EDO A C1  1 
HETATM 1160 O O1  . EDO Q 2 .   ? 0.939   -8.577  7.619   1.00 58.47 ? 216 EDO A O1  1 
HETATM 1161 C C2  . EDO Q 2 .   ? 0.757   -10.933 7.350   1.00 76.15 ? 216 EDO A C2  1 
HETATM 1162 O O2  . EDO Q 2 .   ? -0.125  -10.947 8.467   1.00 89.98 ? 216 EDO A O2  1 
HETATM 1163 C C1  . EDO R 2 .   ? 7.210   2.803   -3.411  1.00 54.04 ? 217 EDO A C1  1 
HETATM 1164 O O1  . EDO R 2 .   ? 7.316   2.409   -2.081  1.00 55.23 ? 217 EDO A O1  1 
HETATM 1165 C C2  . EDO R 2 .   ? 5.998   2.234   -4.053  1.00 57.11 ? 217 EDO A C2  1 
HETATM 1166 O O2  . EDO R 2 .   ? 6.049   2.236   -5.480  1.00 61.10 ? 217 EDO A O2  1 
HETATM 1167 C C1  . EDO S 2 .   ? -25.416 -3.216  2.973   1.00 74.27 ? 218 EDO A C1  1 
HETATM 1168 O O1  . EDO S 2 .   ? -24.350 -4.156  2.907   1.00 74.73 ? 218 EDO A O1  1 
HETATM 1169 C C2  . EDO S 2 .   ? -26.537 -3.525  2.041   1.00 76.25 ? 218 EDO A C2  1 
HETATM 1170 O O2  . EDO S 2 .   ? -27.781 -3.782  2.683   1.00 82.84 ? 218 EDO A O2  1 
HETATM 1171 C C1  . EDO T 2 .   ? -9.320  -16.370 -4.463  1.00 75.09 ? 219 EDO A C1  1 
HETATM 1172 O O1  . EDO T 2 .   ? -9.760  -15.045 -4.282  1.00 78.34 ? 219 EDO A O1  1 
HETATM 1173 C C2  . EDO T 2 .   ? -9.392  -17.184 -3.231  1.00 77.09 ? 219 EDO A C2  1 
HETATM 1174 O O2  . EDO T 2 .   ? -10.126 -16.519 -2.225  1.00 69.76 ? 219 EDO A O2  1 
HETATM 1175 C C1  . EDO U 2 .   ? 4.013   17.977  4.368   0.50 51.87 ? 220 EDO A C1  1 
HETATM 1176 O O1  . EDO U 2 .   ? 5.276   17.679  3.797   0.50 50.79 ? 220 EDO A O1  1 
HETATM 1177 C C2  . EDO U 2 .   ? 4.104   18.766  5.628   0.50 52.21 ? 220 EDO A C2  1 
HETATM 1178 O O2  . EDO U 2 .   ? 5.101   18.300  6.519   0.50 52.11 ? 220 EDO A O2  1 
HETATM 1179 C C1  . EDO V 2 .   ? -16.602 -5.539  13.938  1.00 60.95 ? 221 EDO A C1  1 
HETATM 1180 O O1  . EDO V 2 .   ? -15.373 -6.214  13.731  1.00 59.39 ? 221 EDO A O1  1 
HETATM 1181 C C2  . EDO V 2 .   ? -17.450 -6.112  15.023  1.00 75.08 ? 221 EDO A C2  1 
HETATM 1182 O O2  . EDO V 2 .   ? -18.428 -5.214  15.526  1.00 78.74 ? 221 EDO A O2  1 
HETATM 1183 S S   . DMS W 3 .   ? 3.157   0.375   -3.289  1.00 74.58 ? 222 DMS A S   1 
HETATM 1184 O O   . DMS W 3 .   ? 2.246   -0.807  -3.392  1.00 91.41 ? 222 DMS A O   1 
HETATM 1185 C C1  . DMS W 3 .   ? 2.333   1.508   -2.212  1.00 75.93 ? 222 DMS A C1  1 
HETATM 1186 C C2  . DMS W 3 .   ? 3.024   1.257   -4.802  1.00 69.11 ? 222 DMS A C2  1 
HETATM 1187 O O   . HOH X 4 .   ? 5.950   18.480  4.752   0.50 45.21 ? 301 HOH A O   1 
HETATM 1188 O O   . HOH X 4 .   ? -1.960  -6.183  10.359  1.00 61.37 ? 302 HOH A O   1 
HETATM 1189 O O   . HOH X 4 .   ? 17.302  3.831   2.864   1.00 51.75 ? 303 HOH A O   1 
HETATM 1190 O O   . HOH X 4 .   ? 8.053   21.927  3.811   1.00 43.19 ? 304 HOH A O   1 
HETATM 1191 O O   . HOH X 4 .   ? 7.680   -2.324  8.634   1.00 46.69 ? 305 HOH A O   1 
HETATM 1192 O O   . HOH X 4 .   ? 9.608   25.733  -4.858  1.00 37.46 ? 306 HOH A O   1 
HETATM 1193 O O   . HOH X 4 .   ? -10.763 2.048   14.182  1.00 44.44 ? 307 HOH A O   1 
HETATM 1194 O O   . HOH X 4 .   ? -17.372 -8.153  -6.209  1.00 54.43 ? 308 HOH A O   1 
HETATM 1195 O O   . HOH X 4 .   ? -21.979 -4.729  2.138   1.00 54.86 ? 309 HOH A O   1 
HETATM 1196 O O   . HOH X 4 .   ? 11.406  1.005   11.078  1.00 63.89 ? 310 HOH A O   1 
HETATM 1197 O O   . HOH X 4 .   ? 2.872   22.149  -0.934  1.00 36.40 ? 311 HOH A O   1 
HETATM 1198 O O   . HOH X 4 .   ? 8.702   -9.908  4.783   1.00 49.61 ? 312 HOH A O   1 
HETATM 1199 O O   . HOH X 4 .   ? -7.081  -12.864 -2.461  1.00 41.04 ? 313 HOH A O   1 
HETATM 1200 O O   . HOH X 4 .   ? 10.133  -10.036 0.840   1.00 48.62 ? 314 HOH A O   1 
HETATM 1201 O O   . HOH X 4 .   ? 1.763   2.249   9.843   1.00 42.65 ? 315 HOH A O   1 
HETATM 1202 O O   . HOH X 4 .   ? 15.612  1.469   9.077   1.00 46.53 ? 316 HOH A O   1 
HETATM 1203 O O   . HOH X 4 .   ? 8.155   -7.576  -5.487  1.00 44.00 ? 317 HOH A O   1 
HETATM 1204 O O   . HOH X 4 .   ? 3.038   11.788  1.070   1.00 25.10 ? 318 HOH A O   1 
HETATM 1205 O O   . HOH X 4 .   ? 0.387   11.901  -6.839  1.00 27.01 ? 319 HOH A O   1 
HETATM 1206 O O   . HOH X 4 .   ? 14.538  -3.212  7.523   1.00 50.37 ? 320 HOH A O   1 
HETATM 1207 O O   . HOH X 4 .   ? -2.360  0.663   11.581  1.00 50.04 ? 321 HOH A O   1 
HETATM 1208 O O   . HOH X 4 .   ? 10.650  8.888   -12.571 1.00 46.65 ? 322 HOH A O   1 
HETATM 1209 O O   . HOH X 4 .   ? 9.080   -4.577  1.579   1.00 35.68 ? 323 HOH A O   1 
HETATM 1210 O O   . HOH X 4 .   ? 18.793  6.916   7.343   1.00 62.31 ? 324 HOH A O   1 
HETATM 1211 O O   . HOH X 4 .   ? 19.305  8.575   3.061   1.00 44.34 ? 325 HOH A O   1 
HETATM 1212 O O   . HOH X 4 .   ? -2.946  7.274   8.965   1.00 31.95 ? 326 HOH A O   1 
HETATM 1213 O O   . HOH X 4 .   ? -5.569  -8.847  9.622   1.00 68.10 ? 327 HOH A O   1 
HETATM 1214 O O   . HOH X 4 .   ? -12.645 -4.470  -10.998 1.00 63.40 ? 328 HOH A O   1 
HETATM 1215 O O   . HOH X 4 .   ? 7.440   0.463   8.256   1.00 30.19 ? 329 HOH A O   1 
HETATM 1216 O O   . HOH X 4 .   ? -16.829 -0.373  16.034  1.00 37.72 ? 330 HOH A O   1 
HETATM 1217 O O   . HOH X 4 .   ? 8.102   17.373  -1.290  1.00 30.57 ? 331 HOH A O   1 
HETATM 1218 O O   . HOH X 4 .   ? 11.495  16.679  -4.388  1.00 32.51 ? 332 HOH A O   1 
HETATM 1219 O O   . HOH X 4 .   ? -20.091 -2.732  5.123   1.00 50.02 ? 333 HOH A O   1 
HETATM 1220 O O   . HOH X 4 .   ? 4.673   0.554   7.779   1.00 30.02 ? 334 HOH A O   1 
HETATM 1221 O O   . HOH X 4 .   ? 15.063  14.179  8.889   1.00 33.39 ? 335 HOH A O   1 
HETATM 1222 O O   . HOH X 4 .   ? 4.411   -3.204  -7.433  1.00 54.77 ? 336 HOH A O   1 
HETATM 1223 O O   . HOH X 4 .   ? 1.572   16.888  0.150   1.00 46.62 ? 337 HOH A O   1 
HETATM 1224 O O   . HOH X 4 .   ? 3.809   13.858  2.651   1.00 24.64 ? 338 HOH A O   1 
HETATM 1225 O O   . HOH X 4 .   ? -8.963  -11.073 -14.020 1.00 52.37 ? 339 HOH A O   1 
HETATM 1226 O O   . HOH X 4 .   ? 6.709   -5.820  9.527   1.00 63.65 ? 340 HOH A O   1 
HETATM 1227 O O   . HOH X 4 .   ? -4.149  -6.573  9.806   1.00 50.77 ? 341 HOH A O   1 
HETATM 1228 O O   . HOH X 4 .   ? 12.702  16.167  8.177   1.00 36.00 ? 342 HOH A O   1 
HETATM 1229 O O   . HOH X 4 .   ? 14.988  8.740   -8.872  1.00 58.83 ? 343 HOH A O   1 
HETATM 1230 O O   . HOH X 4 .   ? 22.735  6.863   -4.604  1.00 58.73 ? 344 HOH A O   1 
HETATM 1231 O O   . HOH X 4 .   ? 0.344   12.421  1.161   1.00 29.87 ? 345 HOH A O   1 
HETATM 1232 O O   . HOH X 4 .   ? -2.875  10.497  -2.610  1.00 39.33 ? 346 HOH A O   1 
HETATM 1233 O O   . HOH X 4 .   ? -0.691  -11.775 1.863   1.00 47.08 ? 347 HOH A O   1 
HETATM 1234 O O   . HOH X 4 .   ? -5.143  9.892   -1.358  1.00 30.98 ? 348 HOH A O   1 
HETATM 1235 O O   . HOH X 4 .   ? 17.448  5.776   -7.461  1.00 45.82 ? 349 HOH A O   1 
HETATM 1236 O O   . HOH X 4 .   ? 17.554  14.133  3.715   1.00 33.08 ? 350 HOH A O   1 
HETATM 1237 O O   . HOH X 4 .   ? 3.572   -0.698  9.625   1.00 42.59 ? 351 HOH A O   1 
HETATM 1238 O O   . HOH X 4 .   ? -10.215 -2.694  12.465  1.00 54.24 ? 352 HOH A O   1 
HETATM 1239 O O   . HOH X 4 .   ? 1.010   5.023   10.057  1.00 27.05 ? 353 HOH A O   1 
HETATM 1240 O O   . HOH X 4 .   ? 16.256  15.516  -5.069  1.00 44.84 ? 354 HOH A O   1 
HETATM 1241 O O   . HOH X 4 .   ? -16.438 -0.898  -9.814  0.50 40.91 ? 355 HOH A O   1 
HETATM 1242 O O   . HOH X 4 .   ? 5.648   -4.653  -11.145 1.00 39.01 ? 356 HOH A O   1 
HETATM 1243 O O   . HOH X 4 .   ? 19.620  12.408  -4.374  1.00 40.75 ? 357 HOH A O   1 
HETATM 1244 O O   . HOH X 4 .   ? -4.236  2.231   -18.237 1.00 61.03 ? 358 HOH A O   1 
HETATM 1245 O O   . HOH X 4 .   ? 7.274   -0.562  -3.274  0.50 33.58 ? 359 HOH A O   1 
HETATM 1246 O O   . HOH X 4 .   ? 8.259   -8.949  7.484   1.00 35.87 ? 360 HOH A O   1 
HETATM 1247 O O   . HOH X 4 .   ? 14.051  -7.046  -1.615  1.00 58.09 ? 361 HOH A O   1 
HETATM 1248 O O   . HOH X 4 .   ? 0.036   15.135  -1.410  1.00 47.63 ? 362 HOH A O   1 
HETATM 1249 O O   . HOH X 4 .   ? 18.314  12.674  12.871  1.00 59.99 ? 363 HOH A O   1 
HETATM 1250 O O   . HOH X 4 .   ? -0.012  -6.571  -15.224 1.00 63.80 ? 364 HOH A O   1 
HETATM 1251 O O   . HOH X 4 .   ? -19.319 3.604   -7.706  1.00 65.37 ? 365 HOH A O   1 
HETATM 1252 O O   . HOH X 4 .   ? -3.145  10.175  -5.030  0.50 48.54 ? 366 HOH A O   1 
HETATM 1253 O O   . HOH X 4 .   ? 5.181   -14.254 -2.890  1.00 70.54 ? 367 HOH A O   1 
HETATM 1254 O O   . HOH X 4 .   ? 19.195  6.892   4.625   1.00 57.22 ? 368 HOH A O   1 
HETATM 1255 O O   . HOH X 4 .   ? -1.580  7.526   11.228  0.50 49.96 ? 369 HOH A O   1 
# 
loop_
_pdbx_poly_seq_scheme.asym_id 
_pdbx_poly_seq_scheme.entity_id 
_pdbx_poly_seq_scheme.seq_id 
_pdbx_poly_seq_scheme.mon_id 
_pdbx_poly_seq_scheme.ndb_seq_num 
_pdbx_poly_seq_scheme.pdb_seq_num 
_pdbx_poly_seq_scheme.auth_seq_num 
_pdbx_poly_seq_scheme.pdb_mon_id 
_pdbx_poly_seq_scheme.auth_mon_id 
_pdbx_poly_seq_scheme.pdb_strand_id 
_pdbx_poly_seq_scheme.pdb_ins_code 
_pdbx_poly_seq_scheme.hetero 
A 1 1   MET 1   -19 ?   ?   ?   A . n 
A 1 2   GLY 2   -18 ?   ?   ?   A . n 
A 1 3   SER 3   -17 ?   ?   ?   A . n 
A 1 4   SER 4   -16 ?   ?   ?   A . n 
A 1 5   HIS 5   -15 ?   ?   ?   A . n 
A 1 6   HIS 6   -14 ?   ?   ?   A . n 
A 1 7   HIS 7   -13 ?   ?   ?   A . n 
A 1 8   HIS 8   -12 ?   ?   ?   A . n 
A 1 9   HIS 9   -11 ?   ?   ?   A . n 
A 1 10  HIS 10  -10 ?   ?   ?   A . n 
A 1 11  SER 11  -9  ?   ?   ?   A . n 
A 1 12  SER 12  -8  ?   ?   ?   A . n 
A 1 13  GLY 13  -7  ?   ?   ?   A . n 
A 1 14  LEU 14  -6  ?   ?   ?   A . n 
A 1 15  VAL 15  -5  ?   ?   ?   A . n 
A 1 16  PRO 16  -4  ?   ?   ?   A . n 
A 1 17  ARG 17  -3  ?   ?   ?   A . n 
A 1 18  GLY 18  -2  -2  GLY GLY A . n 
A 1 19  SER 19  -1  -1  SER SER A . n 
A 1 20  HIS 20  0   0   HIS HIS A . n 
A 1 21  MET 21  1   1   MET MET A . n 
A 1 22  SER 22  2   2   SER SER A . n 
A 1 23  VAL 23  3   3   VAL VAL A . n 
A 1 24  VAL 24  4   4   VAL VAL A . n 
A 1 25  HIS 25  5   5   HIS HIS A . n 
A 1 26  GLU 26  6   6   GLU GLU A . n 
A 1 27  GLY 27  7   7   GLY GLY A . n 
A 1 28  ILE 28  8   8   ILE ILE A . n 
A 1 29  TRP 29  9   9   TRP TRP A . n 
A 1 30  GLU 30  10  10  GLU GLU A . n 
A 1 31  PRO 31  11  11  PRO PRO A . n 
A 1 32  GLN 32  12  12  GLN GLN A . n 
A 1 33  ILE 33  13  13  ILE ILE A . n 
A 1 34  ARG 34  14  14  ARG ARG A . n 
A 1 35  ASN 35  15  15  ASN ASN A . n 
A 1 36  GLU 36  16  16  GLU GLU A . n 
A 1 37  GLN 37  17  17  GLN GLN A . n 
A 1 38  ASN 38  18  18  ASN ASN A . n 
A 1 39  VAL 39  19  19  VAL VAL A . n 
A 1 40  ASN 40  20  20  ASN ASN A . n 
A 1 41  VAL 41  21  21  VAL VAL A . n 
A 1 42  ALA 42  22  22  ALA ALA A . n 
A 1 43  ASP 43  23  23  ASP ASP A . n 
A 1 44  PRO 44  24  24  PRO PRO A . n 
A 1 45  GLN 45  25  25  GLN GLN A . n 
A 1 46  VAL 46  26  26  VAL VAL A . n 
A 1 47  GLY 47  27  27  GLY GLY A . n 
A 1 48  GLN 48  28  28  GLN GLN A . n 
A 1 49  ILE 49  29  29  ILE ILE A . n 
A 1 50  GLY 50  30  30  GLY GLY A . n 
A 1 51  SER 51  31  31  SER SER A . n 
A 1 52  TYR 52  32  32  TYR TYR A . n 
A 1 53  TYR 53  33  33  TYR TYR A . n 
A 1 54  ASP 54  34  34  ASP ASP A . n 
A 1 55  GLU 55  35  35  GLU GLU A . n 
A 1 56  LEU 56  36  36  LEU LEU A . n 
A 1 57  TYR 57  37  37  TYR TYR A . n 
A 1 58  ASP 58  38  38  ASP ASP A . n 
A 1 59  SER 59  39  39  SER SER A . n 
A 1 60  SER 60  40  40  SER SER A . n 
A 1 61  ARG 61  41  41  ARG ARG A . n 
A 1 62  GLU 62  42  42  GLU GLU A . n 
A 1 63  LEU 63  43  43  LEU LEU A . n 
A 1 64  LEU 64  44  44  LEU LEU A . n 
A 1 65  GLY 65  45  45  GLY GLY A . n 
A 1 66  ILE 66  46  46  ILE ILE A . n 
A 1 67  THR 67  47  47  THR THR A . n 
A 1 68  ILE 68  48  48  ILE ILE A . n 
A 1 69  GLY 69  49  49  GLY GLY A . n 
A 1 70  ARG 70  50  50  ARG ARG A . n 
A 1 71  TYR 71  51  51  TYR TYR A . n 
A 1 72  GLU 72  52  52  GLU GLU A . n 
A 1 73  ILE 73  53  53  ILE ILE A . n 
A 1 74  ARG 74  54  54  ARG ARG A . n 
A 1 75  TYR 75  55  55  TYR TYR A . n 
A 1 76  LYS 76  56  56  LYS LYS A . n 
A 1 77  LYS 77  57  57  LYS LYS A . n 
A 1 78  VAL 78  58  58  VAL VAL A . n 
A 1 79  GLY 79  59  59  GLY GLY A . n 
A 1 80  GLY 80  60  60  GLY GLY A . n 
A 1 81  ALA 81  61  61  ALA ALA A . n 
A 1 82  VAL 82  62  62  VAL VAL A . n 
A 1 83  LEU 83  63  63  LEU LEU A . n 
A 1 84  THR 84  64  64  THR THR A . n 
A 1 85  TYR 85  65  65  TYR TYR A . n 
A 1 86  TYR 86  66  66  TYR TYR A . n 
A 1 87  SER 87  67  67  SER SER A . n 
A 1 88  GLU 88  68  68  GLU GLU A . n 
A 1 89  ASP 89  69  69  ASP ASP A . n 
A 1 90  LEU 90  70  70  LEU LEU A . n 
A 1 91  PHE 91  71  71  PHE PHE A . n 
A 1 92  LEU 92  72  72  LEU LEU A . n 
A 1 93  ARG 93  73  73  ARG ARG A . n 
A 1 94  ASP 94  74  74  ASP ASP A . n 
A 1 95  GLY 95  75  75  GLY GLY A . n 
A 1 96  ILE 96  76  76  ILE ILE A . n 
A 1 97  ILE 97  77  77  ILE ILE A . n 
A 1 98  HIS 98  78  78  HIS HIS A . n 
A 1 99  ALA 99  79  79  ALA ALA A . n 
A 1 100 GLU 100 80  80  GLU GLU A . n 
A 1 101 GLY 101 81  81  GLY GLY A . n 
A 1 102 TRP 102 82  82  TRP TRP A . n 
A 1 103 ALA 103 83  83  ALA ALA A . n 
A 1 104 ASP 104 84  84  ASP ASP A . n 
A 1 105 PHE 105 85  85  PHE PHE A . n 
A 1 106 ASN 106 86  86  ASN ASN A . n 
A 1 107 ASP 107 87  87  ASP ASP A . n 
A 1 108 VAL 108 88  88  VAL VAL A . n 
A 1 109 LYS 109 89  89  LYS LYS A . n 
A 1 110 ASN 110 90  90  ASN ASN A . n 
A 1 111 GLY 111 91  91  GLY GLY A . n 
A 1 112 VAL 112 92  92  VAL VAL A . n 
A 1 113 TRP 113 93  93  TRP TRP A . n 
A 1 114 VAL 114 94  94  VAL VAL A . n 
A 1 115 GLY 115 95  95  GLY GLY A . n 
A 1 116 TYR 116 96  96  TYR TYR A . n 
A 1 117 PRO 117 97  97  PRO PRO A . n 
A 1 118 ALA 118 98  98  ALA ALA A . n 
A 1 119 VAL 119 99  99  VAL VAL A . n 
A 1 120 GLY 120 100 100 GLY GLY A . n 
A 1 121 LEU 121 101 101 LEU LEU A . n 
A 1 122 ASP 122 102 102 ASP ASP A . n 
A 1 123 GLY 123 103 103 GLY GLY A . n 
A 1 124 VAL 124 104 104 VAL VAL A . n 
A 1 125 TYR 125 105 105 TYR TYR A . n 
A 1 126 ARG 126 106 106 ARG ARG A . n 
A 1 127 GLY 127 107 107 GLY GLY A . n 
A 1 128 LEU 128 108 108 LEU LEU A . n 
A 1 129 ASP 129 109 109 ASP ASP A . n 
A 1 130 GLY 130 110 110 GLY GLY A . n 
A 1 131 ARG 131 111 111 ARG ARG A . n 
A 1 132 ARG 132 112 112 ARG ARG A . n 
A 1 133 GLU 133 113 113 GLU GLU A . n 
A 1 134 TRP 134 114 114 TRP TRP A . n 
A 1 135 ARG 135 115 115 ARG ARG A . n 
A 1 136 VAL 136 116 116 VAL VAL A . n 
A 1 137 ILE 137 117 117 ILE ILE A . n 
A 1 138 GLU 138 118 118 GLU GLU A . n 
A 1 139 PRO 139 119 119 PRO PRO A . n 
A 1 140 ASP 140 120 120 ASP ASP A . n 
A 1 141 GLN 141 121 121 GLN GLN A . n 
A 1 142 PRO 142 122 122 PRO PRO A . n 
A 1 143 VAL 143 123 123 VAL VAL A . n 
A 1 144 GLU 144 124 124 GLU GLU A . n 
A 1 145 ALA 145 125 125 ALA ALA A . n 
A 1 146 ARG 146 126 126 ARG ARG A . n 
A 1 147 ILE 147 127 127 ILE ILE A . n 
A 1 148 SER 148 128 128 SER SER A . n 
A 1 149 LEU 149 129 129 LEU LEU A . n 
A 1 150 HIS 150 130 130 HIS HIS A . n 
A 1 151 GLY 151 131 131 GLY GLY A . n 
# 
loop_
_pdbx_nonpoly_scheme.asym_id 
_pdbx_nonpoly_scheme.entity_id 
_pdbx_nonpoly_scheme.mon_id 
_pdbx_nonpoly_scheme.ndb_seq_num 
_pdbx_nonpoly_scheme.pdb_seq_num 
_pdbx_nonpoly_scheme.auth_seq_num 
_pdbx_nonpoly_scheme.pdb_mon_id 
_pdbx_nonpoly_scheme.auth_mon_id 
_pdbx_nonpoly_scheme.pdb_strand_id 
_pdbx_nonpoly_scheme.pdb_ins_code 
B 2 EDO 1  201 132 EDO EDO A . 
C 2 EDO 1  202 133 EDO EDO A . 
D 2 EDO 1  203 134 EDO EDO A . 
E 2 EDO 1  204 135 EDO EDO A . 
F 2 EDO 1  205 136 EDO EDO A . 
G 2 EDO 1  206 137 EDO EDO A . 
H 2 EDO 1  207 138 EDO EDO A . 
I 2 EDO 1  208 139 EDO EDO A . 
J 2 EDO 1  209 140 EDO EDO A . 
K 2 EDO 1  210 141 EDO EDO A . 
L 2 EDO 1  211 142 EDO EDO A . 
M 2 EDO 1  212 144 EDO EDO A . 
N 2 EDO 1  213 145 EDO EDO A . 
O 2 EDO 1  214 146 EDO EDO A . 
P 2 EDO 1  215 147 EDO EDO A . 
Q 2 EDO 1  216 148 EDO EDO A . 
R 2 EDO 1  217 149 EDO EDO A . 
S 2 EDO 1  218 150 EDO EDO A . 
T 2 EDO 1  219 151 EDO EDO A . 
U 2 EDO 1  220 152 EDO EDO A . 
V 2 EDO 1  221 153 EDO EDO A . 
W 3 DMS 1  222 301 DMS DMS A . 
X 4 HOH 1  301 207 HOH HOH A . 
X 4 HOH 2  302 215 HOH HOH A . 
X 4 HOH 3  303 175 HOH HOH A . 
X 4 HOH 4  304 190 HOH HOH A . 
X 4 HOH 5  305 202 HOH HOH A . 
X 4 HOH 6  306 179 HOH HOH A . 
X 4 HOH 7  307 201 HOH HOH A . 
X 4 HOH 8  308 181 HOH HOH A . 
X 4 HOH 9  309 206 HOH HOH A . 
X 4 HOH 10 310 204 HOH HOH A . 
X 4 HOH 11 311 189 HOH HOH A . 
X 4 HOH 12 312 182 HOH HOH A . 
X 4 HOH 13 313 198 HOH HOH A . 
X 4 HOH 14 314 196 HOH HOH A . 
X 4 HOH 15 315 195 HOH HOH A . 
X 4 HOH 16 316 184 HOH HOH A . 
X 4 HOH 17 317 185 HOH HOH A . 
X 4 HOH 18 318 166 HOH HOH A . 
X 4 HOH 19 319 160 HOH HOH A . 
X 4 HOH 20 320 203 HOH HOH A . 
X 4 HOH 21 321 186 HOH HOH A . 
X 4 HOH 22 322 183 HOH HOH A . 
X 4 HOH 23 323 156 HOH HOH A . 
X 4 HOH 24 324 217 HOH HOH A . 
X 4 HOH 25 325 219 HOH HOH A . 
X 4 HOH 26 326 173 HOH HOH A . 
X 4 HOH 27 327 214 HOH HOH A . 
X 4 HOH 28 328 200 HOH HOH A . 
X 4 HOH 29 329 163 HOH HOH A . 
X 4 HOH 30 330 155 HOH HOH A . 
X 4 HOH 31 331 169 HOH HOH A . 
X 4 HOH 32 332 170 HOH HOH A . 
X 4 HOH 33 333 205 HOH HOH A . 
X 4 HOH 34 334 168 HOH HOH A . 
X 4 HOH 35 335 161 HOH HOH A . 
X 4 HOH 36 336 221 HOH HOH A . 
X 4 HOH 37 337 191 HOH HOH A . 
X 4 HOH 38 338 167 HOH HOH A . 
X 4 HOH 39 339 220 HOH HOH A . 
X 4 HOH 40 340 216 HOH HOH A . 
X 4 HOH 41 341 209 HOH HOH A . 
X 4 HOH 42 342 180 HOH HOH A . 
X 4 HOH 43 343 223 HOH HOH A . 
X 4 HOH 44 344 224 HOH HOH A . 
X 4 HOH 45 345 171 HOH HOH A . 
X 4 HOH 46 346 172 HOH HOH A . 
X 4 HOH 47 347 178 HOH HOH A . 
X 4 HOH 48 348 162 HOH HOH A . 
X 4 HOH 49 349 174 HOH HOH A . 
X 4 HOH 50 350 159 HOH HOH A . 
X 4 HOH 51 351 176 HOH HOH A . 
X 4 HOH 52 352 210 HOH HOH A . 
X 4 HOH 53 353 158 HOH HOH A . 
X 4 HOH 54 354 177 HOH HOH A . 
X 4 HOH 55 355 222 HOH HOH A . 
X 4 HOH 56 356 194 HOH HOH A . 
X 4 HOH 57 357 164 HOH HOH A . 
X 4 HOH 58 358 211 HOH HOH A . 
X 4 HOH 59 359 199 HOH HOH A . 
X 4 HOH 60 360 165 HOH HOH A . 
X 4 HOH 61 361 213 HOH HOH A . 
X 4 HOH 62 362 192 HOH HOH A . 
X 4 HOH 63 363 208 HOH HOH A . 
X 4 HOH 64 364 212 HOH HOH A . 
X 4 HOH 65 365 193 HOH HOH A . 
X 4 HOH 66 366 187 HOH HOH A . 
X 4 HOH 67 367 197 HOH HOH A . 
X 4 HOH 68 368 218 HOH HOH A . 
X 4 HOH 69 369 188 HOH HOH A . 
# 
_pdbx_struct_assembly.id                   1 
_pdbx_struct_assembly.details              author_defined_assembly 
_pdbx_struct_assembly.method_details       ? 
_pdbx_struct_assembly.oligomeric_details   dimeric 
_pdbx_struct_assembly.oligomeric_count     2 
# 
loop_
_pdbx_struct_assembly_gen.assembly_id 
_pdbx_struct_assembly_gen.oper_expression 
_pdbx_struct_assembly_gen.asym_id_list 
1 1 A,B,C,D,E,F,G,H,I,J,K,L,M,N,O,P,Q,R,S,T,U,V,W,X 
1 2 A,B,C,D,E,F,G,H,I,J,K,L,M,N,O,P,Q,R,S,T,U,V,W,X 
# 
loop_
_pdbx_struct_oper_list.id 
_pdbx_struct_oper_list.type 
_pdbx_struct_oper_list.name 
_pdbx_struct_oper_list.symmetry_operation 
_pdbx_struct_oper_list.matrix[1][1] 
_pdbx_struct_oper_list.matrix[1][2] 
_pdbx_struct_oper_list.matrix[1][3] 
_pdbx_struct_oper_list.vector[1] 
_pdbx_struct_oper_list.matrix[2][1] 
_pdbx_struct_oper_list.matrix[2][2] 
_pdbx_struct_oper_list.matrix[2][3] 
_pdbx_struct_oper_list.vector[2] 
_pdbx_struct_oper_list.matrix[3][1] 
_pdbx_struct_oper_list.matrix[3][2] 
_pdbx_struct_oper_list.matrix[3][3] 
_pdbx_struct_oper_list.vector[3] 
1 'identity operation'         1_555 x,y,z          1.0000000000  0.0000000000  0.0000000000 0.0000000000  0.0000000000  1.0000000000 0.0000000000  0.0000000000  0.0000000000 0.0000000000  1.0000000000  0.0000000000  
2 'crystal symmetry operation' 9_555 -x,-x+y,-z+2/3 -0.9510947470 -0.2623679591 0.1630393702 -2.9388316649 -0.2623679591 0.4075573024 -0.8746771401 13.8657571105 0.1630393702 -0.8746771401 -0.4564625553 23.1947332470 
# 
_pdbx_struct_special_symmetry.id              1 
_pdbx_struct_special_symmetry.PDB_model_num   1 
_pdbx_struct_special_symmetry.auth_asym_id    A 
_pdbx_struct_special_symmetry.auth_comp_id    HOH 
_pdbx_struct_special_symmetry.auth_seq_id     369 
_pdbx_struct_special_symmetry.PDB_ins_code    ? 
_pdbx_struct_special_symmetry.label_asym_id   X 
_pdbx_struct_special_symmetry.label_comp_id   HOH 
_pdbx_struct_special_symmetry.label_seq_id    . 
# 
loop_
_pdbx_audit_revision_history.ordinal 
_pdbx_audit_revision_history.data_content_type 
_pdbx_audit_revision_history.major_revision 
_pdbx_audit_revision_history.minor_revision 
_pdbx_audit_revision_history.revision_date 
1 'Structure model' 1 0 2021-08-18 
2 'Structure model' 1 1 2023-11-29 
# 
_pdbx_audit_revision_details.ordinal             1 
_pdbx_audit_revision_details.revision_ordinal    1 
_pdbx_audit_revision_details.data_content_type   'Structure model' 
_pdbx_audit_revision_details.provider            repository 
_pdbx_audit_revision_details.type                'Initial release' 
_pdbx_audit_revision_details.description         ? 
_pdbx_audit_revision_details.details             ? 
# 
loop_
_pdbx_audit_revision_group.ordinal 
_pdbx_audit_revision_group.revision_ordinal 
_pdbx_audit_revision_group.data_content_type 
_pdbx_audit_revision_group.group 
1 2 'Structure model' 'Data collection'        
2 2 'Structure model' 'Refinement description' 
# 
loop_
_pdbx_audit_revision_category.ordinal 
_pdbx_audit_revision_category.revision_ordinal 
_pdbx_audit_revision_category.data_content_type 
_pdbx_audit_revision_category.category 
1 2 'Structure model' chem_comp_atom                
2 2 'Structure model' chem_comp_bond                
3 2 'Structure model' pdbx_initial_refinement_model 
# 
_phasing.method   MR 
# 
loop_
_software.citation_id 
_software.classification 
_software.compiler_name 
_software.compiler_version 
_software.contact_author 
_software.contact_author_email 
_software.date 
_software.description 
_software.dependencies 
_software.hardware 
_software.language 
_software.location 
_software.mods 
_software.name 
_software.os 
_software.os_version 
_software.type 
_software.version 
_software.pdbx_ordinal 
? refinement        ? ? ? ? ? ? ? ? ? ? ? REFMAC      ? ? ? 5.8.0257 1 
? 'data scaling'    ? ? ? ? ? ? ? ? ? ? ? Aimless     ? ? ? 0.7.4    2 
? phasing           ? ? ? ? ? ? ? ? ? ? ? MOLREP      ? ? ? .        3 
? 'data extraction' ? ? ? ? ? ? ? ? ? ? ? PDB_EXTRACT ? ? ? 3.27     4 
? 'data reduction'  ? ? ? ? ? ? ? ? ? ? ? XDS         ? ? ? .        5 
# 
_pdbx_entry_details.entry_id                 7DVI 
_pdbx_entry_details.has_ligand_of_interest   N 
_pdbx_entry_details.compound_details         ? 
_pdbx_entry_details.source_details           ? 
_pdbx_entry_details.nonpolymer_details       ? 
_pdbx_entry_details.sequence_details         ? 
# 
_pdbx_validate_torsion.id              1 
_pdbx_validate_torsion.PDB_model_num   1 
_pdbx_validate_torsion.auth_comp_id    ASP 
_pdbx_validate_torsion.auth_asym_id    A 
_pdbx_validate_torsion.auth_seq_id     120 
_pdbx_validate_torsion.PDB_ins_code    ? 
_pdbx_validate_torsion.label_alt_id    ? 
_pdbx_validate_torsion.phi             58.68 
_pdbx_validate_torsion.psi             18.75 
# 
loop_
_pdbx_unobs_or_zero_occ_residues.id 
_pdbx_unobs_or_zero_occ_residues.PDB_model_num 
_pdbx_unobs_or_zero_occ_residues.polymer_flag 
_pdbx_unobs_or_zero_occ_residues.occupancy_flag 
_pdbx_unobs_or_zero_occ_residues.auth_asym_id 
_pdbx_unobs_or_zero_occ_residues.auth_comp_id 
_pdbx_unobs_or_zero_occ_residues.auth_seq_id 
_pdbx_unobs_or_zero_occ_residues.PDB_ins_code 
_pdbx_unobs_or_zero_occ_residues.label_asym_id 
_pdbx_unobs_or_zero_occ_residues.label_comp_id 
_pdbx_unobs_or_zero_occ_residues.label_seq_id 
1  1 Y 1 A MET -19 ? A MET 1  
2  1 Y 1 A GLY -18 ? A GLY 2  
3  1 Y 1 A SER -17 ? A SER 3  
4  1 Y 1 A SER -16 ? A SER 4  
5  1 Y 1 A HIS -15 ? A HIS 5  
6  1 Y 1 A HIS -14 ? A HIS 6  
7  1 Y 1 A HIS -13 ? A HIS 7  
8  1 Y 1 A HIS -12 ? A HIS 8  
9  1 Y 1 A HIS -11 ? A HIS 9  
10 1 Y 1 A HIS -10 ? A HIS 10 
11 1 Y 1 A SER -9  ? A SER 11 
12 1 Y 1 A SER -8  ? A SER 12 
13 1 Y 1 A GLY -7  ? A GLY 13 
14 1 Y 1 A LEU -6  ? A LEU 14 
15 1 Y 1 A VAL -5  ? A VAL 15 
16 1 Y 1 A PRO -4  ? A PRO 16 
17 1 Y 1 A ARG -3  ? A ARG 17 
# 
loop_
_chem_comp_atom.comp_id 
_chem_comp_atom.atom_id 
_chem_comp_atom.type_symbol 
_chem_comp_atom.pdbx_aromatic_flag 
_chem_comp_atom.pdbx_stereo_config 
_chem_comp_atom.pdbx_ordinal 
ALA N    N N N 1   
ALA CA   C N S 2   
ALA C    C N N 3   
ALA O    O N N 4   
ALA CB   C N N 5   
ALA OXT  O N N 6   
ALA H    H N N 7   
ALA H2   H N N 8   
ALA HA   H N N 9   
ALA HB1  H N N 10  
ALA HB2  H N N 11  
ALA HB3  H N N 12  
ALA HXT  H N N 13  
ARG N    N N N 14  
ARG CA   C N S 15  
ARG C    C N N 16  
ARG O    O N N 17  
ARG CB   C N N 18  
ARG CG   C N N 19  
ARG CD   C N N 20  
ARG NE   N N N 21  
ARG CZ   C N N 22  
ARG NH1  N N N 23  
ARG NH2  N N N 24  
ARG OXT  O N N 25  
ARG H    H N N 26  
ARG H2   H N N 27  
ARG HA   H N N 28  
ARG HB2  H N N 29  
ARG HB3  H N N 30  
ARG HG2  H N N 31  
ARG HG3  H N N 32  
ARG HD2  H N N 33  
ARG HD3  H N N 34  
ARG HE   H N N 35  
ARG HH11 H N N 36  
ARG HH12 H N N 37  
ARG HH21 H N N 38  
ARG HH22 H N N 39  
ARG HXT  H N N 40  
ASN N    N N N 41  
ASN CA   C N S 42  
ASN C    C N N 43  
ASN O    O N N 44  
ASN CB   C N N 45  
ASN CG   C N N 46  
ASN OD1  O N N 47  
ASN ND2  N N N 48  
ASN OXT  O N N 49  
ASN H    H N N 50  
ASN H2   H N N 51  
ASN HA   H N N 52  
ASN HB2  H N N 53  
ASN HB3  H N N 54  
ASN HD21 H N N 55  
ASN HD22 H N N 56  
ASN HXT  H N N 57  
ASP N    N N N 58  
ASP CA   C N S 59  
ASP C    C N N 60  
ASP O    O N N 61  
ASP CB   C N N 62  
ASP CG   C N N 63  
ASP OD1  O N N 64  
ASP OD2  O N N 65  
ASP OXT  O N N 66  
ASP H    H N N 67  
ASP H2   H N N 68  
ASP HA   H N N 69  
ASP HB2  H N N 70  
ASP HB3  H N N 71  
ASP HD2  H N N 72  
ASP HXT  H N N 73  
DMS S    S N N 74  
DMS O    O N N 75  
DMS C1   C N N 76  
DMS C2   C N N 77  
DMS H11  H N N 78  
DMS H12  H N N 79  
DMS H13  H N N 80  
DMS H21  H N N 81  
DMS H22  H N N 82  
DMS H23  H N N 83  
EDO C1   C N N 84  
EDO O1   O N N 85  
EDO C2   C N N 86  
EDO O2   O N N 87  
EDO H11  H N N 88  
EDO H12  H N N 89  
EDO HO1  H N N 90  
EDO H21  H N N 91  
EDO H22  H N N 92  
EDO HO2  H N N 93  
GLN N    N N N 94  
GLN CA   C N S 95  
GLN C    C N N 96  
GLN O    O N N 97  
GLN CB   C N N 98  
GLN CG   C N N 99  
GLN CD   C N N 100 
GLN OE1  O N N 101 
GLN NE2  N N N 102 
GLN OXT  O N N 103 
GLN H    H N N 104 
GLN H2   H N N 105 
GLN HA   H N N 106 
GLN HB2  H N N 107 
GLN HB3  H N N 108 
GLN HG2  H N N 109 
GLN HG3  H N N 110 
GLN HE21 H N N 111 
GLN HE22 H N N 112 
GLN HXT  H N N 113 
GLU N    N N N 114 
GLU CA   C N S 115 
GLU C    C N N 116 
GLU O    O N N 117 
GLU CB   C N N 118 
GLU CG   C N N 119 
GLU CD   C N N 120 
GLU OE1  O N N 121 
GLU OE2  O N N 122 
GLU OXT  O N N 123 
GLU H    H N N 124 
GLU H2   H N N 125 
GLU HA   H N N 126 
GLU HB2  H N N 127 
GLU HB3  H N N 128 
GLU HG2  H N N 129 
GLU HG3  H N N 130 
GLU HE2  H N N 131 
GLU HXT  H N N 132 
GLY N    N N N 133 
GLY CA   C N N 134 
GLY C    C N N 135 
GLY O    O N N 136 
GLY OXT  O N N 137 
GLY H    H N N 138 
GLY H2   H N N 139 
GLY HA2  H N N 140 
GLY HA3  H N N 141 
GLY HXT  H N N 142 
HIS N    N N N 143 
HIS CA   C N S 144 
HIS C    C N N 145 
HIS O    O N N 146 
HIS CB   C N N 147 
HIS CG   C Y N 148 
HIS ND1  N Y N 149 
HIS CD2  C Y N 150 
HIS CE1  C Y N 151 
HIS NE2  N Y N 152 
HIS OXT  O N N 153 
HIS H    H N N 154 
HIS H2   H N N 155 
HIS HA   H N N 156 
HIS HB2  H N N 157 
HIS HB3  H N N 158 
HIS HD1  H N N 159 
HIS HD2  H N N 160 
HIS HE1  H N N 161 
HIS HE2  H N N 162 
HIS HXT  H N N 163 
HOH O    O N N 164 
HOH H1   H N N 165 
HOH H2   H N N 166 
ILE N    N N N 167 
ILE CA   C N S 168 
ILE C    C N N 169 
ILE O    O N N 170 
ILE CB   C N S 171 
ILE CG1  C N N 172 
ILE CG2  C N N 173 
ILE CD1  C N N 174 
ILE OXT  O N N 175 
ILE H    H N N 176 
ILE H2   H N N 177 
ILE HA   H N N 178 
ILE HB   H N N 179 
ILE HG12 H N N 180 
ILE HG13 H N N 181 
ILE HG21 H N N 182 
ILE HG22 H N N 183 
ILE HG23 H N N 184 
ILE HD11 H N N 185 
ILE HD12 H N N 186 
ILE HD13 H N N 187 
ILE HXT  H N N 188 
LEU N    N N N 189 
LEU CA   C N S 190 
LEU C    C N N 191 
LEU O    O N N 192 
LEU CB   C N N 193 
LEU CG   C N N 194 
LEU CD1  C N N 195 
LEU CD2  C N N 196 
LEU OXT  O N N 197 
LEU H    H N N 198 
LEU H2   H N N 199 
LEU HA   H N N 200 
LEU HB2  H N N 201 
LEU HB3  H N N 202 
LEU HG   H N N 203 
LEU HD11 H N N 204 
LEU HD12 H N N 205 
LEU HD13 H N N 206 
LEU HD21 H N N 207 
LEU HD22 H N N 208 
LEU HD23 H N N 209 
LEU HXT  H N N 210 
LYS N    N N N 211 
LYS CA   C N S 212 
LYS C    C N N 213 
LYS O    O N N 214 
LYS CB   C N N 215 
LYS CG   C N N 216 
LYS CD   C N N 217 
LYS CE   C N N 218 
LYS NZ   N N N 219 
LYS OXT  O N N 220 
LYS H    H N N 221 
LYS H2   H N N 222 
LYS HA   H N N 223 
LYS HB2  H N N 224 
LYS HB3  H N N 225 
LYS HG2  H N N 226 
LYS HG3  H N N 227 
LYS HD2  H N N 228 
LYS HD3  H N N 229 
LYS HE2  H N N 230 
LYS HE3  H N N 231 
LYS HZ1  H N N 232 
LYS HZ2  H N N 233 
LYS HZ3  H N N 234 
LYS HXT  H N N 235 
MET N    N N N 236 
MET CA   C N S 237 
MET C    C N N 238 
MET O    O N N 239 
MET CB   C N N 240 
MET CG   C N N 241 
MET SD   S N N 242 
MET CE   C N N 243 
MET OXT  O N N 244 
MET H    H N N 245 
MET H2   H N N 246 
MET HA   H N N 247 
MET HB2  H N N 248 
MET HB3  H N N 249 
MET HG2  H N N 250 
MET HG3  H N N 251 
MET HE1  H N N 252 
MET HE2  H N N 253 
MET HE3  H N N 254 
MET HXT  H N N 255 
PHE N    N N N 256 
PHE CA   C N S 257 
PHE C    C N N 258 
PHE O    O N N 259 
PHE CB   C N N 260 
PHE CG   C Y N 261 
PHE CD1  C Y N 262 
PHE CD2  C Y N 263 
PHE CE1  C Y N 264 
PHE CE2  C Y N 265 
PHE CZ   C Y N 266 
PHE OXT  O N N 267 
PHE H    H N N 268 
PHE H2   H N N 269 
PHE HA   H N N 270 
PHE HB2  H N N 271 
PHE HB3  H N N 272 
PHE HD1  H N N 273 
PHE HD2  H N N 274 
PHE HE1  H N N 275 
PHE HE2  H N N 276 
PHE HZ   H N N 277 
PHE HXT  H N N 278 
PRO N    N N N 279 
PRO CA   C N S 280 
PRO C    C N N 281 
PRO O    O N N 282 
PRO CB   C N N 283 
PRO CG   C N N 284 
PRO CD   C N N 285 
PRO OXT  O N N 286 
PRO H    H N N 287 
PRO HA   H N N 288 
PRO HB2  H N N 289 
PRO HB3  H N N 290 
PRO HG2  H N N 291 
PRO HG3  H N N 292 
PRO HD2  H N N 293 
PRO HD3  H N N 294 
PRO HXT  H N N 295 
SER N    N N N 296 
SER CA   C N S 297 
SER C    C N N 298 
SER O    O N N 299 
SER CB   C N N 300 
SER OG   O N N 301 
SER OXT  O N N 302 
SER H    H N N 303 
SER H2   H N N 304 
SER HA   H N N 305 
SER HB2  H N N 306 
SER HB3  H N N 307 
SER HG   H N N 308 
SER HXT  H N N 309 
THR N    N N N 310 
THR CA   C N S 311 
THR C    C N N 312 
THR O    O N N 313 
THR CB   C N R 314 
THR OG1  O N N 315 
THR CG2  C N N 316 
THR OXT  O N N 317 
THR H    H N N 318 
THR H2   H N N 319 
THR HA   H N N 320 
THR HB   H N N 321 
THR HG1  H N N 322 
THR HG21 H N N 323 
THR HG22 H N N 324 
THR HG23 H N N 325 
THR HXT  H N N 326 
TRP N    N N N 327 
TRP CA   C N S 328 
TRP C    C N N 329 
TRP O    O N N 330 
TRP CB   C N N 331 
TRP CG   C Y N 332 
TRP CD1  C Y N 333 
TRP CD2  C Y N 334 
TRP NE1  N Y N 335 
TRP CE2  C Y N 336 
TRP CE3  C Y N 337 
TRP CZ2  C Y N 338 
TRP CZ3  C Y N 339 
TRP CH2  C Y N 340 
TRP OXT  O N N 341 
TRP H    H N N 342 
TRP H2   H N N 343 
TRP HA   H N N 344 
TRP HB2  H N N 345 
TRP HB3  H N N 346 
TRP HD1  H N N 347 
TRP HE1  H N N 348 
TRP HE3  H N N 349 
TRP HZ2  H N N 350 
TRP HZ3  H N N 351 
TRP HH2  H N N 352 
TRP HXT  H N N 353 
TYR N    N N N 354 
TYR CA   C N S 355 
TYR C    C N N 356 
TYR O    O N N 357 
TYR CB   C N N 358 
TYR CG   C Y N 359 
TYR CD1  C Y N 360 
TYR CD2  C Y N 361 
TYR CE1  C Y N 362 
TYR CE2  C Y N 363 
TYR CZ   C Y N 364 
TYR OH   O N N 365 
TYR OXT  O N N 366 
TYR H    H N N 367 
TYR H2   H N N 368 
TYR HA   H N N 369 
TYR HB2  H N N 370 
TYR HB3  H N N 371 
TYR HD1  H N N 372 
TYR HD2  H N N 373 
TYR HE1  H N N 374 
TYR HE2  H N N 375 
TYR HH   H N N 376 
TYR HXT  H N N 377 
VAL N    N N N 378 
VAL CA   C N S 379 
VAL C    C N N 380 
VAL O    O N N 381 
VAL CB   C N N 382 
VAL CG1  C N N 383 
VAL CG2  C N N 384 
VAL OXT  O N N 385 
VAL H    H N N 386 
VAL H2   H N N 387 
VAL HA   H N N 388 
VAL HB   H N N 389 
VAL HG11 H N N 390 
VAL HG12 H N N 391 
VAL HG13 H N N 392 
VAL HG21 H N N 393 
VAL HG22 H N N 394 
VAL HG23 H N N 395 
VAL HXT  H N N 396 
# 
loop_
_chem_comp_bond.comp_id 
_chem_comp_bond.atom_id_1 
_chem_comp_bond.atom_id_2 
_chem_comp_bond.value_order 
_chem_comp_bond.pdbx_aromatic_flag 
_chem_comp_bond.pdbx_stereo_config 
_chem_comp_bond.pdbx_ordinal 
ALA N   CA   sing N N 1   
ALA N   H    sing N N 2   
ALA N   H2   sing N N 3   
ALA CA  C    sing N N 4   
ALA CA  CB   sing N N 5   
ALA CA  HA   sing N N 6   
ALA C   O    doub N N 7   
ALA C   OXT  sing N N 8   
ALA CB  HB1  sing N N 9   
ALA CB  HB2  sing N N 10  
ALA CB  HB3  sing N N 11  
ALA OXT HXT  sing N N 12  
ARG N   CA   sing N N 13  
ARG N   H    sing N N 14  
ARG N   H2   sing N N 15  
ARG CA  C    sing N N 16  
ARG CA  CB   sing N N 17  
ARG CA  HA   sing N N 18  
ARG C   O    doub N N 19  
ARG C   OXT  sing N N 20  
ARG CB  CG   sing N N 21  
ARG CB  HB2  sing N N 22  
ARG CB  HB3  sing N N 23  
ARG CG  CD   sing N N 24  
ARG CG  HG2  sing N N 25  
ARG CG  HG3  sing N N 26  
ARG CD  NE   sing N N 27  
ARG CD  HD2  sing N N 28  
ARG CD  HD3  sing N N 29  
ARG NE  CZ   sing N N 30  
ARG NE  HE   sing N N 31  
ARG CZ  NH1  sing N N 32  
ARG CZ  NH2  doub N N 33  
ARG NH1 HH11 sing N N 34  
ARG NH1 HH12 sing N N 35  
ARG NH2 HH21 sing N N 36  
ARG NH2 HH22 sing N N 37  
ARG OXT HXT  sing N N 38  
ASN N   CA   sing N N 39  
ASN N   H    sing N N 40  
ASN N   H2   sing N N 41  
ASN CA  C    sing N N 42  
ASN CA  CB   sing N N 43  
ASN CA  HA   sing N N 44  
ASN C   O    doub N N 45  
ASN C   OXT  sing N N 46  
ASN CB  CG   sing N N 47  
ASN CB  HB2  sing N N 48  
ASN CB  HB3  sing N N 49  
ASN CG  OD1  doub N N 50  
ASN CG  ND2  sing N N 51  
ASN ND2 HD21 sing N N 52  
ASN ND2 HD22 sing N N 53  
ASN OXT HXT  sing N N 54  
ASP N   CA   sing N N 55  
ASP N   H    sing N N 56  
ASP N   H2   sing N N 57  
ASP CA  C    sing N N 58  
ASP CA  CB   sing N N 59  
ASP CA  HA   sing N N 60  
ASP C   O    doub N N 61  
ASP C   OXT  sing N N 62  
ASP CB  CG   sing N N 63  
ASP CB  HB2  sing N N 64  
ASP CB  HB3  sing N N 65  
ASP CG  OD1  doub N N 66  
ASP CG  OD2  sing N N 67  
ASP OD2 HD2  sing N N 68  
ASP OXT HXT  sing N N 69  
DMS S   O    doub N N 70  
DMS S   C1   sing N N 71  
DMS S   C2   sing N N 72  
DMS C1  H11  sing N N 73  
DMS C1  H12  sing N N 74  
DMS C1  H13  sing N N 75  
DMS C2  H21  sing N N 76  
DMS C2  H22  sing N N 77  
DMS C2  H23  sing N N 78  
EDO C1  O1   sing N N 79  
EDO C1  C2   sing N N 80  
EDO C1  H11  sing N N 81  
EDO C1  H12  sing N N 82  
EDO O1  HO1  sing N N 83  
EDO C2  O2   sing N N 84  
EDO C2  H21  sing N N 85  
EDO C2  H22  sing N N 86  
EDO O2  HO2  sing N N 87  
GLN N   CA   sing N N 88  
GLN N   H    sing N N 89  
GLN N   H2   sing N N 90  
GLN CA  C    sing N N 91  
GLN CA  CB   sing N N 92  
GLN CA  HA   sing N N 93  
GLN C   O    doub N N 94  
GLN C   OXT  sing N N 95  
GLN CB  CG   sing N N 96  
GLN CB  HB2  sing N N 97  
GLN CB  HB3  sing N N 98  
GLN CG  CD   sing N N 99  
GLN CG  HG2  sing N N 100 
GLN CG  HG3  sing N N 101 
GLN CD  OE1  doub N N 102 
GLN CD  NE2  sing N N 103 
GLN NE2 HE21 sing N N 104 
GLN NE2 HE22 sing N N 105 
GLN OXT HXT  sing N N 106 
GLU N   CA   sing N N 107 
GLU N   H    sing N N 108 
GLU N   H2   sing N N 109 
GLU CA  C    sing N N 110 
GLU CA  CB   sing N N 111 
GLU CA  HA   sing N N 112 
GLU C   O    doub N N 113 
GLU C   OXT  sing N N 114 
GLU CB  CG   sing N N 115 
GLU CB  HB2  sing N N 116 
GLU CB  HB3  sing N N 117 
GLU CG  CD   sing N N 118 
GLU CG  HG2  sing N N 119 
GLU CG  HG3  sing N N 120 
GLU CD  OE1  doub N N 121 
GLU CD  OE2  sing N N 122 
GLU OE2 HE2  sing N N 123 
GLU OXT HXT  sing N N 124 
GLY N   CA   sing N N 125 
GLY N   H    sing N N 126 
GLY N   H2   sing N N 127 
GLY CA  C    sing N N 128 
GLY CA  HA2  sing N N 129 
GLY CA  HA3  sing N N 130 
GLY C   O    doub N N 131 
GLY C   OXT  sing N N 132 
GLY OXT HXT  sing N N 133 
HIS N   CA   sing N N 134 
HIS N   H    sing N N 135 
HIS N   H2   sing N N 136 
HIS CA  C    sing N N 137 
HIS CA  CB   sing N N 138 
HIS CA  HA   sing N N 139 
HIS C   O    doub N N 140 
HIS C   OXT  sing N N 141 
HIS CB  CG   sing N N 142 
HIS CB  HB2  sing N N 143 
HIS CB  HB3  sing N N 144 
HIS CG  ND1  sing Y N 145 
HIS CG  CD2  doub Y N 146 
HIS ND1 CE1  doub Y N 147 
HIS ND1 HD1  sing N N 148 
HIS CD2 NE2  sing Y N 149 
HIS CD2 HD2  sing N N 150 
HIS CE1 NE2  sing Y N 151 
HIS CE1 HE1  sing N N 152 
HIS NE2 HE2  sing N N 153 
HIS OXT HXT  sing N N 154 
HOH O   H1   sing N N 155 
HOH O   H2   sing N N 156 
ILE N   CA   sing N N 157 
ILE N   H    sing N N 158 
ILE N   H2   sing N N 159 
ILE CA  C    sing N N 160 
ILE CA  CB   sing N N 161 
ILE CA  HA   sing N N 162 
ILE C   O    doub N N 163 
ILE C   OXT  sing N N 164 
ILE CB  CG1  sing N N 165 
ILE CB  CG2  sing N N 166 
ILE CB  HB   sing N N 167 
ILE CG1 CD1  sing N N 168 
ILE CG1 HG12 sing N N 169 
ILE CG1 HG13 sing N N 170 
ILE CG2 HG21 sing N N 171 
ILE CG2 HG22 sing N N 172 
ILE CG2 HG23 sing N N 173 
ILE CD1 HD11 sing N N 174 
ILE CD1 HD12 sing N N 175 
ILE CD1 HD13 sing N N 176 
ILE OXT HXT  sing N N 177 
LEU N   CA   sing N N 178 
LEU N   H    sing N N 179 
LEU N   H2   sing N N 180 
LEU CA  C    sing N N 181 
LEU CA  CB   sing N N 182 
LEU CA  HA   sing N N 183 
LEU C   O    doub N N 184 
LEU C   OXT  sing N N 185 
LEU CB  CG   sing N N 186 
LEU CB  HB2  sing N N 187 
LEU CB  HB3  sing N N 188 
LEU CG  CD1  sing N N 189 
LEU CG  CD2  sing N N 190 
LEU CG  HG   sing N N 191 
LEU CD1 HD11 sing N N 192 
LEU CD1 HD12 sing N N 193 
LEU CD1 HD13 sing N N 194 
LEU CD2 HD21 sing N N 195 
LEU CD2 HD22 sing N N 196 
LEU CD2 HD23 sing N N 197 
LEU OXT HXT  sing N N 198 
LYS N   CA   sing N N 199 
LYS N   H    sing N N 200 
LYS N   H2   sing N N 201 
LYS CA  C    sing N N 202 
LYS CA  CB   sing N N 203 
LYS CA  HA   sing N N 204 
LYS C   O    doub N N 205 
LYS C   OXT  sing N N 206 
LYS CB  CG   sing N N 207 
LYS CB  HB2  sing N N 208 
LYS CB  HB3  sing N N 209 
LYS CG  CD   sing N N 210 
LYS CG  HG2  sing N N 211 
LYS CG  HG3  sing N N 212 
LYS CD  CE   sing N N 213 
LYS CD  HD2  sing N N 214 
LYS CD  HD3  sing N N 215 
LYS CE  NZ   sing N N 216 
LYS CE  HE2  sing N N 217 
LYS CE  HE3  sing N N 218 
LYS NZ  HZ1  sing N N 219 
LYS NZ  HZ2  sing N N 220 
LYS NZ  HZ3  sing N N 221 
LYS OXT HXT  sing N N 222 
MET N   CA   sing N N 223 
MET N   H    sing N N 224 
MET N   H2   sing N N 225 
MET CA  C    sing N N 226 
MET CA  CB   sing N N 227 
MET CA  HA   sing N N 228 
MET C   O    doub N N 229 
MET C   OXT  sing N N 230 
MET CB  CG   sing N N 231 
MET CB  HB2  sing N N 232 
MET CB  HB3  sing N N 233 
MET CG  SD   sing N N 234 
MET CG  HG2  sing N N 235 
MET CG  HG3  sing N N 236 
MET SD  CE   sing N N 237 
MET CE  HE1  sing N N 238 
MET CE  HE2  sing N N 239 
MET CE  HE3  sing N N 240 
MET OXT HXT  sing N N 241 
PHE N   CA   sing N N 242 
PHE N   H    sing N N 243 
PHE N   H2   sing N N 244 
PHE CA  C    sing N N 245 
PHE CA  CB   sing N N 246 
PHE CA  HA   sing N N 247 
PHE C   O    doub N N 248 
PHE C   OXT  sing N N 249 
PHE CB  CG   sing N N 250 
PHE CB  HB2  sing N N 251 
PHE CB  HB3  sing N N 252 
PHE CG  CD1  doub Y N 253 
PHE CG  CD2  sing Y N 254 
PHE CD1 CE1  sing Y N 255 
PHE CD1 HD1  sing N N 256 
PHE CD2 CE2  doub Y N 257 
PHE CD2 HD2  sing N N 258 
PHE CE1 CZ   doub Y N 259 
PHE CE1 HE1  sing N N 260 
PHE CE2 CZ   sing Y N 261 
PHE CE2 HE2  sing N N 262 
PHE CZ  HZ   sing N N 263 
PHE OXT HXT  sing N N 264 
PRO N   CA   sing N N 265 
PRO N   CD   sing N N 266 
PRO N   H    sing N N 267 
PRO CA  C    sing N N 268 
PRO CA  CB   sing N N 269 
PRO CA  HA   sing N N 270 
PRO C   O    doub N N 271 
PRO C   OXT  sing N N 272 
PRO CB  CG   sing N N 273 
PRO CB  HB2  sing N N 274 
PRO CB  HB3  sing N N 275 
PRO CG  CD   sing N N 276 
PRO CG  HG2  sing N N 277 
PRO CG  HG3  sing N N 278 
PRO CD  HD2  sing N N 279 
PRO CD  HD3  sing N N 280 
PRO OXT HXT  sing N N 281 
SER N   CA   sing N N 282 
SER N   H    sing N N 283 
SER N   H2   sing N N 284 
SER CA  C    sing N N 285 
SER CA  CB   sing N N 286 
SER CA  HA   sing N N 287 
SER C   O    doub N N 288 
SER C   OXT  sing N N 289 
SER CB  OG   sing N N 290 
SER CB  HB2  sing N N 291 
SER CB  HB3  sing N N 292 
SER OG  HG   sing N N 293 
SER OXT HXT  sing N N 294 
THR N   CA   sing N N 295 
THR N   H    sing N N 296 
THR N   H2   sing N N 297 
THR CA  C    sing N N 298 
THR CA  CB   sing N N 299 
THR CA  HA   sing N N 300 
THR C   O    doub N N 301 
THR C   OXT  sing N N 302 
THR CB  OG1  sing N N 303 
THR CB  CG2  sing N N 304 
THR CB  HB   sing N N 305 
THR OG1 HG1  sing N N 306 
THR CG2 HG21 sing N N 307 
THR CG2 HG22 sing N N 308 
THR CG2 HG23 sing N N 309 
THR OXT HXT  sing N N 310 
TRP N   CA   sing N N 311 
TRP N   H    sing N N 312 
TRP N   H2   sing N N 313 
TRP CA  C    sing N N 314 
TRP CA  CB   sing N N 315 
TRP CA  HA   sing N N 316 
TRP C   O    doub N N 317 
TRP C   OXT  sing N N 318 
TRP CB  CG   sing N N 319 
TRP CB  HB2  sing N N 320 
TRP CB  HB3  sing N N 321 
TRP CG  CD1  doub Y N 322 
TRP CG  CD2  sing Y N 323 
TRP CD1 NE1  sing Y N 324 
TRP CD1 HD1  sing N N 325 
TRP CD2 CE2  doub Y N 326 
TRP CD2 CE3  sing Y N 327 
TRP NE1 CE2  sing Y N 328 
TRP NE1 HE1  sing N N 329 
TRP CE2 CZ2  sing Y N 330 
TRP CE3 CZ3  doub Y N 331 
TRP CE3 HE3  sing N N 332 
TRP CZ2 CH2  doub Y N 333 
TRP CZ2 HZ2  sing N N 334 
TRP CZ3 CH2  sing Y N 335 
TRP CZ3 HZ3  sing N N 336 
TRP CH2 HH2  sing N N 337 
TRP OXT HXT  sing N N 338 
TYR N   CA   sing N N 339 
TYR N   H    sing N N 340 
TYR N   H2   sing N N 341 
TYR CA  C    sing N N 342 
TYR CA  CB   sing N N 343 
TYR CA  HA   sing N N 344 
TYR C   O    doub N N 345 
TYR C   OXT  sing N N 346 
TYR CB  CG   sing N N 347 
TYR CB  HB2  sing N N 348 
TYR CB  HB3  sing N N 349 
TYR CG  CD1  doub Y N 350 
TYR CG  CD2  sing Y N 351 
TYR CD1 CE1  sing Y N 352 
TYR CD1 HD1  sing N N 353 
TYR CD2 CE2  doub Y N 354 
TYR CD2 HD2  sing N N 355 
TYR CE1 CZ   doub Y N 356 
TYR CE1 HE1  sing N N 357 
TYR CE2 CZ   sing Y N 358 
TYR CE2 HE2  sing N N 359 
TYR CZ  OH   sing N N 360 
TYR OH  HH   sing N N 361 
TYR OXT HXT  sing N N 362 
VAL N   CA   sing N N 363 
VAL N   H    sing N N 364 
VAL N   H2   sing N N 365 
VAL CA  C    sing N N 366 
VAL CA  CB   sing N N 367 
VAL CA  HA   sing N N 368 
VAL C   O    doub N N 369 
VAL C   OXT  sing N N 370 
VAL CB  CG1  sing N N 371 
VAL CB  CG2  sing N N 372 
VAL CB  HB   sing N N 373 
VAL CG1 HG11 sing N N 374 
VAL CG1 HG12 sing N N 375 
VAL CG1 HG13 sing N N 376 
VAL CG2 HG21 sing N N 377 
VAL CG2 HG22 sing N N 378 
VAL CG2 HG23 sing N N 379 
VAL OXT HXT  sing N N 380 
# 
loop_
_pdbx_audit_support.funding_organization 
_pdbx_audit_support.country 
_pdbx_audit_support.grant_number 
_pdbx_audit_support.ordinal 
'Council of Scientific & Industrial Research (CSIR)' India 33/2018/MD-FTT&FTC-ANB 1 
'Science and Engineering Research Board (SERB)'      India EMR/2015/000461        2 
'Science and Engineering Research Board (SERB)'      India CRG/2019/006013        3 
# 
loop_
_pdbx_entity_nonpoly.entity_id 
_pdbx_entity_nonpoly.name 
_pdbx_entity_nonpoly.comp_id 
2 1,2-ETHANEDIOL       EDO 
3 'DIMETHYL SULFOXIDE' DMS 
4 water                HOH 
# 
_pdbx_initial_refinement_model.id               1 
_pdbx_initial_refinement_model.entity_id_list   ? 
_pdbx_initial_refinement_model.type             'experimental model' 
_pdbx_initial_refinement_model.source_name      PDB 
_pdbx_initial_refinement_model.accession_code   5DYV 
_pdbx_initial_refinement_model.details          ? 
# 
_pdbx_struct_assembly_auth_evidence.id                     1 
_pdbx_struct_assembly_auth_evidence.assembly_id            1 
_pdbx_struct_assembly_auth_evidence.experimental_support   'gel filtration' 
_pdbx_struct_assembly_auth_evidence.details                'Size exclusion Chromatography' 
# 
